data_3D3R
# 
_entry.id   3D3R 
# 
_audit_conform.dict_name       mmcif_pdbx.dic 
_audit_conform.dict_version    5.398 
_audit_conform.dict_location   http://mmcif.pdb.org/dictionaries/ascii/mmcif_pdbx.dic 
# 
loop_
_database_2.database_id 
_database_2.database_code 
_database_2.pdbx_database_accession 
_database_2.pdbx_DOI 
PDB   3D3R         pdb_00003d3r 10.2210/pdb3d3r/pdb 
RCSB  RCSB047554   ?            ?                   
WWPDB D_1000047554 ?            ?                   
# 
loop_
_pdbx_audit_revision_history.ordinal 
_pdbx_audit_revision_history.data_content_type 
_pdbx_audit_revision_history.major_revision 
_pdbx_audit_revision_history.minor_revision 
_pdbx_audit_revision_history.revision_date 
1 'Structure model' 1 0 2008-05-27 
2 'Structure model' 1 1 2011-07-13 
3 'Structure model' 1 2 2024-10-30 
# 
_pdbx_audit_revision_details.ordinal             1 
_pdbx_audit_revision_details.revision_ordinal    1 
_pdbx_audit_revision_details.data_content_type   'Structure model' 
_pdbx_audit_revision_details.provider            repository 
_pdbx_audit_revision_details.type                'Initial release' 
_pdbx_audit_revision_details.description         ? 
_pdbx_audit_revision_details.details             ? 
# 
loop_
_pdbx_audit_revision_group.ordinal 
_pdbx_audit_revision_group.revision_ordinal 
_pdbx_audit_revision_group.data_content_type 
_pdbx_audit_revision_group.group 
1 2 'Structure model' Advisory                    
2 2 'Structure model' 'Source and taxonomy'       
3 2 'Structure model' 'Version format compliance' 
4 3 'Structure model' 'Data collection'           
5 3 'Structure model' 'Database references'       
6 3 'Structure model' 'Derived calculations'      
7 3 'Structure model' 'Structure summary'         
# 
loop_
_pdbx_audit_revision_category.ordinal 
_pdbx_audit_revision_category.revision_ordinal 
_pdbx_audit_revision_category.data_content_type 
_pdbx_audit_revision_category.category 
1 3 'Structure model' chem_comp_atom            
2 3 'Structure model' chem_comp_bond            
3 3 'Structure model' database_2                
4 3 'Structure model' pdbx_entry_details        
5 3 'Structure model' pdbx_modification_feature 
6 3 'Structure model' struct_conn               
7 3 'Structure model' struct_ref_seq_dif        
# 
loop_
_pdbx_audit_revision_item.ordinal 
_pdbx_audit_revision_item.revision_ordinal 
_pdbx_audit_revision_item.data_content_type 
_pdbx_audit_revision_item.item 
1 3 'Structure model' '_database_2.pdbx_DOI'                
2 3 'Structure model' '_database_2.pdbx_database_accession' 
3 3 'Structure model' '_struct_conn.pdbx_leaving_atom_flag' 
4 3 'Structure model' '_struct_ref_seq_dif.details'         
# 
_pdbx_database_status.status_code                     REL 
_pdbx_database_status.entry_id                        3D3R 
_pdbx_database_status.recvd_initial_deposition_date   2008-05-12 
_pdbx_database_status.deposit_site                    RCSB 
_pdbx_database_status.process_site                    RCSB 
_pdbx_database_status.status_code_sf                  REL 
_pdbx_database_status.status_code_mr                  ? 
_pdbx_database_status.SG_entry                        Y 
_pdbx_database_status.pdb_format_compatible           Y 
_pdbx_database_status.status_code_cs                  ? 
_pdbx_database_status.status_code_nmr_data            ? 
_pdbx_database_status.methods_development_category    ? 
# 
_pdbx_database_related.db_name        TargetDB 
_pdbx_database_related.db_id          APC7647 
_pdbx_database_related.details        . 
_pdbx_database_related.content_type   unspecified 
# 
loop_
_audit_author.name 
_audit_author.pdbx_ordinal 
'Kim, Y.'                                       1 
'Skarina, T.'                                   2 
'Onopriyenko, O.'                               3 
'Edwards, A.M.'                                 4 
'Savchenko, A.'                                 5 
'Joachimiak, A.'                                6 
'Midwest Center for Structural Genomics (MCSG)' 7 
# 
_citation.id                        primary 
_citation.title                     
'Crystal Structure of the Hydrogenase Assembly Chaperone HypC/HupF Family Protein from Shewanella oneidensis MR-1.' 
_citation.journal_abbrev            'To be Published' 
_citation.journal_volume            ? 
_citation.page_first                ? 
_citation.page_last                 ? 
_citation.year                      ? 
_citation.journal_id_ASTM           ? 
_citation.country                   ? 
_citation.journal_id_ISSN           ? 
_citation.journal_id_CSD            0353 
_citation.book_publisher            ? 
_citation.pdbx_database_id_PubMed   ? 
_citation.pdbx_database_id_DOI      ? 
# 
loop_
_citation_author.citation_id 
_citation_author.name 
_citation_author.ordinal 
_citation_author.identifier_ORCID 
primary 'Kim, Y.'         1 ? 
primary 'Skarina, T.'     2 ? 
primary 'Onopriyenko, O.' 3 ? 
primary 'Edwards, A.M.'   4 ? 
primary 'Savchenko, A.'   5 ? 
primary 'Joachimiak, A.'  6 ? 
# 
loop_
_entity.id 
_entity.type 
_entity.src_method 
_entity.pdbx_description 
_entity.formula_weight 
_entity.pdbx_number_of_molecules 
_entity.pdbx_ec 
_entity.pdbx_mutation 
_entity.pdbx_fragment 
_entity.details 
1 polymer man 'Hydrogenase assembly chaperone hypC/hupF' 11731.484 2  ? ? ? ? 
2 water   nat water                                      18.015    86 ? ? ? ? 
# 
_entity_poly.entity_id                      1 
_entity_poly.type                           'polypeptide(L)' 
_entity_poly.nstd_linkage                   no 
_entity_poly.nstd_monomer                   yes 
_entity_poly.pdbx_seq_one_letter_code       
;(MSE)GSSHHHHHHSSGRENLYFQG(MSE)CLSIPSQVVAVDNERQSVTVDTLGVRRDVSSHL(MSE)TEPLAIGDYVLI
HIGFV(MSE)NKIDRNDALQSLELYQEIVSKLENETTGS
;
_entity_poly.pdbx_seq_one_letter_code_can   
;MGSSHHHHHHSSGRENLYFQGMCLSIPSQVVAVDNERQSVTVDTLGVRRDVSSHLMTEPLAIGDYVLIHIGFVMNKIDRN
DALQSLELYQEIVSKLENETTGS
;
_entity_poly.pdbx_strand_id                 A,B 
_entity_poly.pdbx_target_identifier         APC7647 
# 
_pdbx_entity_nonpoly.entity_id   2 
_pdbx_entity_nonpoly.name        water 
_pdbx_entity_nonpoly.comp_id     HOH 
# 
loop_
_entity_poly_seq.entity_id 
_entity_poly_seq.num 
_entity_poly_seq.mon_id 
_entity_poly_seq.hetero 
1 1   MSE n 
1 2   GLY n 
1 3   SER n 
1 4   SER n 
1 5   HIS n 
1 6   HIS n 
1 7   HIS n 
1 8   HIS n 
1 9   HIS n 
1 10  HIS n 
1 11  SER n 
1 12  SER n 
1 13  GLY n 
1 14  ARG n 
1 15  GLU n 
1 16  ASN n 
1 17  LEU n 
1 18  TYR n 
1 19  PHE n 
1 20  GLN n 
1 21  GLY n 
1 22  MSE n 
1 23  CYS n 
1 24  LEU n 
1 25  SER n 
1 26  ILE n 
1 27  PRO n 
1 28  SER n 
1 29  GLN n 
1 30  VAL n 
1 31  VAL n 
1 32  ALA n 
1 33  VAL n 
1 34  ASP n 
1 35  ASN n 
1 36  GLU n 
1 37  ARG n 
1 38  GLN n 
1 39  SER n 
1 40  VAL n 
1 41  THR n 
1 42  VAL n 
1 43  ASP n 
1 44  THR n 
1 45  LEU n 
1 46  GLY n 
1 47  VAL n 
1 48  ARG n 
1 49  ARG n 
1 50  ASP n 
1 51  VAL n 
1 52  SER n 
1 53  SER n 
1 54  HIS n 
1 55  LEU n 
1 56  MSE n 
1 57  THR n 
1 58  GLU n 
1 59  PRO n 
1 60  LEU n 
1 61  ALA n 
1 62  ILE n 
1 63  GLY n 
1 64  ASP n 
1 65  TYR n 
1 66  VAL n 
1 67  LEU n 
1 68  ILE n 
1 69  HIS n 
1 70  ILE n 
1 71  GLY n 
1 72  PHE n 
1 73  VAL n 
1 74  MSE n 
1 75  ASN n 
1 76  LYS n 
1 77  ILE n 
1 78  ASP n 
1 79  ARG n 
1 80  ASN n 
1 81  ASP n 
1 82  ALA n 
1 83  LEU n 
1 84  GLN n 
1 85  SER n 
1 86  LEU n 
1 87  GLU n 
1 88  LEU n 
1 89  TYR n 
1 90  GLN n 
1 91  GLU n 
1 92  ILE n 
1 93  VAL n 
1 94  SER n 
1 95  LYS n 
1 96  LEU n 
1 97  GLU n 
1 98  ASN n 
1 99  GLU n 
1 100 THR n 
1 101 THR n 
1 102 GLY n 
1 103 SER n 
# 
_entity_src_gen.entity_id                          1 
_entity_src_gen.pdbx_src_id                        1 
_entity_src_gen.pdbx_alt_source_flag               sample 
_entity_src_gen.pdbx_seq_type                      ? 
_entity_src_gen.pdbx_beg_seq_num                   ? 
_entity_src_gen.pdbx_end_seq_num                   ? 
_entity_src_gen.gene_src_common_name               ? 
_entity_src_gen.gene_src_genus                     ? 
_entity_src_gen.pdbx_gene_src_gene                 'hypC, SO_2092' 
_entity_src_gen.gene_src_species                   ? 
_entity_src_gen.gene_src_strain                    MR-1 
_entity_src_gen.gene_src_tissue                    ? 
_entity_src_gen.gene_src_tissue_fraction           ? 
_entity_src_gen.gene_src_details                   'N-term 6-His-tag with TEV protease cleavage site' 
_entity_src_gen.pdbx_gene_src_fragment             ? 
_entity_src_gen.pdbx_gene_src_scientific_name      'Shewanella oneidensis' 
_entity_src_gen.pdbx_gene_src_ncbi_taxonomy_id     211586 
_entity_src_gen.pdbx_gene_src_variant              ? 
_entity_src_gen.pdbx_gene_src_cell_line            ? 
_entity_src_gen.pdbx_gene_src_atcc                 ? 
_entity_src_gen.pdbx_gene_src_organ                ? 
_entity_src_gen.pdbx_gene_src_organelle            ? 
_entity_src_gen.pdbx_gene_src_cell                 ? 
_entity_src_gen.pdbx_gene_src_cellular_location    ? 
_entity_src_gen.host_org_common_name               ? 
_entity_src_gen.pdbx_host_org_scientific_name      'Escherichia coli' 
_entity_src_gen.pdbx_host_org_ncbi_taxonomy_id     ? 
_entity_src_gen.host_org_genus                     ? 
_entity_src_gen.pdbx_host_org_gene                 ? 
_entity_src_gen.pdbx_host_org_organ                ? 
_entity_src_gen.host_org_species                   ? 
_entity_src_gen.pdbx_host_org_tissue               ? 
_entity_src_gen.pdbx_host_org_tissue_fraction      ? 
_entity_src_gen.pdbx_host_org_strain               'BL21(DE3)' 
_entity_src_gen.pdbx_host_org_variant              ? 
_entity_src_gen.pdbx_host_org_cell_line            ? 
_entity_src_gen.pdbx_host_org_atcc                 ? 
_entity_src_gen.pdbx_host_org_culture_collection   ? 
_entity_src_gen.pdbx_host_org_cell                 ? 
_entity_src_gen.pdbx_host_org_organelle            ? 
_entity_src_gen.pdbx_host_org_cellular_location    ? 
_entity_src_gen.pdbx_host_org_vector_type          Plasmid 
_entity_src_gen.pdbx_host_org_vector               ? 
_entity_src_gen.host_org_details                   ? 
_entity_src_gen.expression_system_id               ? 
_entity_src_gen.plasmid_name                       p11 
_entity_src_gen.plasmid_details                    ? 
_entity_src_gen.pdbx_description                   ? 
# 
loop_
_chem_comp.id 
_chem_comp.type 
_chem_comp.mon_nstd_flag 
_chem_comp.name 
_chem_comp.pdbx_synonyms 
_chem_comp.formula 
_chem_comp.formula_weight 
ALA 'L-peptide linking' y ALANINE          ? 'C3 H7 N O2'     89.093  
ARG 'L-peptide linking' y ARGININE         ? 'C6 H15 N4 O2 1' 175.209 
ASN 'L-peptide linking' y ASPARAGINE       ? 'C4 H8 N2 O3'    132.118 
ASP 'L-peptide linking' y 'ASPARTIC ACID'  ? 'C4 H7 N O4'     133.103 
CYS 'L-peptide linking' y CYSTEINE         ? 'C3 H7 N O2 S'   121.158 
GLN 'L-peptide linking' y GLUTAMINE        ? 'C5 H10 N2 O3'   146.144 
GLU 'L-peptide linking' y 'GLUTAMIC ACID'  ? 'C5 H9 N O4'     147.129 
GLY 'peptide linking'   y GLYCINE          ? 'C2 H5 N O2'     75.067  
HIS 'L-peptide linking' y HISTIDINE        ? 'C6 H10 N3 O2 1' 156.162 
HOH non-polymer         . WATER            ? 'H2 O'           18.015  
ILE 'L-peptide linking' y ISOLEUCINE       ? 'C6 H13 N O2'    131.173 
LEU 'L-peptide linking' y LEUCINE          ? 'C6 H13 N O2'    131.173 
LYS 'L-peptide linking' y LYSINE           ? 'C6 H15 N2 O2 1' 147.195 
MSE 'L-peptide linking' n SELENOMETHIONINE ? 'C5 H11 N O2 Se' 196.106 
PHE 'L-peptide linking' y PHENYLALANINE    ? 'C9 H11 N O2'    165.189 
PRO 'L-peptide linking' y PROLINE          ? 'C5 H9 N O2'     115.130 
SER 'L-peptide linking' y SERINE           ? 'C3 H7 N O3'     105.093 
THR 'L-peptide linking' y THREONINE        ? 'C4 H9 N O3'     119.119 
TYR 'L-peptide linking' y TYROSINE         ? 'C9 H11 N O3'    181.189 
VAL 'L-peptide linking' y VALINE           ? 'C5 H11 N O2'    117.146 
# 
loop_
_pdbx_poly_seq_scheme.asym_id 
_pdbx_poly_seq_scheme.entity_id 
_pdbx_poly_seq_scheme.seq_id 
_pdbx_poly_seq_scheme.mon_id 
_pdbx_poly_seq_scheme.ndb_seq_num 
_pdbx_poly_seq_scheme.pdb_seq_num 
_pdbx_poly_seq_scheme.auth_seq_num 
_pdbx_poly_seq_scheme.pdb_mon_id 
_pdbx_poly_seq_scheme.auth_mon_id 
_pdbx_poly_seq_scheme.pdb_strand_id 
_pdbx_poly_seq_scheme.pdb_ins_code 
_pdbx_poly_seq_scheme.hetero 
A 1 1   MSE 1   -20 ?  ?   ?   A . n 
A 1 2   GLY 2   -19 ?  ?   ?   A . n 
A 1 3   SER 3   -18 ?  ?   ?   A . n 
A 1 4   SER 4   -17 ?  ?   ?   A . n 
A 1 5   HIS 5   -16 ?  ?   ?   A . n 
A 1 6   HIS 6   -15 ?  ?   ?   A . n 
A 1 7   HIS 7   -14 ?  ?   ?   A . n 
A 1 8   HIS 8   -13 ?  ?   ?   A . n 
A 1 9   HIS 9   -12 ?  ?   ?   A . n 
A 1 10  HIS 10  -11 ?  ?   ?   A . n 
A 1 11  SER 11  -10 ?  ?   ?   A . n 
A 1 12  SER 12  -9  ?  ?   ?   A . n 
A 1 13  GLY 13  -8  ?  ?   ?   A . n 
A 1 14  ARG 14  -7  ?  ?   ?   A . n 
A 1 15  GLU 15  -6  -6 GLU GLU A . n 
A 1 16  ASN 16  -5  -5 ASN ASN A . n 
A 1 17  LEU 17  -4  -4 LEU LEU A . n 
A 1 18  TYR 18  -3  -3 TYR TYR A . n 
A 1 19  PHE 19  -2  -2 PHE PHE A . n 
A 1 20  GLN 20  -1  -1 GLN GLN A . n 
A 1 21  GLY 21  0   0  GLY GLY A . n 
A 1 22  MSE 22  1   1  MSE MSE A . n 
A 1 23  CYS 23  2   2  CYS CYS A . n 
A 1 24  LEU 24  3   3  LEU LEU A . n 
A 1 25  SER 25  4   4  SER SER A . n 
A 1 26  ILE 26  5   5  ILE ILE A . n 
A 1 27  PRO 27  6   6  PRO PRO A . n 
A 1 28  SER 28  7   7  SER SER A . n 
A 1 29  GLN 29  8   8  GLN GLN A . n 
A 1 30  VAL 30  9   9  VAL VAL A . n 
A 1 31  VAL 31  10  10 VAL VAL A . n 
A 1 32  ALA 32  11  11 ALA ALA A . n 
A 1 33  VAL 33  12  12 VAL VAL A . n 
A 1 34  ASP 34  13  13 ASP ASP A . n 
A 1 35  ASN 35  14  14 ASN ASN A . n 
A 1 36  GLU 36  15  15 GLU GLU A . n 
A 1 37  ARG 37  16  16 ARG ARG A . n 
A 1 38  GLN 38  17  17 GLN GLN A . n 
A 1 39  SER 39  18  18 SER SER A . n 
A 1 40  VAL 40  19  19 VAL VAL A . n 
A 1 41  THR 41  20  20 THR THR A . n 
A 1 42  VAL 42  21  21 VAL VAL A . n 
A 1 43  ASP 43  22  22 ASP ASP A . n 
A 1 44  THR 44  23  23 THR THR A . n 
A 1 45  LEU 45  24  24 LEU LEU A . n 
A 1 46  GLY 46  25  25 GLY GLY A . n 
A 1 47  VAL 47  26  26 VAL VAL A . n 
A 1 48  ARG 48  27  27 ARG ARG A . n 
A 1 49  ARG 49  28  28 ARG ARG A . n 
A 1 50  ASP 50  29  29 ASP ASP A . n 
A 1 51  VAL 51  30  30 VAL VAL A . n 
A 1 52  SER 52  31  31 SER SER A . n 
A 1 53  SER 53  32  32 SER SER A . n 
A 1 54  HIS 54  33  33 HIS HIS A . n 
A 1 55  LEU 55  34  34 LEU LEU A . n 
A 1 56  MSE 56  35  35 MSE MSE A . n 
A 1 57  THR 57  36  36 THR THR A . n 
A 1 58  GLU 58  37  37 GLU GLU A . n 
A 1 59  PRO 59  38  38 PRO PRO A . n 
A 1 60  LEU 60  39  39 LEU LEU A . n 
A 1 61  ALA 61  40  40 ALA ALA A . n 
A 1 62  ILE 62  41  41 ILE ILE A . n 
A 1 63  GLY 63  42  42 GLY GLY A . n 
A 1 64  ASP 64  43  43 ASP ASP A . n 
A 1 65  TYR 65  44  44 TYR TYR A . n 
A 1 66  VAL 66  45  45 VAL VAL A . n 
A 1 67  LEU 67  46  46 LEU LEU A . n 
A 1 68  ILE 68  47  47 ILE ILE A . n 
A 1 69  HIS 69  48  48 HIS HIS A . n 
A 1 70  ILE 70  49  49 ILE ILE A . n 
A 1 71  GLY 71  50  50 GLY GLY A . n 
A 1 72  PHE 72  51  51 PHE PHE A . n 
A 1 73  VAL 73  52  52 VAL VAL A . n 
A 1 74  MSE 74  53  53 MSE MSE A . n 
A 1 75  ASN 75  54  54 ASN ASN A . n 
A 1 76  LYS 76  55  55 LYS LYS A . n 
A 1 77  ILE 77  56  56 ILE ILE A . n 
A 1 78  ASP 78  57  57 ASP ASP A . n 
A 1 79  ARG 79  58  58 ARG ARG A . n 
A 1 80  ASN 80  59  59 ASN ASN A . n 
A 1 81  ASP 81  60  60 ASP ASP A . n 
A 1 82  ALA 82  61  61 ALA ALA A . n 
A 1 83  LEU 83  62  62 LEU LEU A . n 
A 1 84  GLN 84  63  63 GLN GLN A . n 
A 1 85  SER 85  64  64 SER SER A . n 
A 1 86  LEU 86  65  65 LEU LEU A . n 
A 1 87  GLU 87  66  66 GLU GLU A . n 
A 1 88  LEU 88  67  67 LEU LEU A . n 
A 1 89  TYR 89  68  68 TYR TYR A . n 
A 1 90  GLN 90  69  69 GLN GLN A . n 
A 1 91  GLU 91  70  70 GLU GLU A . n 
A 1 92  ILE 92  71  71 ILE ILE A . n 
A 1 93  VAL 93  72  72 VAL VAL A . n 
A 1 94  SER 94  73  73 SER SER A . n 
A 1 95  LYS 95  74  74 LYS LYS A . n 
A 1 96  LEU 96  75  75 LEU LEU A . n 
A 1 97  GLU 97  76  76 GLU GLU A . n 
A 1 98  ASN 98  77  ?  ?   ?   A . n 
A 1 99  GLU 99  78  ?  ?   ?   A . n 
A 1 100 THR 100 79  ?  ?   ?   A . n 
A 1 101 THR 101 80  ?  ?   ?   A . n 
A 1 102 GLY 102 81  ?  ?   ?   A . n 
A 1 103 SER 103 82  ?  ?   ?   A . n 
B 1 1   MSE 1   -20 ?  ?   ?   B . n 
B 1 2   GLY 2   -19 ?  ?   ?   B . n 
B 1 3   SER 3   -18 ?  ?   ?   B . n 
B 1 4   SER 4   -17 ?  ?   ?   B . n 
B 1 5   HIS 5   -16 ?  ?   ?   B . n 
B 1 6   HIS 6   -15 ?  ?   ?   B . n 
B 1 7   HIS 7   -14 ?  ?   ?   B . n 
B 1 8   HIS 8   -13 ?  ?   ?   B . n 
B 1 9   HIS 9   -12 ?  ?   ?   B . n 
B 1 10  HIS 10  -11 ?  ?   ?   B . n 
B 1 11  SER 11  -10 ?  ?   ?   B . n 
B 1 12  SER 12  -9  ?  ?   ?   B . n 
B 1 13  GLY 13  -8  ?  ?   ?   B . n 
B 1 14  ARG 14  -7  ?  ?   ?   B . n 
B 1 15  GLU 15  -6  ?  ?   ?   B . n 
B 1 16  ASN 16  -5  ?  ?   ?   B . n 
B 1 17  LEU 17  -4  ?  ?   ?   B . n 
B 1 18  TYR 18  -3  -3 TYR TYR B . n 
B 1 19  PHE 19  -2  -2 PHE PHE B . n 
B 1 20  GLN 20  -1  -1 GLN GLN B . n 
B 1 21  GLY 21  0   0  GLY GLY B . n 
B 1 22  MSE 22  1   1  MSE MSE B . n 
B 1 23  CYS 23  2   2  CYS CYS B . n 
B 1 24  LEU 24  3   3  LEU LEU B . n 
B 1 25  SER 25  4   4  SER SER B . n 
B 1 26  ILE 26  5   5  ILE ILE B . n 
B 1 27  PRO 27  6   6  PRO PRO B . n 
B 1 28  SER 28  7   7  SER SER B . n 
B 1 29  GLN 29  8   8  GLN GLN B . n 
B 1 30  VAL 30  9   9  VAL VAL B . n 
B 1 31  VAL 31  10  10 VAL VAL B . n 
B 1 32  ALA 32  11  11 ALA ALA B . n 
B 1 33  VAL 33  12  12 VAL VAL B . n 
B 1 34  ASP 34  13  13 ASP ASP B . n 
B 1 35  ASN 35  14  14 ASN ASN B . n 
B 1 36  GLU 36  15  15 GLU GLU B . n 
B 1 37  ARG 37  16  16 ARG ARG B . n 
B 1 38  GLN 38  17  17 GLN GLN B . n 
B 1 39  SER 39  18  18 SER SER B . n 
B 1 40  VAL 40  19  19 VAL VAL B . n 
B 1 41  THR 41  20  20 THR THR B . n 
B 1 42  VAL 42  21  21 VAL VAL B . n 
B 1 43  ASP 43  22  22 ASP ASP B . n 
B 1 44  THR 44  23  23 THR THR B . n 
B 1 45  LEU 45  24  24 LEU LEU B . n 
B 1 46  GLY 46  25  25 GLY GLY B . n 
B 1 47  VAL 47  26  26 VAL VAL B . n 
B 1 48  ARG 48  27  27 ARG ARG B . n 
B 1 49  ARG 49  28  28 ARG ARG B . n 
B 1 50  ASP 50  29  29 ASP ASP B . n 
B 1 51  VAL 51  30  30 VAL VAL B . n 
B 1 52  SER 52  31  31 SER SER B . n 
B 1 53  SER 53  32  32 SER SER B . n 
B 1 54  HIS 54  33  33 HIS HIS B . n 
B 1 55  LEU 55  34  34 LEU LEU B . n 
B 1 56  MSE 56  35  35 MSE MSE B . n 
B 1 57  THR 57  36  36 THR THR B . n 
B 1 58  GLU 58  37  37 GLU GLU B . n 
B 1 59  PRO 59  38  38 PRO PRO B . n 
B 1 60  LEU 60  39  39 LEU LEU B . n 
B 1 61  ALA 61  40  40 ALA ALA B . n 
B 1 62  ILE 62  41  41 ILE ILE B . n 
B 1 63  GLY 63  42  42 GLY GLY B . n 
B 1 64  ASP 64  43  43 ASP ASP B . n 
B 1 65  TYR 65  44  44 TYR TYR B . n 
B 1 66  VAL 66  45  45 VAL VAL B . n 
B 1 67  LEU 67  46  46 LEU LEU B . n 
B 1 68  ILE 68  47  47 ILE ILE B . n 
B 1 69  HIS 69  48  48 HIS HIS B . n 
B 1 70  ILE 70  49  49 ILE ILE B . n 
B 1 71  GLY 71  50  50 GLY GLY B . n 
B 1 72  PHE 72  51  51 PHE PHE B . n 
B 1 73  VAL 73  52  52 VAL VAL B . n 
B 1 74  MSE 74  53  53 MSE MSE B . n 
B 1 75  ASN 75  54  54 ASN ASN B . n 
B 1 76  LYS 76  55  55 LYS LYS B . n 
B 1 77  ILE 77  56  56 ILE ILE B . n 
B 1 78  ASP 78  57  57 ASP ASP B . n 
B 1 79  ARG 79  58  58 ARG ARG B . n 
B 1 80  ASN 80  59  59 ASN ASN B . n 
B 1 81  ASP 81  60  60 ASP ASP B . n 
B 1 82  ALA 82  61  61 ALA ALA B . n 
B 1 83  LEU 83  62  62 LEU LEU B . n 
B 1 84  GLN 84  63  63 GLN GLN B . n 
B 1 85  SER 85  64  64 SER SER B . n 
B 1 86  LEU 86  65  65 LEU LEU B . n 
B 1 87  GLU 87  66  66 GLU GLU B . n 
B 1 88  LEU 88  67  67 LEU LEU B . n 
B 1 89  TYR 89  68  68 TYR TYR B . n 
B 1 90  GLN 90  69  69 GLN GLN B . n 
B 1 91  GLU 91  70  70 GLU GLU B . n 
B 1 92  ILE 92  71  71 ILE ILE B . n 
B 1 93  VAL 93  72  72 VAL VAL B . n 
B 1 94  SER 94  73  73 SER SER B . n 
B 1 95  LYS 95  74  74 LYS LYS B . n 
B 1 96  LEU 96  75  75 LEU LEU B . n 
B 1 97  GLU 97  76  76 GLU GLU B . n 
B 1 98  ASN 98  77  ?  ?   ?   B . n 
B 1 99  GLU 99  78  ?  ?   ?   B . n 
B 1 100 THR 100 79  ?  ?   ?   B . n 
B 1 101 THR 101 80  ?  ?   ?   B . n 
B 1 102 GLY 102 81  ?  ?   ?   B . n 
B 1 103 SER 103 82  ?  ?   ?   B . n 
# 
loop_
_pdbx_nonpoly_scheme.asym_id 
_pdbx_nonpoly_scheme.entity_id 
_pdbx_nonpoly_scheme.mon_id 
_pdbx_nonpoly_scheme.ndb_seq_num 
_pdbx_nonpoly_scheme.pdb_seq_num 
_pdbx_nonpoly_scheme.auth_seq_num 
_pdbx_nonpoly_scheme.pdb_mon_id 
_pdbx_nonpoly_scheme.auth_mon_id 
_pdbx_nonpoly_scheme.pdb_strand_id 
_pdbx_nonpoly_scheme.pdb_ins_code 
C 2 HOH 1  83  2  HOH HOH A . 
C 2 HOH 2  84  4  HOH HOH A . 
C 2 HOH 3  85  9  HOH HOH A . 
C 2 HOH 4  86  10 HOH HOH A . 
C 2 HOH 5  87  12 HOH HOH A . 
C 2 HOH 6  88  14 HOH HOH A . 
C 2 HOH 7  89  20 HOH HOH A . 
C 2 HOH 8  90  23 HOH HOH A . 
C 2 HOH 9  91  26 HOH HOH A . 
C 2 HOH 10 92  29 HOH HOH A . 
C 2 HOH 11 93  30 HOH HOH A . 
C 2 HOH 12 94  31 HOH HOH A . 
C 2 HOH 13 95  33 HOH HOH A . 
C 2 HOH 14 96  34 HOH HOH A . 
C 2 HOH 15 97  35 HOH HOH A . 
C 2 HOH 16 98  37 HOH HOH A . 
C 2 HOH 17 99  38 HOH HOH A . 
C 2 HOH 18 100 40 HOH HOH A . 
C 2 HOH 19 101 41 HOH HOH A . 
C 2 HOH 20 102 42 HOH HOH A . 
C 2 HOH 21 103 43 HOH HOH A . 
C 2 HOH 22 104 44 HOH HOH A . 
C 2 HOH 23 105 45 HOH HOH A . 
C 2 HOH 24 106 54 HOH HOH A . 
C 2 HOH 25 107 56 HOH HOH A . 
C 2 HOH 26 108 58 HOH HOH A . 
C 2 HOH 27 109 60 HOH HOH A . 
C 2 HOH 28 110 63 HOH HOH A . 
C 2 HOH 29 111 64 HOH HOH A . 
C 2 HOH 30 112 66 HOH HOH A . 
C 2 HOH 31 113 68 HOH HOH A . 
C 2 HOH 32 114 69 HOH HOH A . 
C 2 HOH 33 115 71 HOH HOH A . 
C 2 HOH 34 116 73 HOH HOH A . 
C 2 HOH 35 117 76 HOH HOH A . 
C 2 HOH 36 118 80 HOH HOH A . 
C 2 HOH 37 119 84 HOH HOH A . 
C 2 HOH 38 120 86 HOH HOH A . 
D 2 HOH 1  83  1  HOH HOH B . 
D 2 HOH 2  84  3  HOH HOH B . 
D 2 HOH 3  85  5  HOH HOH B . 
D 2 HOH 4  86  6  HOH HOH B . 
D 2 HOH 5  87  7  HOH HOH B . 
D 2 HOH 6  88  8  HOH HOH B . 
D 2 HOH 7  89  11 HOH HOH B . 
D 2 HOH 8  90  13 HOH HOH B . 
D 2 HOH 9  91  15 HOH HOH B . 
D 2 HOH 10 92  16 HOH HOH B . 
D 2 HOH 11 93  17 HOH HOH B . 
D 2 HOH 12 94  18 HOH HOH B . 
D 2 HOH 13 95  19 HOH HOH B . 
D 2 HOH 14 96  21 HOH HOH B . 
D 2 HOH 15 97  22 HOH HOH B . 
D 2 HOH 16 98  24 HOH HOH B . 
D 2 HOH 17 99  25 HOH HOH B . 
D 2 HOH 18 100 27 HOH HOH B . 
D 2 HOH 19 101 28 HOH HOH B . 
D 2 HOH 20 102 32 HOH HOH B . 
D 2 HOH 21 103 36 HOH HOH B . 
D 2 HOH 22 104 39 HOH HOH B . 
D 2 HOH 23 105 46 HOH HOH B . 
D 2 HOH 24 106 47 HOH HOH B . 
D 2 HOH 25 107 48 HOH HOH B . 
D 2 HOH 26 108 49 HOH HOH B . 
D 2 HOH 27 109 50 HOH HOH B . 
D 2 HOH 28 110 51 HOH HOH B . 
D 2 HOH 29 111 52 HOH HOH B . 
D 2 HOH 30 112 53 HOH HOH B . 
D 2 HOH 31 113 55 HOH HOH B . 
D 2 HOH 32 114 57 HOH HOH B . 
D 2 HOH 33 115 59 HOH HOH B . 
D 2 HOH 34 116 61 HOH HOH B . 
D 2 HOH 35 117 62 HOH HOH B . 
D 2 HOH 36 118 65 HOH HOH B . 
D 2 HOH 37 119 67 HOH HOH B . 
D 2 HOH 38 120 70 HOH HOH B . 
D 2 HOH 39 121 72 HOH HOH B . 
D 2 HOH 40 122 74 HOH HOH B . 
D 2 HOH 41 123 75 HOH HOH B . 
D 2 HOH 42 124 77 HOH HOH B . 
D 2 HOH 43 125 78 HOH HOH B . 
D 2 HOH 44 126 79 HOH HOH B . 
D 2 HOH 45 127 81 HOH HOH B . 
D 2 HOH 46 128 82 HOH HOH B . 
D 2 HOH 47 129 83 HOH HOH B . 
D 2 HOH 48 130 85 HOH HOH B . 
# 
loop_
_software.name 
_software.classification 
_software.version 
_software.citation_id 
_software.pdbx_ordinal 
REFMAC      refinement        5.2.0019 ? 1  
SBC-Collect 'data collection' .        ? 2  
HKL-3000    'data collection' .        ? 3  
HKL-3000    'data reduction'  .        ? 4  
HKL-3000    'data scaling'    .        ? 5  
HKL-3000    phasing           .        ? 6  
MLPHARE     phasing           .        ? 7  
DM          phasing           .        ? 8  
SHELXD      phasing           .        ? 9  
RESOLVE     phasing           .        ? 10 
Coot        'model building'  .        ? 11 
# 
_cell.entry_id           3D3R 
_cell.length_a           78.864 
_cell.length_b           58.316 
_cell.length_c           51.924 
_cell.angle_alpha        90.00 
_cell.angle_beta         127.89 
_cell.angle_gamma        90.00 
_cell.Z_PDB              8 
_cell.pdbx_unique_axis   ? 
_cell.length_a_esd       ? 
_cell.length_b_esd       ? 
_cell.length_c_esd       ? 
_cell.angle_alpha_esd    ? 
_cell.angle_beta_esd     ? 
_cell.angle_gamma_esd    ? 
# 
_symmetry.entry_id                         3D3R 
_symmetry.space_group_name_H-M             'C 1 2 1' 
_symmetry.pdbx_full_space_group_name_H-M   ? 
_symmetry.cell_setting                     ? 
_symmetry.Int_Tables_number                5 
_symmetry.space_group_name_Hall            ? 
# 
_exptl.entry_id          3D3R 
_exptl.method            'X-RAY DIFFRACTION' 
_exptl.crystals_number   1 
# 
_exptl_crystal.id                    1 
_exptl_crystal.density_meas          ? 
_exptl_crystal.density_Matthews      2.01 
_exptl_crystal.density_percent_sol   38.75 
_exptl_crystal.description           ? 
_exptl_crystal.F_000                 ? 
_exptl_crystal.preparation           ? 
# 
_exptl_crystal_grow.crystal_id      1 
_exptl_crystal_grow.method          'VAPOR DIFFUSION, HANGING DROP' 
_exptl_crystal_grow.temp            295 
_exptl_crystal_grow.temp_details    ? 
_exptl_crystal_grow.pH              ? 
_exptl_crystal_grow.pdbx_details    
'20% PEG 3350, 0.2M Ammonium citrate, 0.3M NDSB211, 0.5mM TCEP, VAPOR DIFFUSION, HANGING DROP, temperature 295K' 
_exptl_crystal_grow.pdbx_pH_range   . 
# 
_diffrn.id                     1 
_diffrn.ambient_temp           100 
_diffrn.ambient_temp_details   ? 
_diffrn.crystal_id             1 
# 
_diffrn_detector.diffrn_id              1 
_diffrn_detector.detector               CCD 
_diffrn_detector.type                   'ADSC QUANTUM 315' 
_diffrn_detector.pdbx_collection_date   2008-04-23 
_diffrn_detector.details                Mirrors 
# 
_diffrn_radiation.diffrn_id                        1 
_diffrn_radiation.wavelength_id                    1 
_diffrn_radiation.pdbx_monochromatic_or_laue_m_l   M 
_diffrn_radiation.monochromator                    'double crystal' 
_diffrn_radiation.pdbx_diffrn_protocol             'SINGLE WAVELENGTH' 
_diffrn_radiation.pdbx_scattering_type             x-ray 
# 
_diffrn_radiation_wavelength.id           1 
_diffrn_radiation_wavelength.wavelength   0.97921 
_diffrn_radiation_wavelength.wt           1.0 
# 
_diffrn_source.diffrn_id                   1 
_diffrn_source.source                      SYNCHROTRON 
_diffrn_source.type                        'APS BEAMLINE 19-ID' 
_diffrn_source.pdbx_synchrotron_site       APS 
_diffrn_source.pdbx_synchrotron_beamline   19-ID 
_diffrn_source.pdbx_wavelength             ? 
_diffrn_source.pdbx_wavelength_list        0.97921 
# 
_reflns.entry_id                     3D3R 
_reflns.observed_criterion_sigma_F   0.0 
_reflns.observed_criterion_sigma_I   0.0 
_reflns.d_resolution_high            1.85 
_reflns.d_resolution_low             38.75 
_reflns.number_all                   15804 
_reflns.number_obs                   15804 
_reflns.percent_possible_obs         98.6 
_reflns.pdbx_Rmerge_I_obs            0.102 
_reflns.pdbx_Rsym_value              ? 
_reflns.pdbx_netI_over_sigmaI        10.1 
_reflns.B_iso_Wilson_estimate        30.17 
_reflns.pdbx_redundancy              4.5 
_reflns.R_free_details               ? 
_reflns.limit_h_max                  ? 
_reflns.limit_h_min                  ? 
_reflns.limit_k_max                  ? 
_reflns.limit_k_min                  ? 
_reflns.limit_l_max                  ? 
_reflns.limit_l_min                  ? 
_reflns.observed_criterion_F_max     ? 
_reflns.observed_criterion_F_min     ? 
_reflns.pdbx_chi_squared             ? 
_reflns.pdbx_scaling_rejects         ? 
_reflns.pdbx_ordinal                 1 
_reflns.pdbx_diffrn_id               1 
# 
_reflns_shell.d_res_high             1.85 
_reflns_shell.d_res_low              1.88 
_reflns_shell.percent_possible_all   100.0 
_reflns_shell.Rmerge_I_obs           0.328 
_reflns_shell.pdbx_Rsym_value        ? 
_reflns_shell.meanI_over_sigI_obs    3.92 
_reflns_shell.pdbx_redundancy        4.5 
_reflns_shell.percent_possible_obs   ? 
_reflns_shell.number_unique_all      817 
_reflns_shell.number_measured_all    ? 
_reflns_shell.number_measured_obs    ? 
_reflns_shell.number_unique_obs      ? 
_reflns_shell.pdbx_chi_squared       ? 
_reflns_shell.pdbx_ordinal           1 
_reflns_shell.pdbx_diffrn_id         1 
# 
_refine.entry_id                                 3D3R 
_refine.ls_number_reflns_obs                     14966 
_refine.ls_number_reflns_all                     14966 
_refine.pdbx_ls_sigma_I                          0.0 
_refine.pdbx_ls_sigma_F                          0.000 
_refine.pdbx_data_cutoff_high_absF               ? 
_refine.pdbx_data_cutoff_low_absF                ? 
_refine.pdbx_data_cutoff_high_rms_absF           ? 
_refine.ls_d_res_low                             38.75 
_refine.ls_d_res_high                            1.85 
_refine.ls_percent_reflns_obs                    98.62 
_refine.ls_R_factor_obs                          0.203 
_refine.ls_R_factor_all                          0.203 
_refine.ls_R_factor_R_work                       0.202 
_refine.ls_R_factor_R_free                       0.234 
_refine.ls_R_factor_R_free_error                 ? 
_refine.ls_R_factor_R_free_error_details         ? 
_refine.ls_percent_reflns_R_free                 5.0 
_refine.ls_number_reflns_R_free                  789 
_refine.ls_number_parameters                     ? 
_refine.ls_number_restraints                     ? 
_refine.occupancy_min                            ? 
_refine.occupancy_max                            ? 
_refine.correlation_coeff_Fo_to_Fc               0.948 
_refine.correlation_coeff_Fo_to_Fc_free          0.939 
_refine.B_iso_mean                               36.876 
_refine.aniso_B[1][1]                            1.19 
_refine.aniso_B[2][2]                            -1.05 
_refine.aniso_B[3][3]                            0.41 
_refine.aniso_B[1][2]                            0.00 
_refine.aniso_B[1][3]                            0.45 
_refine.aniso_B[2][3]                            0.00 
_refine.solvent_model_details                    MASK 
_refine.solvent_model_param_ksol                 ? 
_refine.solvent_model_param_bsol                 ? 
_refine.pdbx_solvent_vdw_probe_radii             1.20 
_refine.pdbx_solvent_ion_probe_radii             0.80 
_refine.pdbx_solvent_shrinkage_radii             0.80 
_refine.pdbx_ls_cross_valid_method               THROUGHOUT 
_refine.details                                  ? 
_refine.pdbx_starting_model                      ? 
_refine.pdbx_method_to_determine_struct          SAD 
_refine.pdbx_isotropic_thermal_model             ? 
_refine.pdbx_stereochemistry_target_values       'MAXIMUM LIKELIHOOD WITH PHASES' 
_refine.pdbx_stereochem_target_val_spec_case     ? 
_refine.pdbx_R_Free_selection_details            RANDOM 
_refine.pdbx_overall_ESU_R                       0.149 
_refine.pdbx_overall_ESU_R_Free                  0.136 
_refine.overall_SU_ML                            0.086 
_refine.overall_SU_B                             5.622 
_refine.ls_redundancy_reflns_obs                 ? 
_refine.B_iso_min                                ? 
_refine.B_iso_max                                ? 
_refine.overall_SU_R_Cruickshank_DPI             ? 
_refine.overall_SU_R_free                        ? 
_refine.ls_wR_factor_R_free                      ? 
_refine.ls_wR_factor_R_work                      ? 
_refine.overall_FOM_free_R_set                   ? 
_refine.overall_FOM_work_R_set                   ? 
_refine.pdbx_overall_phase_error                 ? 
_refine.pdbx_refine_id                           'X-RAY DIFFRACTION' 
_refine.pdbx_TLS_residual_ADP_flag               'LIKELY RESIDUAL' 
_refine.pdbx_diffrn_id                           1 
_refine.pdbx_overall_SU_R_free_Cruickshank_DPI   ? 
_refine.pdbx_overall_SU_R_Blow_DPI               ? 
_refine.pdbx_overall_SU_R_free_Blow_DPI          ? 
# 
_refine_hist.pdbx_refine_id                   'X-RAY DIFFRACTION' 
_refine_hist.cycle_id                         LAST 
_refine_hist.pdbx_number_atoms_protein        1285 
_refine_hist.pdbx_number_atoms_nucleic_acid   0 
_refine_hist.pdbx_number_atoms_ligand         0 
_refine_hist.number_atoms_solvent             86 
_refine_hist.number_atoms_total               1371 
_refine_hist.d_res_high                       1.85 
_refine_hist.d_res_low                        38.75 
# 
loop_
_refine_ls_restr.type 
_refine_ls_restr.dev_ideal 
_refine_ls_restr.dev_ideal_target 
_refine_ls_restr.weight 
_refine_ls_restr.number 
_refine_ls_restr.pdbx_refine_id 
_refine_ls_restr.pdbx_restraint_function 
r_bond_refined_d             0.019  0.022  ? 1357 'X-RAY DIFFRACTION' ? 
r_bond_other_d               ?      ?      ? ?    'X-RAY DIFFRACTION' ? 
r_angle_refined_deg          1.851  1.967  ? 1846 'X-RAY DIFFRACTION' ? 
r_angle_other_deg            ?      ?      ? ?    'X-RAY DIFFRACTION' ? 
r_dihedral_angle_1_deg       5.783  5.000  ? 173  'X-RAY DIFFRACTION' ? 
r_dihedral_angle_2_deg       41.523 24.769 ? 65   'X-RAY DIFFRACTION' ? 
r_dihedral_angle_3_deg       15.484 15.000 ? 248  'X-RAY DIFFRACTION' ? 
r_dihedral_angle_4_deg       24.768 15.000 ? 10   'X-RAY DIFFRACTION' ? 
r_chiral_restr               0.139  0.200  ? 219  'X-RAY DIFFRACTION' ? 
r_gen_planes_refined         0.008  0.020  ? 1022 'X-RAY DIFFRACTION' ? 
r_gen_planes_other           ?      ?      ? ?    'X-RAY DIFFRACTION' ? 
r_nbd_refined                0.226  0.200  ? 536  'X-RAY DIFFRACTION' ? 
r_nbd_other                  ?      ?      ? ?    'X-RAY DIFFRACTION' ? 
r_nbtor_refined              0.310  0.200  ? 943  'X-RAY DIFFRACTION' ? 
r_nbtor_other                ?      ?      ? ?    'X-RAY DIFFRACTION' ? 
r_xyhbond_nbd_refined        0.168  0.200  ? 77   'X-RAY DIFFRACTION' ? 
r_xyhbond_nbd_other          ?      ?      ? ?    'X-RAY DIFFRACTION' ? 
r_metal_ion_refined          ?      ?      ? ?    'X-RAY DIFFRACTION' ? 
r_metal_ion_other            ?      ?      ? ?    'X-RAY DIFFRACTION' ? 
r_symmetry_vdw_refined       0.299  0.200  ? 76   'X-RAY DIFFRACTION' ? 
r_symmetry_vdw_other         ?      ?      ? ?    'X-RAY DIFFRACTION' ? 
r_symmetry_hbond_refined     0.257  0.200  ? 11   'X-RAY DIFFRACTION' ? 
r_symmetry_hbond_other       ?      ?      ? ?    'X-RAY DIFFRACTION' ? 
r_symmetry_metal_ion_refined ?      ?      ? ?    'X-RAY DIFFRACTION' ? 
r_symmetry_metal_ion_other   ?      ?      ? ?    'X-RAY DIFFRACTION' ? 
r_mcbond_it                  1.611  1.500  ? 869  'X-RAY DIFFRACTION' ? 
r_mcbond_other               ?      ?      ? ?    'X-RAY DIFFRACTION' ? 
r_mcangle_it                 2.248  2.000  ? 1385 'X-RAY DIFFRACTION' ? 
r_scbond_it                  3.683  3.000  ? 536  'X-RAY DIFFRACTION' ? 
r_scangle_it                 5.962  4.500  ? 461  'X-RAY DIFFRACTION' ? 
r_rigid_bond_restr           ?      ?      ? ?    'X-RAY DIFFRACTION' ? 
r_sphericity_free            ?      ?      ? ?    'X-RAY DIFFRACTION' ? 
r_sphericity_bonded          ?      ?      ? ?    'X-RAY DIFFRACTION' ? 
# 
_refine_ls_shell.pdbx_total_number_of_bins_used   20 
_refine_ls_shell.d_res_high                       1.850 
_refine_ls_shell.d_res_low                        1.898 
_refine_ls_shell.number_reflns_R_work             1121 
_refine_ls_shell.R_factor_R_work                  0.194 
_refine_ls_shell.percent_reflns_obs               100.00 
_refine_ls_shell.R_factor_R_free                  0.25 
_refine_ls_shell.R_factor_R_free_error            ? 
_refine_ls_shell.percent_reflns_R_free            ? 
_refine_ls_shell.number_reflns_R_free             68 
_refine_ls_shell.number_reflns_all                ? 
_refine_ls_shell.R_factor_all                     ? 
_refine_ls_shell.number_reflns_obs                1189 
_refine_ls_shell.redundancy_reflns_obs            ? 
_refine_ls_shell.pdbx_refine_id                   'X-RAY DIFFRACTION' 
# 
_struct.entry_id                  3D3R 
_struct.title                     
'Crystal structure of the hydrogenase assembly chaperone HypC/HupF family protein from Shewanella oneidensis MR-1' 
_struct.pdbx_model_details        ? 
_struct.pdbx_CASP_flag            N 
_struct.pdbx_model_type_details   ? 
# 
_struct_keywords.entry_id        3D3R 
_struct_keywords.pdbx_keywords   CHAPERONE 
_struct_keywords.text            
;small beta-barrel, Structural Genomics, PSI-2, Protein Structure Initiative, Midwest Center for Structural Genomics, MCSG, CHAPERONE
;
# 
loop_
_struct_asym.id 
_struct_asym.pdbx_blank_PDB_chainid_flag 
_struct_asym.pdbx_modified 
_struct_asym.entity_id 
_struct_asym.details 
A N N 1 ? 
B N N 1 ? 
C N N 2 ? 
D N N 2 ? 
# 
_struct_ref.id                         1 
_struct_ref.db_name                    UNP 
_struct_ref.db_code                    Q8EF93_SHEON 
_struct_ref.pdbx_db_accession          Q8EF93 
_struct_ref.entity_id                  1 
_struct_ref.pdbx_seq_one_letter_code   
;MCLSIPSQVVAVDNERQSVTVDTLGVRRDVSSHLMTEPLAIGDYVLIHIGFVMNKIDRNDALQSLELYQEIVSKLENETT

;
_struct_ref.pdbx_align_begin           1 
_struct_ref.pdbx_db_isoform            ? 
# 
loop_
_struct_ref_seq.align_id 
_struct_ref_seq.ref_id 
_struct_ref_seq.pdbx_PDB_id_code 
_struct_ref_seq.pdbx_strand_id 
_struct_ref_seq.seq_align_beg 
_struct_ref_seq.pdbx_seq_align_beg_ins_code 
_struct_ref_seq.seq_align_end 
_struct_ref_seq.pdbx_seq_align_end_ins_code 
_struct_ref_seq.pdbx_db_accession 
_struct_ref_seq.db_align_beg 
_struct_ref_seq.pdbx_db_align_beg_ins_code 
_struct_ref_seq.db_align_end 
_struct_ref_seq.pdbx_db_align_end_ins_code 
_struct_ref_seq.pdbx_auth_seq_align_beg 
_struct_ref_seq.pdbx_auth_seq_align_end 
1 1 3D3R A 22 ? 101 ? Q8EF93 1 ? 80 ? 1 80 
2 1 3D3R B 22 ? 101 ? Q8EF93 1 ? 80 ? 1 80 
# 
loop_
_struct_ref_seq_dif.align_id 
_struct_ref_seq_dif.pdbx_pdb_id_code 
_struct_ref_seq_dif.mon_id 
_struct_ref_seq_dif.pdbx_pdb_strand_id 
_struct_ref_seq_dif.seq_num 
_struct_ref_seq_dif.pdbx_pdb_ins_code 
_struct_ref_seq_dif.pdbx_seq_db_name 
_struct_ref_seq_dif.pdbx_seq_db_accession_code 
_struct_ref_seq_dif.db_mon_id 
_struct_ref_seq_dif.pdbx_seq_db_seq_num 
_struct_ref_seq_dif.details 
_struct_ref_seq_dif.pdbx_auth_seq_num 
_struct_ref_seq_dif.pdbx_ordinal 
1 3D3R MSE A 1   ? UNP Q8EF93 ? ? 'expression tag' -20 1  
1 3D3R GLY A 2   ? UNP Q8EF93 ? ? 'expression tag' -19 2  
1 3D3R SER A 3   ? UNP Q8EF93 ? ? 'expression tag' -18 3  
1 3D3R SER A 4   ? UNP Q8EF93 ? ? 'expression tag' -17 4  
1 3D3R HIS A 5   ? UNP Q8EF93 ? ? 'expression tag' -16 5  
1 3D3R HIS A 6   ? UNP Q8EF93 ? ? 'expression tag' -15 6  
1 3D3R HIS A 7   ? UNP Q8EF93 ? ? 'expression tag' -14 7  
1 3D3R HIS A 8   ? UNP Q8EF93 ? ? 'expression tag' -13 8  
1 3D3R HIS A 9   ? UNP Q8EF93 ? ? 'expression tag' -12 9  
1 3D3R HIS A 10  ? UNP Q8EF93 ? ? 'expression tag' -11 10 
1 3D3R SER A 11  ? UNP Q8EF93 ? ? 'expression tag' -10 11 
1 3D3R SER A 12  ? UNP Q8EF93 ? ? 'expression tag' -9  12 
1 3D3R GLY A 13  ? UNP Q8EF93 ? ? 'expression tag' -8  13 
1 3D3R ARG A 14  ? UNP Q8EF93 ? ? 'expression tag' -7  14 
1 3D3R GLU A 15  ? UNP Q8EF93 ? ? 'expression tag' -6  15 
1 3D3R ASN A 16  ? UNP Q8EF93 ? ? 'expression tag' -5  16 
1 3D3R LEU A 17  ? UNP Q8EF93 ? ? 'expression tag' -4  17 
1 3D3R TYR A 18  ? UNP Q8EF93 ? ? 'expression tag' -3  18 
1 3D3R PHE A 19  ? UNP Q8EF93 ? ? 'expression tag' -2  19 
1 3D3R GLN A 20  ? UNP Q8EF93 ? ? 'expression tag' -1  20 
1 3D3R GLY A 21  ? UNP Q8EF93 ? ? 'expression tag' 0   21 
1 3D3R GLY A 102 ? UNP Q8EF93 ? ? 'expression tag' 81  22 
1 3D3R SER A 103 ? UNP Q8EF93 ? ? 'expression tag' 82  23 
2 3D3R MSE B 1   ? UNP Q8EF93 ? ? 'expression tag' -20 24 
2 3D3R GLY B 2   ? UNP Q8EF93 ? ? 'expression tag' -19 25 
2 3D3R SER B 3   ? UNP Q8EF93 ? ? 'expression tag' -18 26 
2 3D3R SER B 4   ? UNP Q8EF93 ? ? 'expression tag' -17 27 
2 3D3R HIS B 5   ? UNP Q8EF93 ? ? 'expression tag' -16 28 
2 3D3R HIS B 6   ? UNP Q8EF93 ? ? 'expression tag' -15 29 
2 3D3R HIS B 7   ? UNP Q8EF93 ? ? 'expression tag' -14 30 
2 3D3R HIS B 8   ? UNP Q8EF93 ? ? 'expression tag' -13 31 
2 3D3R HIS B 9   ? UNP Q8EF93 ? ? 'expression tag' -12 32 
2 3D3R HIS B 10  ? UNP Q8EF93 ? ? 'expression tag' -11 33 
2 3D3R SER B 11  ? UNP Q8EF93 ? ? 'expression tag' -10 34 
2 3D3R SER B 12  ? UNP Q8EF93 ? ? 'expression tag' -9  35 
2 3D3R GLY B 13  ? UNP Q8EF93 ? ? 'expression tag' -8  36 
2 3D3R ARG B 14  ? UNP Q8EF93 ? ? 'expression tag' -7  37 
2 3D3R GLU B 15  ? UNP Q8EF93 ? ? 'expression tag' -6  38 
2 3D3R ASN B 16  ? UNP Q8EF93 ? ? 'expression tag' -5  39 
2 3D3R LEU B 17  ? UNP Q8EF93 ? ? 'expression tag' -4  40 
2 3D3R TYR B 18  ? UNP Q8EF93 ? ? 'expression tag' -3  41 
2 3D3R PHE B 19  ? UNP Q8EF93 ? ? 'expression tag' -2  42 
2 3D3R GLN B 20  ? UNP Q8EF93 ? ? 'expression tag' -1  43 
2 3D3R GLY B 21  ? UNP Q8EF93 ? ? 'expression tag' 0   44 
2 3D3R GLY B 102 ? UNP Q8EF93 ? ? 'expression tag' 81  45 
2 3D3R SER B 103 ? UNP Q8EF93 ? ? 'expression tag' 82  46 
# 
loop_
_pdbx_struct_assembly.id 
_pdbx_struct_assembly.details 
_pdbx_struct_assembly.method_details 
_pdbx_struct_assembly.oligomeric_details 
_pdbx_struct_assembly.oligomeric_count 
1 author_and_software_defined_assembly PISA dimeric    2 
2 author_and_software_defined_assembly PISA tetrameric 4 
# 
loop_
_pdbx_struct_assembly_prop.biol_id 
_pdbx_struct_assembly_prop.type 
_pdbx_struct_assembly_prop.value 
_pdbx_struct_assembly_prop.details 
1 'ABSA (A^2)' 3850   ? 
1 MORE         -35.2  ? 
1 'SSA (A^2)'  11180  ? 
2 'ABSA (A^2)' 14100  ? 
2 MORE         -144.5 ? 
2 'SSA (A^2)'  15970  ? 
# 
loop_
_pdbx_struct_assembly_gen.assembly_id 
_pdbx_struct_assembly_gen.oper_expression 
_pdbx_struct_assembly_gen.asym_id_list 
1 1   A,B,C,D 
2 1,2 A,B,C,D 
# 
loop_
_pdbx_struct_oper_list.id 
_pdbx_struct_oper_list.type 
_pdbx_struct_oper_list.name 
_pdbx_struct_oper_list.symmetry_operation 
_pdbx_struct_oper_list.matrix[1][1] 
_pdbx_struct_oper_list.matrix[1][2] 
_pdbx_struct_oper_list.matrix[1][3] 
_pdbx_struct_oper_list.vector[1] 
_pdbx_struct_oper_list.matrix[2][1] 
_pdbx_struct_oper_list.matrix[2][2] 
_pdbx_struct_oper_list.matrix[2][3] 
_pdbx_struct_oper_list.vector[2] 
_pdbx_struct_oper_list.matrix[3][1] 
_pdbx_struct_oper_list.matrix[3][2] 
_pdbx_struct_oper_list.matrix[3][3] 
_pdbx_struct_oper_list.vector[3] 
1 'identity operation'         1_555 x,y,z       1.0000000000 0.0000000000 0.0000000000  0.0000000000 0.0000000000 1.0000000000  0.0000000000  0.0000000000 0.0000000000  0.0000000000  1.0000000000  0.0000000000  
2 'crystal symmetry operation' 2_656 -x+1,y,-z+1 0.7657737029 0.4606395931 -0.4487781202 1.0768286836 0.4606395931 -0.8798323735 -0.1170733092 9.3515899323 -0.4487781202 -0.1170733092 -0.8859413294 13.8356753030 
# 
_struct_biol.id        1 
_struct_biol.details   ? 
# 
loop_
_struct_conf.conf_type_id 
_struct_conf.id 
_struct_conf.pdbx_PDB_helix_id 
_struct_conf.beg_label_comp_id 
_struct_conf.beg_label_asym_id 
_struct_conf.beg_label_seq_id 
_struct_conf.pdbx_beg_PDB_ins_code 
_struct_conf.end_label_comp_id 
_struct_conf.end_label_asym_id 
_struct_conf.end_label_seq_id 
_struct_conf.pdbx_end_PDB_ins_code 
_struct_conf.beg_auth_comp_id 
_struct_conf.beg_auth_asym_id 
_struct_conf.beg_auth_seq_id 
_struct_conf.end_auth_comp_id 
_struct_conf.end_auth_asym_id 
_struct_conf.end_auth_seq_id 
_struct_conf.pdbx_PDB_helix_class 
_struct_conf.details 
_struct_conf.pdbx_PDB_helix_length 
HELX_P HELX_P1 1 ASP A 78 ? GLU A 97 ? ASP A 57 GLU A 76 1 ? 20 
HELX_P HELX_P2 2 TYR B 18 ? CYS B 23 ? TYR B -3 CYS B 2  5 ? 6  
HELX_P HELX_P3 3 HIS B 54 ? MSE B 56 ? HIS B 33 MSE B 35 5 ? 3  
HELX_P HELX_P4 4 ASP B 78 ? GLU B 97 ? ASP B 57 GLU B 76 1 ? 20 
# 
_struct_conf_type.id          HELX_P 
_struct_conf_type.criteria    ? 
_struct_conf_type.reference   ? 
# 
loop_
_struct_conn.id 
_struct_conn.conn_type_id 
_struct_conn.pdbx_leaving_atom_flag 
_struct_conn.pdbx_PDB_id 
_struct_conn.ptnr1_label_asym_id 
_struct_conn.ptnr1_label_comp_id 
_struct_conn.ptnr1_label_seq_id 
_struct_conn.ptnr1_label_atom_id 
_struct_conn.pdbx_ptnr1_label_alt_id 
_struct_conn.pdbx_ptnr1_PDB_ins_code 
_struct_conn.pdbx_ptnr1_standard_comp_id 
_struct_conn.ptnr1_symmetry 
_struct_conn.ptnr2_label_asym_id 
_struct_conn.ptnr2_label_comp_id 
_struct_conn.ptnr2_label_seq_id 
_struct_conn.ptnr2_label_atom_id 
_struct_conn.pdbx_ptnr2_label_alt_id 
_struct_conn.pdbx_ptnr2_PDB_ins_code 
_struct_conn.ptnr1_auth_asym_id 
_struct_conn.ptnr1_auth_comp_id 
_struct_conn.ptnr1_auth_seq_id 
_struct_conn.ptnr2_auth_asym_id 
_struct_conn.ptnr2_auth_comp_id 
_struct_conn.ptnr2_auth_seq_id 
_struct_conn.ptnr2_symmetry 
_struct_conn.pdbx_ptnr3_label_atom_id 
_struct_conn.pdbx_ptnr3_label_seq_id 
_struct_conn.pdbx_ptnr3_label_comp_id 
_struct_conn.pdbx_ptnr3_label_asym_id 
_struct_conn.pdbx_ptnr3_label_alt_id 
_struct_conn.pdbx_ptnr3_PDB_ins_code 
_struct_conn.details 
_struct_conn.pdbx_dist_value 
_struct_conn.pdbx_value_order 
_struct_conn.pdbx_role 
disulf1  disulf ?    ? A CYS 23 SG A ? ? 1_555 B CYS 23 SG ? ? A CYS 2  B CYS 2  2_656 ? ? ? ? ? ? ? 2.167 ? ? 
covale1  covale both ? A GLY 21 C  ? ? ? 1_555 A MSE 22 N  ? ? A GLY 0  A MSE 1  1_555 ? ? ? ? ? ? ? 1.309 ? ? 
covale2  covale both ? A MSE 22 C  ? ? ? 1_555 A CYS 23 N  A ? A MSE 1  A CYS 2  1_555 ? ? ? ? ? ? ? 1.348 ? ? 
covale3  covale both ? A MSE 22 C  ? ? ? 1_555 A CYS 23 N  B ? A MSE 1  A CYS 2  1_555 ? ? ? ? ? ? ? 1.328 ? ? 
covale4  covale both ? A LEU 55 C  ? ? ? 1_555 A MSE 56 N  ? ? A LEU 34 A MSE 35 1_555 ? ? ? ? ? ? ? 1.330 ? ? 
covale5  covale both ? A MSE 56 C  ? ? ? 1_555 A THR 57 N  ? ? A MSE 35 A THR 36 1_555 ? ? ? ? ? ? ? 1.329 ? ? 
covale6  covale both ? A VAL 73 C  ? ? ? 1_555 A MSE 74 N  ? ? A VAL 52 A MSE 53 1_555 ? ? ? ? ? ? ? 1.331 ? ? 
covale7  covale both ? A MSE 74 C  ? ? ? 1_555 A ASN 75 N  ? ? A MSE 53 A ASN 54 1_555 ? ? ? ? ? ? ? 1.333 ? ? 
covale8  covale both ? B GLY 21 C  ? ? ? 1_555 B MSE 22 N  ? ? B GLY 0  B MSE 1  1_555 ? ? ? ? ? ? ? 1.328 ? ? 
covale9  covale both ? B MSE 22 C  ? ? ? 1_555 B CYS 23 N  ? ? B MSE 1  B CYS 2  1_555 ? ? ? ? ? ? ? 1.344 ? ? 
covale10 covale both ? B LEU 55 C  ? ? ? 1_555 B MSE 56 N  ? ? B LEU 34 B MSE 35 1_555 ? ? ? ? ? ? ? 1.346 ? ? 
covale11 covale both ? B MSE 56 C  ? ? ? 1_555 B THR 57 N  ? ? B MSE 35 B THR 36 1_555 ? ? ? ? ? ? ? 1.336 ? ? 
covale12 covale both ? B VAL 73 C  ? ? ? 1_555 B MSE 74 N  ? ? B VAL 52 B MSE 53 1_555 ? ? ? ? ? ? ? 1.339 ? ? 
covale13 covale both ? B MSE 74 C  ? ? ? 1_555 B ASN 75 N  ? ? B MSE 53 B ASN 54 1_555 ? ? ? ? ? ? ? 1.334 ? ? 
# 
loop_
_struct_conn_type.id 
_struct_conn_type.criteria 
_struct_conn_type.reference 
disulf ? ? 
covale ? ? 
# 
loop_
_pdbx_modification_feature.ordinal 
_pdbx_modification_feature.label_comp_id 
_pdbx_modification_feature.label_asym_id 
_pdbx_modification_feature.label_seq_id 
_pdbx_modification_feature.label_alt_id 
_pdbx_modification_feature.modified_residue_label_comp_id 
_pdbx_modification_feature.modified_residue_label_asym_id 
_pdbx_modification_feature.modified_residue_label_seq_id 
_pdbx_modification_feature.modified_residue_label_alt_id 
_pdbx_modification_feature.auth_comp_id 
_pdbx_modification_feature.auth_asym_id 
_pdbx_modification_feature.auth_seq_id 
_pdbx_modification_feature.PDB_ins_code 
_pdbx_modification_feature.symmetry 
_pdbx_modification_feature.modified_residue_auth_comp_id 
_pdbx_modification_feature.modified_residue_auth_asym_id 
_pdbx_modification_feature.modified_residue_auth_seq_id 
_pdbx_modification_feature.modified_residue_PDB_ins_code 
_pdbx_modification_feature.modified_residue_symmetry 
_pdbx_modification_feature.comp_id_linking_atom 
_pdbx_modification_feature.modified_residue_id_linking_atom 
_pdbx_modification_feature.modified_residue_id 
_pdbx_modification_feature.ref_pcm_id 
_pdbx_modification_feature.ref_comp_id 
_pdbx_modification_feature.type 
_pdbx_modification_feature.category 
1 MSE A 22 ? .   . .  . MSE A 1  ? 1_555 .   . . . .     .  .  MET 1 MSE Selenomethionine 'Named protein modification' 
2 MSE A 56 ? .   . .  . MSE A 35 ? 1_555 .   . . . .     .  .  MET 1 MSE Selenomethionine 'Named protein modification' 
3 MSE A 74 ? .   . .  . MSE A 53 ? 1_555 .   . . . .     .  .  MET 1 MSE Selenomethionine 'Named protein modification' 
4 MSE B 22 ? .   . .  . MSE B 1  ? 1_555 .   . . . .     .  .  MET 1 MSE Selenomethionine 'Named protein modification' 
5 MSE B 56 ? .   . .  . MSE B 35 ? 1_555 .   . . . .     .  .  MET 1 MSE Selenomethionine 'Named protein modification' 
6 MSE B 74 ? .   . .  . MSE B 53 ? 1_555 .   . . . .     .  .  MET 1 MSE Selenomethionine 'Named protein modification' 
7 CYS A 23 A CYS B 23 ? CYS A 2  ? 1_555 CYS B 2 ? 2_656 SG SG .   . .   None             'Disulfide bridge'           
# 
loop_
_struct_sheet.id 
_struct_sheet.type 
_struct_sheet.number_strands 
_struct_sheet.details 
A ? 2 ? 
B ? 8 ? 
# 
loop_
_struct_sheet_order.sheet_id 
_struct_sheet_order.range_id_1 
_struct_sheet_order.range_id_2 
_struct_sheet_order.offset 
_struct_sheet_order.sense 
A 1 2 ? anti-parallel 
B 1 2 ? anti-parallel 
B 2 3 ? anti-parallel 
B 3 4 ? anti-parallel 
B 4 5 ? anti-parallel 
B 5 6 ? anti-parallel 
B 6 7 ? anti-parallel 
B 7 8 ? anti-parallel 
# 
loop_
_struct_sheet_range.sheet_id 
_struct_sheet_range.id 
_struct_sheet_range.beg_label_comp_id 
_struct_sheet_range.beg_label_asym_id 
_struct_sheet_range.beg_label_seq_id 
_struct_sheet_range.pdbx_beg_PDB_ins_code 
_struct_sheet_range.end_label_comp_id 
_struct_sheet_range.end_label_asym_id 
_struct_sheet_range.end_label_seq_id 
_struct_sheet_range.pdbx_end_PDB_ins_code 
_struct_sheet_range.beg_auth_comp_id 
_struct_sheet_range.beg_auth_asym_id 
_struct_sheet_range.beg_auth_seq_id 
_struct_sheet_range.end_auth_comp_id 
_struct_sheet_range.end_auth_asym_id 
_struct_sheet_range.end_auth_seq_id 
A 1 TYR A 18 ? GLN A 20 ? TYR A -3 GLN A -1 
A 2 CYS A 23 ? LEU A 24 ? CYS A 2  LEU A 3  
B 1 VAL A 47 ? SER A 52 ? VAL A 26 SER A 31 
B 2 SER A 39 ? THR A 44 ? SER A 18 THR A 23 
B 3 SER A 28 ? ASP A 34 ? SER A 7  ASP A 13 
B 4 TYR A 65 ? ILE A 77 ? TYR A 44 ILE A 56 
B 5 TYR B 65 ? ILE B 77 ? TYR B 44 ILE B 56 
B 6 SER B 28 ? ASP B 34 ? SER B 7  ASP B 13 
B 7 SER B 39 ? THR B 44 ? SER B 18 THR B 23 
B 8 VAL B 47 ? SER B 52 ? VAL B 26 SER B 31 
# 
loop_
_pdbx_struct_sheet_hbond.sheet_id 
_pdbx_struct_sheet_hbond.range_id_1 
_pdbx_struct_sheet_hbond.range_id_2 
_pdbx_struct_sheet_hbond.range_1_label_atom_id 
_pdbx_struct_sheet_hbond.range_1_label_comp_id 
_pdbx_struct_sheet_hbond.range_1_label_asym_id 
_pdbx_struct_sheet_hbond.range_1_label_seq_id 
_pdbx_struct_sheet_hbond.range_1_PDB_ins_code 
_pdbx_struct_sheet_hbond.range_1_auth_atom_id 
_pdbx_struct_sheet_hbond.range_1_auth_comp_id 
_pdbx_struct_sheet_hbond.range_1_auth_asym_id 
_pdbx_struct_sheet_hbond.range_1_auth_seq_id 
_pdbx_struct_sheet_hbond.range_2_label_atom_id 
_pdbx_struct_sheet_hbond.range_2_label_comp_id 
_pdbx_struct_sheet_hbond.range_2_label_asym_id 
_pdbx_struct_sheet_hbond.range_2_label_seq_id 
_pdbx_struct_sheet_hbond.range_2_PDB_ins_code 
_pdbx_struct_sheet_hbond.range_2_auth_atom_id 
_pdbx_struct_sheet_hbond.range_2_auth_comp_id 
_pdbx_struct_sheet_hbond.range_2_auth_asym_id 
_pdbx_struct_sheet_hbond.range_2_auth_seq_id 
A 1 2 N GLN A 20 ? N GLN A -1 O CYS A 23 ? O CYS A 2  
B 1 2 O VAL A 51 ? O VAL A 30 N VAL A 40 ? N VAL A 19 
B 2 3 O THR A 41 ? O THR A 20 N VAL A 31 ? N VAL A 10 
B 3 4 N SER A 28 ? N SER A 7  O VAL A 66 ? O VAL A 45 
B 4 5 N HIS A 69 ? N HIS A 48 O VAL B 73 ? O VAL B 52 
B 5 6 O VAL B 66 ? O VAL B 45 N SER B 28 ? N SER B 7  
B 6 7 N ASP B 34 ? N ASP B 13 O SER B 39 ? O SER B 18 
B 7 8 N VAL B 40 ? N VAL B 19 O VAL B 51 ? O VAL B 30 
# 
_pdbx_entry_details.entry_id                   3D3R 
_pdbx_entry_details.compound_details           ? 
_pdbx_entry_details.source_details             ? 
_pdbx_entry_details.nonpolymer_details         ? 
_pdbx_entry_details.sequence_details           ? 
_pdbx_entry_details.has_ligand_of_interest     ? 
_pdbx_entry_details.has_protein_modification   Y 
# 
loop_
_pdbx_validate_rmsd_angle.id 
_pdbx_validate_rmsd_angle.PDB_model_num 
_pdbx_validate_rmsd_angle.auth_atom_id_1 
_pdbx_validate_rmsd_angle.auth_asym_id_1 
_pdbx_validate_rmsd_angle.auth_comp_id_1 
_pdbx_validate_rmsd_angle.auth_seq_id_1 
_pdbx_validate_rmsd_angle.PDB_ins_code_1 
_pdbx_validate_rmsd_angle.label_alt_id_1 
_pdbx_validate_rmsd_angle.auth_atom_id_2 
_pdbx_validate_rmsd_angle.auth_asym_id_2 
_pdbx_validate_rmsd_angle.auth_comp_id_2 
_pdbx_validate_rmsd_angle.auth_seq_id_2 
_pdbx_validate_rmsd_angle.PDB_ins_code_2 
_pdbx_validate_rmsd_angle.label_alt_id_2 
_pdbx_validate_rmsd_angle.auth_atom_id_3 
_pdbx_validate_rmsd_angle.auth_asym_id_3 
_pdbx_validate_rmsd_angle.auth_comp_id_3 
_pdbx_validate_rmsd_angle.auth_seq_id_3 
_pdbx_validate_rmsd_angle.PDB_ins_code_3 
_pdbx_validate_rmsd_angle.label_alt_id_3 
_pdbx_validate_rmsd_angle.angle_value 
_pdbx_validate_rmsd_angle.angle_target_value 
_pdbx_validate_rmsd_angle.angle_deviation 
_pdbx_validate_rmsd_angle.angle_standard_deviation 
_pdbx_validate_rmsd_angle.linker_flag 
1 1 CG A ARG 28 ? ? CD A ARG 28 ? ? NE  A ARG 28 ? ? 98.92  111.80 -12.88 2.10 N 
2 1 NE A ARG 28 ? ? CZ A ARG 28 ? ? NH1 A ARG 28 ? ? 116.11 120.30 -4.19  0.50 N 
3 1 NE A ARG 58 ? B CZ A ARG 58 ? B NH2 A ARG 58 ? B 123.39 120.30 3.09   0.50 N 
# 
_pdbx_SG_project.id                    1 
_pdbx_SG_project.project_name          'PSI, Protein Structure Initiative' 
_pdbx_SG_project.full_name_of_center   'Midwest Center for Structural Genomics' 
_pdbx_SG_project.initial_of_center     MCSG 
# 
loop_
_pdbx_struct_mod_residue.id 
_pdbx_struct_mod_residue.label_asym_id 
_pdbx_struct_mod_residue.label_comp_id 
_pdbx_struct_mod_residue.label_seq_id 
_pdbx_struct_mod_residue.auth_asym_id 
_pdbx_struct_mod_residue.auth_comp_id 
_pdbx_struct_mod_residue.auth_seq_id 
_pdbx_struct_mod_residue.PDB_ins_code 
_pdbx_struct_mod_residue.parent_comp_id 
_pdbx_struct_mod_residue.details 
1 A MSE 22 A MSE 1  ? MET SELENOMETHIONINE 
2 A MSE 56 A MSE 35 ? MET SELENOMETHIONINE 
3 A MSE 74 A MSE 53 ? MET SELENOMETHIONINE 
4 B MSE 22 B MSE 1  ? MET SELENOMETHIONINE 
5 B MSE 56 B MSE 35 ? MET SELENOMETHIONINE 
6 B MSE 74 B MSE 53 ? MET SELENOMETHIONINE 
# 
_pdbx_struct_special_symmetry.id              1 
_pdbx_struct_special_symmetry.PDB_model_num   1 
_pdbx_struct_special_symmetry.auth_asym_id    B 
_pdbx_struct_special_symmetry.auth_comp_id    HOH 
_pdbx_struct_special_symmetry.auth_seq_id     96 
_pdbx_struct_special_symmetry.PDB_ins_code    ? 
_pdbx_struct_special_symmetry.label_asym_id   D 
_pdbx_struct_special_symmetry.label_comp_id   HOH 
_pdbx_struct_special_symmetry.label_seq_id    . 
# 
loop_
_pdbx_refine_tls.id 
_pdbx_refine_tls.details 
_pdbx_refine_tls.method 
_pdbx_refine_tls.origin_x 
_pdbx_refine_tls.origin_y 
_pdbx_refine_tls.origin_z 
_pdbx_refine_tls.T[1][1] 
_pdbx_refine_tls.T[2][2] 
_pdbx_refine_tls.T[3][3] 
_pdbx_refine_tls.T[1][2] 
_pdbx_refine_tls.T[1][3] 
_pdbx_refine_tls.T[2][3] 
_pdbx_refine_tls.L[1][1] 
_pdbx_refine_tls.L[2][2] 
_pdbx_refine_tls.L[3][3] 
_pdbx_refine_tls.L[1][2] 
_pdbx_refine_tls.L[1][3] 
_pdbx_refine_tls.L[2][3] 
_pdbx_refine_tls.S[1][1] 
_pdbx_refine_tls.S[1][2] 
_pdbx_refine_tls.S[1][3] 
_pdbx_refine_tls.S[2][1] 
_pdbx_refine_tls.S[2][2] 
_pdbx_refine_tls.S[2][3] 
_pdbx_refine_tls.S[3][1] 
_pdbx_refine_tls.S[3][2] 
_pdbx_refine_tls.S[3][3] 
_pdbx_refine_tls.pdbx_refine_id 
1 ? refined 4.3963  0.0891  0.3006  -0.0016 -0.0382 -0.0371 -0.0023 0.0071  -0.0150 0.2424 0.2159 0.4840 0.0539 -0.0449 -0.2884 0.0320 0.0036 -0.0115 -0.0060 -0.0287 -0.0244 -0.0260 0.0046  -0.0033 'X-RAY DIFFRACTION' 
2 ? refined -4.0172 -0.4961 -0.0104 -0.0044 -0.0345 -0.0370 -0.0180 -0.0019 -0.0120 0.1402 0.9886 0.1876 0.0475 0.0080  -0.3645 0.0375 0.0074 -0.0030 0.0226  -0.0255 -0.0131 -0.0064 -0.0227 -0.0120 'X-RAY DIFFRACTION' 
# 
loop_
_pdbx_refine_tls_group.id 
_pdbx_refine_tls_group.refine_tls_id 
_pdbx_refine_tls_group.beg_auth_asym_id 
_pdbx_refine_tls_group.beg_auth_seq_id 
_pdbx_refine_tls_group.beg_label_asym_id 
_pdbx_refine_tls_group.beg_label_seq_id 
_pdbx_refine_tls_group.end_auth_asym_id 
_pdbx_refine_tls_group.end_auth_seq_id 
_pdbx_refine_tls_group.end_label_asym_id 
_pdbx_refine_tls_group.end_label_seq_id 
_pdbx_refine_tls_group.selection 
_pdbx_refine_tls_group.pdbx_refine_id 
_pdbx_refine_tls_group.selection_details 
1 1 A -4 A 17 A 76 A 97 ? 'X-RAY DIFFRACTION' ? 
2 2 B -3 B 18 B 76 B 97 ? 'X-RAY DIFFRACTION' ? 
# 
loop_
_pdbx_unobs_or_zero_occ_residues.id 
_pdbx_unobs_or_zero_occ_residues.PDB_model_num 
_pdbx_unobs_or_zero_occ_residues.polymer_flag 
_pdbx_unobs_or_zero_occ_residues.occupancy_flag 
_pdbx_unobs_or_zero_occ_residues.auth_asym_id 
_pdbx_unobs_or_zero_occ_residues.auth_comp_id 
_pdbx_unobs_or_zero_occ_residues.auth_seq_id 
_pdbx_unobs_or_zero_occ_residues.PDB_ins_code 
_pdbx_unobs_or_zero_occ_residues.label_asym_id 
_pdbx_unobs_or_zero_occ_residues.label_comp_id 
_pdbx_unobs_or_zero_occ_residues.label_seq_id 
1  1 Y 1 A MSE -20 ? A MSE 1   
2  1 Y 1 A GLY -19 ? A GLY 2   
3  1 Y 1 A SER -18 ? A SER 3   
4  1 Y 1 A SER -17 ? A SER 4   
5  1 Y 1 A HIS -16 ? A HIS 5   
6  1 Y 1 A HIS -15 ? A HIS 6   
7  1 Y 1 A HIS -14 ? A HIS 7   
8  1 Y 1 A HIS -13 ? A HIS 8   
9  1 Y 1 A HIS -12 ? A HIS 9   
10 1 Y 1 A HIS -11 ? A HIS 10  
11 1 Y 1 A SER -10 ? A SER 11  
12 1 Y 1 A SER -9  ? A SER 12  
13 1 Y 1 A GLY -8  ? A GLY 13  
14 1 Y 1 A ARG -7  ? A ARG 14  
15 1 Y 1 A ASN 77  ? A ASN 98  
16 1 Y 1 A GLU 78  ? A GLU 99  
17 1 Y 1 A THR 79  ? A THR 100 
18 1 Y 1 A THR 80  ? A THR 101 
19 1 Y 1 A GLY 81  ? A GLY 102 
20 1 Y 1 A SER 82  ? A SER 103 
21 1 Y 1 B MSE -20 ? B MSE 1   
22 1 Y 1 B GLY -19 ? B GLY 2   
23 1 Y 1 B SER -18 ? B SER 3   
24 1 Y 1 B SER -17 ? B SER 4   
25 1 Y 1 B HIS -16 ? B HIS 5   
26 1 Y 1 B HIS -15 ? B HIS 6   
27 1 Y 1 B HIS -14 ? B HIS 7   
28 1 Y 1 B HIS -13 ? B HIS 8   
29 1 Y 1 B HIS -12 ? B HIS 9   
30 1 Y 1 B HIS -11 ? B HIS 10  
31 1 Y 1 B SER -10 ? B SER 11  
32 1 Y 1 B SER -9  ? B SER 12  
33 1 Y 1 B GLY -8  ? B GLY 13  
34 1 Y 1 B ARG -7  ? B ARG 14  
35 1 Y 1 B GLU -6  ? B GLU 15  
36 1 Y 1 B ASN -5  ? B ASN 16  
37 1 Y 1 B LEU -4  ? B LEU 17  
38 1 Y 1 B ASN 77  ? B ASN 98  
39 1 Y 1 B GLU 78  ? B GLU 99  
40 1 Y 1 B THR 79  ? B THR 100 
41 1 Y 1 B THR 80  ? B THR 101 
42 1 Y 1 B GLY 81  ? B GLY 102 
43 1 Y 1 B SER 82  ? B SER 103 
# 
loop_
_chem_comp_atom.comp_id 
_chem_comp_atom.atom_id 
_chem_comp_atom.type_symbol 
_chem_comp_atom.pdbx_aromatic_flag 
_chem_comp_atom.pdbx_stereo_config 
_chem_comp_atom.pdbx_ordinal 
ALA N    N  N N 1   
ALA CA   C  N S 2   
ALA C    C  N N 3   
ALA O    O  N N 4   
ALA CB   C  N N 5   
ALA OXT  O  N N 6   
ALA H    H  N N 7   
ALA H2   H  N N 8   
ALA HA   H  N N 9   
ALA HB1  H  N N 10  
ALA HB2  H  N N 11  
ALA HB3  H  N N 12  
ALA HXT  H  N N 13  
ARG N    N  N N 14  
ARG CA   C  N S 15  
ARG C    C  N N 16  
ARG O    O  N N 17  
ARG CB   C  N N 18  
ARG CG   C  N N 19  
ARG CD   C  N N 20  
ARG NE   N  N N 21  
ARG CZ   C  N N 22  
ARG NH1  N  N N 23  
ARG NH2  N  N N 24  
ARG OXT  O  N N 25  
ARG H    H  N N 26  
ARG H2   H  N N 27  
ARG HA   H  N N 28  
ARG HB2  H  N N 29  
ARG HB3  H  N N 30  
ARG HG2  H  N N 31  
ARG HG3  H  N N 32  
ARG HD2  H  N N 33  
ARG HD3  H  N N 34  
ARG HE   H  N N 35  
ARG HH11 H  N N 36  
ARG HH12 H  N N 37  
ARG HH21 H  N N 38  
ARG HH22 H  N N 39  
ARG HXT  H  N N 40  
ASN N    N  N N 41  
ASN CA   C  N S 42  
ASN C    C  N N 43  
ASN O    O  N N 44  
ASN CB   C  N N 45  
ASN CG   C  N N 46  
ASN OD1  O  N N 47  
ASN ND2  N  N N 48  
ASN OXT  O  N N 49  
ASN H    H  N N 50  
ASN H2   H  N N 51  
ASN HA   H  N N 52  
ASN HB2  H  N N 53  
ASN HB3  H  N N 54  
ASN HD21 H  N N 55  
ASN HD22 H  N N 56  
ASN HXT  H  N N 57  
ASP N    N  N N 58  
ASP CA   C  N S 59  
ASP C    C  N N 60  
ASP O    O  N N 61  
ASP CB   C  N N 62  
ASP CG   C  N N 63  
ASP OD1  O  N N 64  
ASP OD2  O  N N 65  
ASP OXT  O  N N 66  
ASP H    H  N N 67  
ASP H2   H  N N 68  
ASP HA   H  N N 69  
ASP HB2  H  N N 70  
ASP HB3  H  N N 71  
ASP HD2  H  N N 72  
ASP HXT  H  N N 73  
CYS N    N  N N 74  
CYS CA   C  N R 75  
CYS C    C  N N 76  
CYS O    O  N N 77  
CYS CB   C  N N 78  
CYS SG   S  N N 79  
CYS OXT  O  N N 80  
CYS H    H  N N 81  
CYS H2   H  N N 82  
CYS HA   H  N N 83  
CYS HB2  H  N N 84  
CYS HB3  H  N N 85  
CYS HG   H  N N 86  
CYS HXT  H  N N 87  
GLN N    N  N N 88  
GLN CA   C  N S 89  
GLN C    C  N N 90  
GLN O    O  N N 91  
GLN CB   C  N N 92  
GLN CG   C  N N 93  
GLN CD   C  N N 94  
GLN OE1  O  N N 95  
GLN NE2  N  N N 96  
GLN OXT  O  N N 97  
GLN H    H  N N 98  
GLN H2   H  N N 99  
GLN HA   H  N N 100 
GLN HB2  H  N N 101 
GLN HB3  H  N N 102 
GLN HG2  H  N N 103 
GLN HG3  H  N N 104 
GLN HE21 H  N N 105 
GLN HE22 H  N N 106 
GLN HXT  H  N N 107 
GLU N    N  N N 108 
GLU CA   C  N S 109 
GLU C    C  N N 110 
GLU O    O  N N 111 
GLU CB   C  N N 112 
GLU CG   C  N N 113 
GLU CD   C  N N 114 
GLU OE1  O  N N 115 
GLU OE2  O  N N 116 
GLU OXT  O  N N 117 
GLU H    H  N N 118 
GLU H2   H  N N 119 
GLU HA   H  N N 120 
GLU HB2  H  N N 121 
GLU HB3  H  N N 122 
GLU HG2  H  N N 123 
GLU HG3  H  N N 124 
GLU HE2  H  N N 125 
GLU HXT  H  N N 126 
GLY N    N  N N 127 
GLY CA   C  N N 128 
GLY C    C  N N 129 
GLY O    O  N N 130 
GLY OXT  O  N N 131 
GLY H    H  N N 132 
GLY H2   H  N N 133 
GLY HA2  H  N N 134 
GLY HA3  H  N N 135 
GLY HXT  H  N N 136 
HIS N    N  N N 137 
HIS CA   C  N S 138 
HIS C    C  N N 139 
HIS O    O  N N 140 
HIS CB   C  N N 141 
HIS CG   C  Y N 142 
HIS ND1  N  Y N 143 
HIS CD2  C  Y N 144 
HIS CE1  C  Y N 145 
HIS NE2  N  Y N 146 
HIS OXT  O  N N 147 
HIS H    H  N N 148 
HIS H2   H  N N 149 
HIS HA   H  N N 150 
HIS HB2  H  N N 151 
HIS HB3  H  N N 152 
HIS HD1  H  N N 153 
HIS HD2  H  N N 154 
HIS HE1  H  N N 155 
HIS HE2  H  N N 156 
HIS HXT  H  N N 157 
HOH O    O  N N 158 
HOH H1   H  N N 159 
HOH H2   H  N N 160 
ILE N    N  N N 161 
ILE CA   C  N S 162 
ILE C    C  N N 163 
ILE O    O  N N 164 
ILE CB   C  N S 165 
ILE CG1  C  N N 166 
ILE CG2  C  N N 167 
ILE CD1  C  N N 168 
ILE OXT  O  N N 169 
ILE H    H  N N 170 
ILE H2   H  N N 171 
ILE HA   H  N N 172 
ILE HB   H  N N 173 
ILE HG12 H  N N 174 
ILE HG13 H  N N 175 
ILE HG21 H  N N 176 
ILE HG22 H  N N 177 
ILE HG23 H  N N 178 
ILE HD11 H  N N 179 
ILE HD12 H  N N 180 
ILE HD13 H  N N 181 
ILE HXT  H  N N 182 
LEU N    N  N N 183 
LEU CA   C  N S 184 
LEU C    C  N N 185 
LEU O    O  N N 186 
LEU CB   C  N N 187 
LEU CG   C  N N 188 
LEU CD1  C  N N 189 
LEU CD2  C  N N 190 
LEU OXT  O  N N 191 
LEU H    H  N N 192 
LEU H2   H  N N 193 
LEU HA   H  N N 194 
LEU HB2  H  N N 195 
LEU HB3  H  N N 196 
LEU HG   H  N N 197 
LEU HD11 H  N N 198 
LEU HD12 H  N N 199 
LEU HD13 H  N N 200 
LEU HD21 H  N N 201 
LEU HD22 H  N N 202 
LEU HD23 H  N N 203 
LEU HXT  H  N N 204 
LYS N    N  N N 205 
LYS CA   C  N S 206 
LYS C    C  N N 207 
LYS O    O  N N 208 
LYS CB   C  N N 209 
LYS CG   C  N N 210 
LYS CD   C  N N 211 
LYS CE   C  N N 212 
LYS NZ   N  N N 213 
LYS OXT  O  N N 214 
LYS H    H  N N 215 
LYS H2   H  N N 216 
LYS HA   H  N N 217 
LYS HB2  H  N N 218 
LYS HB3  H  N N 219 
LYS HG2  H  N N 220 
LYS HG3  H  N N 221 
LYS HD2  H  N N 222 
LYS HD3  H  N N 223 
LYS HE2  H  N N 224 
LYS HE3  H  N N 225 
LYS HZ1  H  N N 226 
LYS HZ2  H  N N 227 
LYS HZ3  H  N N 228 
LYS HXT  H  N N 229 
MSE N    N  N N 230 
MSE CA   C  N S 231 
MSE C    C  N N 232 
MSE O    O  N N 233 
MSE OXT  O  N N 234 
MSE CB   C  N N 235 
MSE CG   C  N N 236 
MSE SE   SE N N 237 
MSE CE   C  N N 238 
MSE H    H  N N 239 
MSE H2   H  N N 240 
MSE HA   H  N N 241 
MSE HXT  H  N N 242 
MSE HB2  H  N N 243 
MSE HB3  H  N N 244 
MSE HG2  H  N N 245 
MSE HG3  H  N N 246 
MSE HE1  H  N N 247 
MSE HE2  H  N N 248 
MSE HE3  H  N N 249 
PHE N    N  N N 250 
PHE CA   C  N S 251 
PHE C    C  N N 252 
PHE O    O  N N 253 
PHE CB   C  N N 254 
PHE CG   C  Y N 255 
PHE CD1  C  Y N 256 
PHE CD2  C  Y N 257 
PHE CE1  C  Y N 258 
PHE CE2  C  Y N 259 
PHE CZ   C  Y N 260 
PHE OXT  O  N N 261 
PHE H    H  N N 262 
PHE H2   H  N N 263 
PHE HA   H  N N 264 
PHE HB2  H  N N 265 
PHE HB3  H  N N 266 
PHE HD1  H  N N 267 
PHE HD2  H  N N 268 
PHE HE1  H  N N 269 
PHE HE2  H  N N 270 
PHE HZ   H  N N 271 
PHE HXT  H  N N 272 
PRO N    N  N N 273 
PRO CA   C  N S 274 
PRO C    C  N N 275 
PRO O    O  N N 276 
PRO CB   C  N N 277 
PRO CG   C  N N 278 
PRO CD   C  N N 279 
PRO OXT  O  N N 280 
PRO H    H  N N 281 
PRO HA   H  N N 282 
PRO HB2  H  N N 283 
PRO HB3  H  N N 284 
PRO HG2  H  N N 285 
PRO HG3  H  N N 286 
PRO HD2  H  N N 287 
PRO HD3  H  N N 288 
PRO HXT  H  N N 289 
SER N    N  N N 290 
SER CA   C  N S 291 
SER C    C  N N 292 
SER O    O  N N 293 
SER CB   C  N N 294 
SER OG   O  N N 295 
SER OXT  O  N N 296 
SER H    H  N N 297 
SER H2   H  N N 298 
SER HA   H  N N 299 
SER HB2  H  N N 300 
SER HB3  H  N N 301 
SER HG   H  N N 302 
SER HXT  H  N N 303 
THR N    N  N N 304 
THR CA   C  N S 305 
THR C    C  N N 306 
THR O    O  N N 307 
THR CB   C  N R 308 
THR OG1  O  N N 309 
THR CG2  C  N N 310 
THR OXT  O  N N 311 
THR H    H  N N 312 
THR H2   H  N N 313 
THR HA   H  N N 314 
THR HB   H  N N 315 
THR HG1  H  N N 316 
THR HG21 H  N N 317 
THR HG22 H  N N 318 
THR HG23 H  N N 319 
THR HXT  H  N N 320 
TYR N    N  N N 321 
TYR CA   C  N S 322 
TYR C    C  N N 323 
TYR O    O  N N 324 
TYR CB   C  N N 325 
TYR CG   C  Y N 326 
TYR CD1  C  Y N 327 
TYR CD2  C  Y N 328 
TYR CE1  C  Y N 329 
TYR CE2  C  Y N 330 
TYR CZ   C  Y N 331 
TYR OH   O  N N 332 
TYR OXT  O  N N 333 
TYR H    H  N N 334 
TYR H2   H  N N 335 
TYR HA   H  N N 336 
TYR HB2  H  N N 337 
TYR HB3  H  N N 338 
TYR HD1  H  N N 339 
TYR HD2  H  N N 340 
TYR HE1  H  N N 341 
TYR HE2  H  N N 342 
TYR HH   H  N N 343 
TYR HXT  H  N N 344 
VAL N    N  N N 345 
VAL CA   C  N S 346 
VAL C    C  N N 347 
VAL O    O  N N 348 
VAL CB   C  N N 349 
VAL CG1  C  N N 350 
VAL CG2  C  N N 351 
VAL OXT  O  N N 352 
VAL H    H  N N 353 
VAL H2   H  N N 354 
VAL HA   H  N N 355 
VAL HB   H  N N 356 
VAL HG11 H  N N 357 
VAL HG12 H  N N 358 
VAL HG13 H  N N 359 
VAL HG21 H  N N 360 
VAL HG22 H  N N 361 
VAL HG23 H  N N 362 
VAL HXT  H  N N 363 
# 
loop_
_chem_comp_bond.comp_id 
_chem_comp_bond.atom_id_1 
_chem_comp_bond.atom_id_2 
_chem_comp_bond.value_order 
_chem_comp_bond.pdbx_aromatic_flag 
_chem_comp_bond.pdbx_stereo_config 
_chem_comp_bond.pdbx_ordinal 
ALA N   CA   sing N N 1   
ALA N   H    sing N N 2   
ALA N   H2   sing N N 3   
ALA CA  C    sing N N 4   
ALA CA  CB   sing N N 5   
ALA CA  HA   sing N N 6   
ALA C   O    doub N N 7   
ALA C   OXT  sing N N 8   
ALA CB  HB1  sing N N 9   
ALA CB  HB2  sing N N 10  
ALA CB  HB3  sing N N 11  
ALA OXT HXT  sing N N 12  
ARG N   CA   sing N N 13  
ARG N   H    sing N N 14  
ARG N   H2   sing N N 15  
ARG CA  C    sing N N 16  
ARG CA  CB   sing N N 17  
ARG CA  HA   sing N N 18  
ARG C   O    doub N N 19  
ARG C   OXT  sing N N 20  
ARG CB  CG   sing N N 21  
ARG CB  HB2  sing N N 22  
ARG CB  HB3  sing N N 23  
ARG CG  CD   sing N N 24  
ARG CG  HG2  sing N N 25  
ARG CG  HG3  sing N N 26  
ARG CD  NE   sing N N 27  
ARG CD  HD2  sing N N 28  
ARG CD  HD3  sing N N 29  
ARG NE  CZ   sing N N 30  
ARG NE  HE   sing N N 31  
ARG CZ  NH1  sing N N 32  
ARG CZ  NH2  doub N N 33  
ARG NH1 HH11 sing N N 34  
ARG NH1 HH12 sing N N 35  
ARG NH2 HH21 sing N N 36  
ARG NH2 HH22 sing N N 37  
ARG OXT HXT  sing N N 38  
ASN N   CA   sing N N 39  
ASN N   H    sing N N 40  
ASN N   H2   sing N N 41  
ASN CA  C    sing N N 42  
ASN CA  CB   sing N N 43  
ASN CA  HA   sing N N 44  
ASN C   O    doub N N 45  
ASN C   OXT  sing N N 46  
ASN CB  CG   sing N N 47  
ASN CB  HB2  sing N N 48  
ASN CB  HB3  sing N N 49  
ASN CG  OD1  doub N N 50  
ASN CG  ND2  sing N N 51  
ASN ND2 HD21 sing N N 52  
ASN ND2 HD22 sing N N 53  
ASN OXT HXT  sing N N 54  
ASP N   CA   sing N N 55  
ASP N   H    sing N N 56  
ASP N   H2   sing N N 57  
ASP CA  C    sing N N 58  
ASP CA  CB   sing N N 59  
ASP CA  HA   sing N N 60  
ASP C   O    doub N N 61  
ASP C   OXT  sing N N 62  
ASP CB  CG   sing N N 63  
ASP CB  HB2  sing N N 64  
ASP CB  HB3  sing N N 65  
ASP CG  OD1  doub N N 66  
ASP CG  OD2  sing N N 67  
ASP OD2 HD2  sing N N 68  
ASP OXT HXT  sing N N 69  
CYS N   CA   sing N N 70  
CYS N   H    sing N N 71  
CYS N   H2   sing N N 72  
CYS CA  C    sing N N 73  
CYS CA  CB   sing N N 74  
CYS CA  HA   sing N N 75  
CYS C   O    doub N N 76  
CYS C   OXT  sing N N 77  
CYS CB  SG   sing N N 78  
CYS CB  HB2  sing N N 79  
CYS CB  HB3  sing N N 80  
CYS SG  HG   sing N N 81  
CYS OXT HXT  sing N N 82  
GLN N   CA   sing N N 83  
GLN N   H    sing N N 84  
GLN N   H2   sing N N 85  
GLN CA  C    sing N N 86  
GLN CA  CB   sing N N 87  
GLN CA  HA   sing N N 88  
GLN C   O    doub N N 89  
GLN C   OXT  sing N N 90  
GLN CB  CG   sing N N 91  
GLN CB  HB2  sing N N 92  
GLN CB  HB3  sing N N 93  
GLN CG  CD   sing N N 94  
GLN CG  HG2  sing N N 95  
GLN CG  HG3  sing N N 96  
GLN CD  OE1  doub N N 97  
GLN CD  NE2  sing N N 98  
GLN NE2 HE21 sing N N 99  
GLN NE2 HE22 sing N N 100 
GLN OXT HXT  sing N N 101 
GLU N   CA   sing N N 102 
GLU N   H    sing N N 103 
GLU N   H2   sing N N 104 
GLU CA  C    sing N N 105 
GLU CA  CB   sing N N 106 
GLU CA  HA   sing N N 107 
GLU C   O    doub N N 108 
GLU C   OXT  sing N N 109 
GLU CB  CG   sing N N 110 
GLU CB  HB2  sing N N 111 
GLU CB  HB3  sing N N 112 
GLU CG  CD   sing N N 113 
GLU CG  HG2  sing N N 114 
GLU CG  HG3  sing N N 115 
GLU CD  OE1  doub N N 116 
GLU CD  OE2  sing N N 117 
GLU OE2 HE2  sing N N 118 
GLU OXT HXT  sing N N 119 
GLY N   CA   sing N N 120 
GLY N   H    sing N N 121 
GLY N   H2   sing N N 122 
GLY CA  C    sing N N 123 
GLY CA  HA2  sing N N 124 
GLY CA  HA3  sing N N 125 
GLY C   O    doub N N 126 
GLY C   OXT  sing N N 127 
GLY OXT HXT  sing N N 128 
HIS N   CA   sing N N 129 
HIS N   H    sing N N 130 
HIS N   H2   sing N N 131 
HIS CA  C    sing N N 132 
HIS CA  CB   sing N N 133 
HIS CA  HA   sing N N 134 
HIS C   O    doub N N 135 
HIS C   OXT  sing N N 136 
HIS CB  CG   sing N N 137 
HIS CB  HB2  sing N N 138 
HIS CB  HB3  sing N N 139 
HIS CG  ND1  sing Y N 140 
HIS CG  CD2  doub Y N 141 
HIS ND1 CE1  doub Y N 142 
HIS ND1 HD1  sing N N 143 
HIS CD2 NE2  sing Y N 144 
HIS CD2 HD2  sing N N 145 
HIS CE1 NE2  sing Y N 146 
HIS CE1 HE1  sing N N 147 
HIS NE2 HE2  sing N N 148 
HIS OXT HXT  sing N N 149 
HOH O   H1   sing N N 150 
HOH O   H2   sing N N 151 
ILE N   CA   sing N N 152 
ILE N   H    sing N N 153 
ILE N   H2   sing N N 154 
ILE CA  C    sing N N 155 
ILE CA  CB   sing N N 156 
ILE CA  HA   sing N N 157 
ILE C   O    doub N N 158 
ILE C   OXT  sing N N 159 
ILE CB  CG1  sing N N 160 
ILE CB  CG2  sing N N 161 
ILE CB  HB   sing N N 162 
ILE CG1 CD1  sing N N 163 
ILE CG1 HG12 sing N N 164 
ILE CG1 HG13 sing N N 165 
ILE CG2 HG21 sing N N 166 
ILE CG2 HG22 sing N N 167 
ILE CG2 HG23 sing N N 168 
ILE CD1 HD11 sing N N 169 
ILE CD1 HD12 sing N N 170 
ILE CD1 HD13 sing N N 171 
ILE OXT HXT  sing N N 172 
LEU N   CA   sing N N 173 
LEU N   H    sing N N 174 
LEU N   H2   sing N N 175 
LEU CA  C    sing N N 176 
LEU CA  CB   sing N N 177 
LEU CA  HA   sing N N 178 
LEU C   O    doub N N 179 
LEU C   OXT  sing N N 180 
LEU CB  CG   sing N N 181 
LEU CB  HB2  sing N N 182 
LEU CB  HB3  sing N N 183 
LEU CG  CD1  sing N N 184 
LEU CG  CD2  sing N N 185 
LEU CG  HG   sing N N 186 
LEU CD1 HD11 sing N N 187 
LEU CD1 HD12 sing N N 188 
LEU CD1 HD13 sing N N 189 
LEU CD2 HD21 sing N N 190 
LEU CD2 HD22 sing N N 191 
LEU CD2 HD23 sing N N 192 
LEU OXT HXT  sing N N 193 
LYS N   CA   sing N N 194 
LYS N   H    sing N N 195 
LYS N   H2   sing N N 196 
LYS CA  C    sing N N 197 
LYS CA  CB   sing N N 198 
LYS CA  HA   sing N N 199 
LYS C   O    doub N N 200 
LYS C   OXT  sing N N 201 
LYS CB  CG   sing N N 202 
LYS CB  HB2  sing N N 203 
LYS CB  HB3  sing N N 204 
LYS CG  CD   sing N N 205 
LYS CG  HG2  sing N N 206 
LYS CG  HG3  sing N N 207 
LYS CD  CE   sing N N 208 
LYS CD  HD2  sing N N 209 
LYS CD  HD3  sing N N 210 
LYS CE  NZ   sing N N 211 
LYS CE  HE2  sing N N 212 
LYS CE  HE3  sing N N 213 
LYS NZ  HZ1  sing N N 214 
LYS NZ  HZ2  sing N N 215 
LYS NZ  HZ3  sing N N 216 
LYS OXT HXT  sing N N 217 
MSE N   CA   sing N N 218 
MSE N   H    sing N N 219 
MSE N   H2   sing N N 220 
MSE CA  C    sing N N 221 
MSE CA  CB   sing N N 222 
MSE CA  HA   sing N N 223 
MSE C   O    doub N N 224 
MSE C   OXT  sing N N 225 
MSE OXT HXT  sing N N 226 
MSE CB  CG   sing N N 227 
MSE CB  HB2  sing N N 228 
MSE CB  HB3  sing N N 229 
MSE CG  SE   sing N N 230 
MSE CG  HG2  sing N N 231 
MSE CG  HG3  sing N N 232 
MSE SE  CE   sing N N 233 
MSE CE  HE1  sing N N 234 
MSE CE  HE2  sing N N 235 
MSE CE  HE3  sing N N 236 
PHE N   CA   sing N N 237 
PHE N   H    sing N N 238 
PHE N   H2   sing N N 239 
PHE CA  C    sing N N 240 
PHE CA  CB   sing N N 241 
PHE CA  HA   sing N N 242 
PHE C   O    doub N N 243 
PHE C   OXT  sing N N 244 
PHE CB  CG   sing N N 245 
PHE CB  HB2  sing N N 246 
PHE CB  HB3  sing N N 247 
PHE CG  CD1  doub Y N 248 
PHE CG  CD2  sing Y N 249 
PHE CD1 CE1  sing Y N 250 
PHE CD1 HD1  sing N N 251 
PHE CD2 CE2  doub Y N 252 
PHE CD2 HD2  sing N N 253 
PHE CE1 CZ   doub Y N 254 
PHE CE1 HE1  sing N N 255 
PHE CE2 CZ   sing Y N 256 
PHE CE2 HE2  sing N N 257 
PHE CZ  HZ   sing N N 258 
PHE OXT HXT  sing N N 259 
PRO N   CA   sing N N 260 
PRO N   CD   sing N N 261 
PRO N   H    sing N N 262 
PRO CA  C    sing N N 263 
PRO CA  CB   sing N N 264 
PRO CA  HA   sing N N 265 
PRO C   O    doub N N 266 
PRO C   OXT  sing N N 267 
PRO CB  CG   sing N N 268 
PRO CB  HB2  sing N N 269 
PRO CB  HB3  sing N N 270 
PRO CG  CD   sing N N 271 
PRO CG  HG2  sing N N 272 
PRO CG  HG3  sing N N 273 
PRO CD  HD2  sing N N 274 
PRO CD  HD3  sing N N 275 
PRO OXT HXT  sing N N 276 
SER N   CA   sing N N 277 
SER N   H    sing N N 278 
SER N   H2   sing N N 279 
SER CA  C    sing N N 280 
SER CA  CB   sing N N 281 
SER CA  HA   sing N N 282 
SER C   O    doub N N 283 
SER C   OXT  sing N N 284 
SER CB  OG   sing N N 285 
SER CB  HB2  sing N N 286 
SER CB  HB3  sing N N 287 
SER OG  HG   sing N N 288 
SER OXT HXT  sing N N 289 
THR N   CA   sing N N 290 
THR N   H    sing N N 291 
THR N   H2   sing N N 292 
THR CA  C    sing N N 293 
THR CA  CB   sing N N 294 
THR CA  HA   sing N N 295 
THR C   O    doub N N 296 
THR C   OXT  sing N N 297 
THR CB  OG1  sing N N 298 
THR CB  CG2  sing N N 299 
THR CB  HB   sing N N 300 
THR OG1 HG1  sing N N 301 
THR CG2 HG21 sing N N 302 
THR CG2 HG22 sing N N 303 
THR CG2 HG23 sing N N 304 
THR OXT HXT  sing N N 305 
TYR N   CA   sing N N 306 
TYR N   H    sing N N 307 
TYR N   H2   sing N N 308 
TYR CA  C    sing N N 309 
TYR CA  CB   sing N N 310 
TYR CA  HA   sing N N 311 
TYR C   O    doub N N 312 
TYR C   OXT  sing N N 313 
TYR CB  CG   sing N N 314 
TYR CB  HB2  sing N N 315 
TYR CB  HB3  sing N N 316 
TYR CG  CD1  doub Y N 317 
TYR CG  CD2  sing Y N 318 
TYR CD1 CE1  sing Y N 319 
TYR CD1 HD1  sing N N 320 
TYR CD2 CE2  doub Y N 321 
TYR CD2 HD2  sing N N 322 
TYR CE1 CZ   doub Y N 323 
TYR CE1 HE1  sing N N 324 
TYR CE2 CZ   sing Y N 325 
TYR CE2 HE2  sing N N 326 
TYR CZ  OH   sing N N 327 
TYR OH  HH   sing N N 328 
TYR OXT HXT  sing N N 329 
VAL N   CA   sing N N 330 
VAL N   H    sing N N 331 
VAL N   H2   sing N N 332 
VAL CA  C    sing N N 333 
VAL CA  CB   sing N N 334 
VAL CA  HA   sing N N 335 
VAL C   O    doub N N 336 
VAL C   OXT  sing N N 337 
VAL CB  CG1  sing N N 338 
VAL CB  CG2  sing N N 339 
VAL CB  HB   sing N N 340 
VAL CG1 HG11 sing N N 341 
VAL CG1 HG12 sing N N 342 
VAL CG1 HG13 sing N N 343 
VAL CG2 HG21 sing N N 344 
VAL CG2 HG22 sing N N 345 
VAL CG2 HG23 sing N N 346 
VAL OXT HXT  sing N N 347 
# 
_atom_sites.entry_id                    3D3R 
_atom_sites.fract_transf_matrix[1][1]   -0.00344133 
_atom_sites.fract_transf_matrix[1][2]   0.01551153 
_atom_sites.fract_transf_matrix[1][3]   0.00238115 
_atom_sites.fract_transf_matrix[2][1]   -0.01611261 
_atom_sites.fract_transf_matrix[2][2]   -0.00420332 
_atom_sites.fract_transf_matrix[2][3]   0.00409508 
_atom_sites.fract_transf_matrix[3][1]   0.00193036 
_atom_sites.fract_transf_matrix[3][2]   0.01277080 
_atom_sites.fract_transf_matrix[3][3]   0.02070357 
_atom_sites.fract_transf_vector[1]      0.412818 
_atom_sites.fract_transf_vector[2]      0.241301 
_atom_sites.fract_transf_vector[3]      0.295995 
# 
loop_
_atom_type.symbol 
C  
N  
O  
S  
SE 
# 
loop_
_atom_site.group_PDB 
_atom_site.id 
_atom_site.type_symbol 
_atom_site.label_atom_id 
_atom_site.label_alt_id 
_atom_site.label_comp_id 
_atom_site.label_asym_id 
_atom_site.label_entity_id 
_atom_site.label_seq_id 
_atom_site.pdbx_PDB_ins_code 
_atom_site.Cartn_x 
_atom_site.Cartn_y 
_atom_site.Cartn_z 
_atom_site.occupancy 
_atom_site.B_iso_or_equiv 
_atom_site.pdbx_formal_charge 
_atom_site.auth_seq_id 
_atom_site.auth_comp_id 
_atom_site.auth_asym_id 
_atom_site.auth_atom_id 
_atom_site.pdbx_PDB_model_num 
ATOM   1    N  N   . GLU A 1 15 ? -11.141 7.183   -4.295  0.70 37.90 ? -6  GLU A N   1 
ATOM   2    C  CA  . GLU A 1 15 ? -10.403 6.465   -3.213  0.70 38.95 ? -6  GLU A CA  1 
ATOM   3    C  C   . GLU A 1 15 ? -8.920  6.770   -3.370  0.70 39.35 ? -6  GLU A C   1 
ATOM   4    O  O   . GLU A 1 15 ? -8.233  7.163   -2.395  0.70 38.18 ? -6  GLU A O   1 
ATOM   5    C  CB  . GLU A 1 15 ? -10.639 4.963   -3.333  0.70 39.59 ? -6  GLU A CB  1 
ATOM   6    C  CG  . GLU A 1 15 ? -11.084 4.259   -2.034  0.70 41.21 ? -6  GLU A CG  1 
ATOM   7    C  CD  . GLU A 1 15 ? -11.451 2.783   -2.274  0.70 41.06 ? -6  GLU A CD  1 
ATOM   8    O  OE1 . GLU A 1 15 ? -10.917 2.181   -3.257  0.70 41.43 ? -6  GLU A OE1 1 
ATOM   9    O  OE2 . GLU A 1 15 ? -12.284 2.212   -1.495  0.70 42.42 ? -6  GLU A OE2 1 
ATOM   10   N  N   . ASN A 1 16 ? -8.415  6.581   -4.591  1.00 39.47 ? -5  ASN A N   1 
ATOM   11   C  CA  . ASN A 1 16 ? -6.988  6.767   -4.883  1.00 41.04 ? -5  ASN A CA  1 
ATOM   12   C  C   . ASN A 1 16 ? -6.497  8.218   -4.656  1.00 40.57 ? -5  ASN A C   1 
ATOM   13   O  O   . ASN A 1 16 ? -5.300  8.495   -4.657  1.00 40.34 ? -5  ASN A O   1 
ATOM   14   C  CB  . ASN A 1 16 ? -6.669  6.341   -6.324  1.00 42.25 ? -5  ASN A CB  1 
ATOM   15   C  CG  . ASN A 1 16 ? -6.673  4.822   -6.516  1.00 42.52 ? -5  ASN A CG  1 
ATOM   16   O  OD1 . ASN A 1 16 ? -6.496  4.041   -5.564  1.00 46.49 ? -5  ASN A OD1 1 
ATOM   17   N  ND2 . ASN A 1 16 ? -6.858  4.398   -7.767  1.00 43.92 ? -5  ASN A ND2 1 
ATOM   18   N  N   . LEU A 1 17 ? -7.439  9.127   -4.435  1.00 41.15 ? -4  LEU A N   1 
ATOM   19   C  CA  . LEU A 1 17 ? -7.131  10.530  -4.183  1.00 40.83 ? -4  LEU A CA  1 
ATOM   20   C  C   . LEU A 1 17 ? -6.682  10.733  -2.739  1.00 39.66 ? -4  LEU A C   1 
ATOM   21   O  O   . LEU A 1 17 ? -6.080  11.742  -2.401  1.00 38.24 ? -4  LEU A O   1 
ATOM   22   C  CB  . LEU A 1 17 ? -8.390  11.377  -4.373  1.00 41.81 ? -4  LEU A CB  1 
ATOM   23   C  CG  . LEU A 1 17 ? -8.754  12.030  -5.704  1.00 45.74 ? -4  LEU A CG  1 
ATOM   24   C  CD1 . LEU A 1 17 ? -9.443  11.071  -6.667  1.00 49.65 ? -4  LEU A CD1 1 
ATOM   25   C  CD2 . LEU A 1 17 ? -9.650  13.216  -5.386  1.00 44.65 ? -4  LEU A CD2 1 
ATOM   26   N  N   . TYR A 1 18 ? -7.028  9.799   -1.883  1.00 38.95 ? -3  TYR A N   1 
ATOM   27   C  CA  . TYR A 1 18 ? -6.748  9.967   -0.466  1.00 38.98 ? -3  TYR A CA  1 
ATOM   28   C  C   . TYR A 1 18 ? -5.496  9.221   -0.036  1.00 39.18 ? -3  TYR A C   1 
ATOM   29   O  O   . TYR A 1 18 ? -5.501  7.982   0.026   1.00 38.84 ? -3  TYR A O   1 
ATOM   30   C  CB  . TYR A 1 18 ? -7.951  9.475   0.346   1.00 39.26 ? -3  TYR A CB  1 
ATOM   31   C  CG  . TYR A 1 18 ? -9.105  10.437  0.258   1.00 40.30 ? -3  TYR A CG  1 
ATOM   32   C  CD1 . TYR A 1 18 ? -9.333  11.348  1.289   1.00 39.83 ? -3  TYR A CD1 1 
ATOM   33   C  CD2 . TYR A 1 18 ? -9.960  10.456  -0.852  1.00 39.24 ? -3  TYR A CD2 1 
ATOM   34   C  CE1 . TYR A 1 18 ? -10.383 12.264  1.211   1.00 40.04 ? -3  TYR A CE1 1 
ATOM   35   C  CE2 . TYR A 1 18 ? -11.035 11.374  -0.935  1.00 42.17 ? -3  TYR A CE2 1 
ATOM   36   C  CZ  . TYR A 1 18 ? -11.238 12.267  0.119   1.00 41.84 ? -3  TYR A CZ  1 
ATOM   37   O  OH  . TYR A 1 18 ? -12.280 13.201  0.122   1.00 43.35 ? -3  TYR A OH  1 
ATOM   38   N  N   . PHE A 1 19 ? -4.465  9.980   0.339   1.00 37.52 ? -2  PHE A N   1 
ATOM   39   C  CA  . PHE A 1 19 ? -3.201  9.399   0.799   1.00 37.40 ? -2  PHE A CA  1 
ATOM   40   C  C   . PHE A 1 19 ? -3.446  8.578   2.067   1.00 38.65 ? -2  PHE A C   1 
ATOM   41   O  O   . PHE A 1 19 ? -2.928  7.446   2.255   1.00 37.52 ? -2  PHE A O   1 
ATOM   42   C  CB  . PHE A 1 19 ? -2.190  10.524  0.989   1.00 38.10 ? -2  PHE A CB  1 
ATOM   43   C  CG  . PHE A 1 19 ? -0.842  10.066  1.456   1.00 36.70 ? -2  PHE A CG  1 
ATOM   44   C  CD1 . PHE A 1 19 ? 0.168   9.845   0.555   1.00 39.15 ? -2  PHE A CD1 1 
ATOM   45   C  CD2 . PHE A 1 19 ? -0.581  9.874   2.806   1.00 40.52 ? -2  PHE A CD2 1 
ATOM   46   C  CE1 . PHE A 1 19 ? 1.420   9.401   0.971   1.00 37.33 ? -2  PHE A CE1 1 
ATOM   47   C  CE2 . PHE A 1 19 ? 0.699   9.436   3.215   1.00 37.92 ? -2  PHE A CE2 1 
ATOM   48   C  CZ  . PHE A 1 19 ? 1.675   9.226   2.294   1.00 36.79 ? -2  PHE A CZ  1 
ATOM   49   N  N   . GLN A 1 20 ? -4.271  9.167   2.929   1.00 39.02 ? -1  GLN A N   1 
ATOM   50   C  CA  . GLN A 1 20 ? -4.933  8.435   4.027   1.00 40.44 ? -1  GLN A CA  1 
ATOM   51   C  C   . GLN A 1 20 ? -6.233  9.227   4.264   1.00 39.29 ? -1  GLN A C   1 
ATOM   52   O  O   . GLN A 1 20 ? -6.486  10.193  3.556   1.00 37.58 ? -1  GLN A O   1 
ATOM   53   C  CB  . GLN A 1 20 ? -4.019  8.290   5.262   1.00 41.59 ? -1  GLN A CB  1 
ATOM   54   C  CG  . GLN A 1 20 ? -3.643  9.574   5.970   1.00 46.44 ? -1  GLN A CG  1 
ATOM   55   C  CD  . GLN A 1 20 ? -4.681  10.046  7.016   1.00 51.42 ? -1  GLN A CD  1 
ATOM   56   O  OE1 . GLN A 1 20 ? -4.839  9.462   8.099   1.00 55.88 ? -1  GLN A OE1 1 
ATOM   57   N  NE2 . GLN A 1 20 ? -5.363  11.128  6.694   1.00 51.72 ? -1  GLN A NE2 1 
ATOM   58   N  N   . GLY A 1 21 ? -7.101  8.806   5.174   1.00 38.37 ? 0   GLY A N   1 
ATOM   59   C  CA  . GLY A 1 21 ? -8.508  9.293   5.110   1.00 37.48 ? 0   GLY A CA  1 
ATOM   60   C  C   . GLY A 1 21 ? -8.728  10.815  5.152   1.00 37.39 ? 0   GLY A C   1 
ATOM   61   O  O   . GLY A 1 21 ? -9.729  11.348  4.640   1.00 37.35 ? 0   GLY A O   1 
HETATM 62   N  N   . MSE A 1 22 ? -7.816  11.522  5.770   1.00 36.04 ? 1   MSE A N   1 
HETATM 63   C  CA  . MSE A 1 22 ? -8.007  12.972  5.960   1.00 36.37 ? 1   MSE A CA  1 
HETATM 64   C  C   . MSE A 1 22 ? -6.938  13.820  5.258   1.00 33.17 ? 1   MSE A C   1 
HETATM 65   O  O   . MSE A 1 22 ? -6.705  14.987  5.619   1.00 30.64 ? 1   MSE A O   1 
HETATM 66   C  CB  . MSE A 1 22 ? -8.080  13.250  7.453   1.00 35.57 ? 1   MSE A CB  1 
HETATM 67   C  CG  . MSE A 1 22 ? -9.151  12.373  8.140   1.00 40.59 ? 1   MSE A CG  1 
HETATM 68   SE SE  . MSE A 1 22 ? -9.067  12.567  10.091  0.80 51.87 ? 1   MSE A SE  1 
HETATM 69   C  CE  . MSE A 1 22 ? -9.003  14.516  10.156  1.00 48.96 ? 1   MSE A CE  1 
ATOM   70   N  N   A CYS A 1 23 ? -6.303  13.256  4.211   0.70 32.35 ? 2   CYS A N   1 
ATOM   71   N  N   B CYS A 1 23 ? -6.342  13.222  4.233   0.30 31.63 ? 2   CYS A N   1 
ATOM   72   C  CA  A CYS A 1 23 ? -5.197  13.934  3.513   0.70 31.84 ? 2   CYS A CA  1 
ATOM   73   C  CA  B CYS A 1 23 ? -5.367  13.903  3.431   0.30 31.02 ? 2   CYS A CA  1 
ATOM   74   C  C   A CYS A 1 23 ? -5.223  13.602  2.005   0.70 30.40 ? 2   CYS A C   1 
ATOM   75   C  C   B CYS A 1 23 ? -5.666  13.656  1.960   0.30 30.26 ? 2   CYS A C   1 
ATOM   76   O  O   A CYS A 1 23 ? -5.143  12.433  1.656   0.70 29.50 ? 2   CYS A O   1 
ATOM   77   O  O   B CYS A 1 23 ? -6.252  12.635  1.583   0.30 30.15 ? 2   CYS A O   1 
ATOM   78   C  CB  A CYS A 1 23 ? -3.869  13.419  4.112   0.70 32.03 ? 2   CYS A CB  1 
ATOM   79   C  CB  B CYS A 1 23 ? -3.973  13.397  3.800   0.30 31.09 ? 2   CYS A CB  1 
ATOM   80   S  SG  A CYS A 1 23 ? -2.410  14.528  4.066   0.70 36.49 ? 2   CYS A SG  1 
ATOM   81   S  SG  B CYS A 1 23 ? -3.599  13.602  5.553   0.30 31.50 ? 2   CYS A SG  1 
ATOM   82   N  N   . LEU A 1 24 ? -5.285  14.616  1.135   1.00 30.00 ? 3   LEU A N   1 
ATOM   83   C  CA  . LEU A 1 24 ? -5.370  14.434  -0.324  1.00 29.17 ? 3   LEU A CA  1 
ATOM   84   C  C   . LEU A 1 24 ? -3.999  14.152  -0.905  1.00 27.24 ? 3   LEU A C   1 
ATOM   85   O  O   . LEU A 1 24 ? -3.067  14.953  -0.682  1.00 27.59 ? 3   LEU A O   1 
ATOM   86   C  CB  . LEU A 1 24 ? -5.826  15.739  -0.993  1.00 31.43 ? 3   LEU A CB  1 
ATOM   87   C  CG  . LEU A 1 24 ? -7.290  15.995  -1.311  1.00 36.05 ? 3   LEU A CG  1 
ATOM   88   C  CD1 . LEU A 1 24 ? -7.352  17.099  -2.412  1.00 37.64 ? 3   LEU A CD1 1 
ATOM   89   C  CD2 . LEU A 1 24 ? -8.054  14.733  -1.718  1.00 39.95 ? 3   LEU A CD2 1 
ATOM   90   N  N   A SER A 1 25 ? -3.865  13.082  -1.678  0.70 26.30 ? 4   SER A N   1 
ATOM   91   N  N   B SER A 1 25 ? -3.860  13.092  -1.695  0.30 26.88 ? 4   SER A N   1 
ATOM   92   C  CA  A SER A 1 25 ? -2.579  12.819  -2.344  0.70 26.85 ? 4   SER A CA  1 
ATOM   93   C  CA  B SER A 1 25 ? -2.583  12.811  -2.375  0.30 26.77 ? 4   SER A CA  1 
ATOM   94   C  C   A SER A 1 25 ? -2.260  13.982  -3.316  0.70 26.16 ? 4   SER A C   1 
ATOM   95   C  C   B SER A 1 25 ? -2.233  13.907  -3.414  0.30 26.55 ? 4   SER A C   1 
ATOM   96   O  O   A SER A 1 25 ? -3.169  14.518  -3.905  0.70 25.78 ? 4   SER A O   1 
ATOM   97   O  O   B SER A 1 25 ? -3.087  14.317  -4.178  0.30 26.67 ? 4   SER A O   1 
ATOM   98   C  CB  A SER A 1 25 ? -2.596  11.518  -3.136  0.70 27.45 ? 4   SER A CB  1 
ATOM   99   C  CB  B SER A 1 25 ? -2.618  11.435  -3.047  0.30 27.06 ? 4   SER A CB  1 
ATOM   100  O  OG  A SER A 1 25 ? -1.342  11.352  -3.773  0.70 29.81 ? 4   SER A OG  1 
ATOM   101  O  OG  B SER A 1 25 ? -2.820  10.401  -2.092  0.30 26.43 ? 4   SER A OG  1 
ATOM   102  N  N   . ILE A 1 26 ? -0.985  14.381  -3.415  1.00 26.77 ? 5   ILE A N   1 
ATOM   103  C  CA  . ILE A 1 26 ? -0.560  15.473  -4.333  1.00 26.55 ? 5   ILE A CA  1 
ATOM   104  C  C   . ILE A 1 26 ? 0.068   14.796  -5.549  1.00 26.26 ? 5   ILE A C   1 
ATOM   105  O  O   . ILE A 1 26 ? 1.001   13.992  -5.353  1.00 26.40 ? 5   ILE A O   1 
ATOM   106  C  CB  . ILE A 1 26 ? 0.530   16.323  -3.684  1.00 27.47 ? 5   ILE A CB  1 
ATOM   107  C  CG1 . ILE A 1 26 ? -0.025  16.974  -2.389  1.00 27.95 ? 5   ILE A CG1 1 
ATOM   108  C  CG2 . ILE A 1 26 ? 1.038   17.411  -4.668  1.00 25.92 ? 5   ILE A CG2 1 
ATOM   109  C  CD1 . ILE A 1 26 ? 1.103   17.589  -1.507  1.00 27.83 ? 5   ILE A CD1 1 
ATOM   110  N  N   . PRO A 1 27 ? -0.435  15.073  -6.767  1.00 25.42 ? 6   PRO A N   1 
ATOM   111  C  CA  . PRO A 1 27 ? 0.203   14.483  -7.969  1.00 26.06 ? 6   PRO A CA  1 
ATOM   112  C  C   . PRO A 1 27 ? 1.711   14.744  -7.995  1.00 25.23 ? 6   PRO A C   1 
ATOM   113  O  O   . PRO A 1 27 ? 2.185   15.883  -7.748  1.00 24.69 ? 6   PRO A O   1 
ATOM   114  C  CB  . PRO A 1 27 ? -0.447  15.277  -9.111  1.00 27.00 ? 6   PRO A CB  1 
ATOM   115  C  CG  . PRO A 1 27 ? -1.813  15.551  -8.609  1.00 26.21 ? 6   PRO A CG  1 
ATOM   116  C  CD  . PRO A 1 27 ? -1.559  15.963  -7.158  1.00 25.56 ? 6   PRO A CD  1 
ATOM   117  N  N   . SER A 1 28 ? 2.480   13.686  -8.174  1.00 25.12 ? 7   SER A N   1 
ATOM   118  C  CA  . SER A 1 28 ? 3.901   13.753  -7.986  1.00 24.23 ? 7   SER A CA  1 
ATOM   119  C  C   . SER A 1 28 ? 4.580   13.261  -9.267  1.00 24.26 ? 7   SER A C   1 
ATOM   120  O  O   . SER A 1 28 ? 4.148   12.247  -9.792  1.00 23.56 ? 7   SER A O   1 
ATOM   121  C  CB  . SER A 1 28 ? 4.292   12.824  -6.822  1.00 25.05 ? 7   SER A CB  1 
ATOM   122  O  OG  . SER A 1 28 ? 3.823   13.421  -5.598  1.00 30.36 ? 7   SER A OG  1 
ATOM   123  N  N   . GLN A 1 29 ? 5.568   14.010  -9.776  1.00 24.57 ? 8   GLN A N   1 
ATOM   124  C  CA  . GLN A 1 29 ? 6.268   13.603  -11.054 1.00 24.91 ? 8   GLN A CA  1 
ATOM   125  C  C   . GLN A 1 29 ? 7.321   12.525  -10.757 1.00 24.57 ? 8   GLN A C   1 
ATOM   126  O  O   . GLN A 1 29 ? 8.132   12.667  -9.841  1.00 25.31 ? 8   GLN A O   1 
ATOM   127  C  CB  . GLN A 1 29 ? 6.937   14.803  -11.750 1.00 26.27 ? 8   GLN A CB  1 
ATOM   128  C  CG  . GLN A 1 29 ? 7.464   14.415  -13.192 1.00 25.47 ? 8   GLN A CG  1 
ATOM   129  C  CD  . GLN A 1 29 ? 8.060   15.574  -13.998 1.00 29.77 ? 8   GLN A CD  1 
ATOM   130  O  OE1 . GLN A 1 29 ? 8.353   16.659  -13.476 1.00 32.23 ? 8   GLN A OE1 1 
ATOM   131  N  NE2 . GLN A 1 29 ? 8.272   15.316  -15.280 1.00 29.86 ? 8   GLN A NE2 1 
ATOM   132  N  N   . VAL A 1 30 ? 7.354   11.469  -11.564 1.00 24.52 ? 9   VAL A N   1 
ATOM   133  C  CA  . VAL A 1 30 ? 8.428   10.460  -11.451 1.00 24.99 ? 9   VAL A CA  1 
ATOM   134  C  C   . VAL A 1 30 ? 9.671   11.069  -12.131 1.00 26.45 ? 9   VAL A C   1 
ATOM   135  O  O   . VAL A 1 30 ? 9.630   11.487  -13.308 1.00 26.27 ? 9   VAL A O   1 
ATOM   136  C  CB  . VAL A 1 30 ? 8.020   9.142   -12.156 1.00 27.08 ? 9   VAL A CB  1 
ATOM   137  C  CG1 . VAL A 1 30 ? 9.258   8.204   -12.229 1.00 26.44 ? 9   VAL A CG1 1 
ATOM   138  C  CG2 . VAL A 1 30 ? 6.774   8.455   -11.444 1.00 25.94 ? 9   VAL A CG2 1 
ATOM   139  N  N   . VAL A 1 31 ? 10.792  11.131  -11.389 1.00 27.67 ? 10  VAL A N   1 
ATOM   140  C  CA  . VAL A 1 31 ? 11.998  11.790  -11.845 1.00 29.61 ? 10  VAL A CA  1 
ATOM   141  C  C   . VAL A 1 31 ? 13.181  10.853  -11.992 1.00 30.47 ? 10  VAL A C   1 
ATOM   142  O  O   . VAL A 1 31 ? 14.173  11.208  -12.622 1.00 31.00 ? 10  VAL A O   1 
ATOM   143  C  CB  . VAL A 1 31 ? 12.340  13.023  -10.993 1.00 30.03 ? 10  VAL A CB  1 
ATOM   144  C  CG1 . VAL A 1 31 ? 11.194  14.104  -11.152 1.00 28.13 ? 10  VAL A CG1 1 
ATOM   145  C  CG2 . VAL A 1 31 ? 12.569  12.673  -9.613  1.00 32.27 ? 10  VAL A CG2 1 
ATOM   146  N  N   . ALA A 1 32 ? 13.030  9.636   -11.488 1.00 30.60 ? 11  ALA A N   1 
ATOM   147  C  CA  . ALA A 1 32 ? 14.032  8.568   -11.666 1.00 30.45 ? 11  ALA A CA  1 
ATOM   148  C  C   . ALA A 1 32 ? 13.355  7.222   -11.413 1.00 30.86 ? 11  ALA A C   1 
ATOM   149  O  O   . ALA A 1 32 ? 12.479  7.105   -10.567 1.00 30.05 ? 11  ALA A O   1 
ATOM   150  C  CB  . ALA A 1 32 ? 15.201  8.730   -10.680 1.00 31.72 ? 11  ALA A CB  1 
ATOM   151  N  N   . VAL A 1 33 ? 13.809  6.192   -12.137 1.00 29.28 ? 12  VAL A N   1 
ATOM   152  C  CA  . VAL A 1 33 ? 13.300  4.855   -11.931 1.00 30.60 ? 12  VAL A CA  1 
ATOM   153  C  C   . VAL A 1 33 ? 14.509  3.870   -11.844 1.00 31.80 ? 12  VAL A C   1 
ATOM   154  O  O   . VAL A 1 33 ? 15.376  3.900   -12.715 1.00 31.38 ? 12  VAL A O   1 
ATOM   155  C  CB  . VAL A 1 33 ? 12.376  4.456   -13.112 1.00 31.84 ? 12  VAL A CB  1 
ATOM   156  C  CG1 . VAL A 1 33 ? 11.888  3.046   -12.919 1.00 33.61 ? 12  VAL A CG1 1 
ATOM   157  C  CG2 . VAL A 1 33 ? 11.180  5.431   -13.214 1.00 29.93 ? 12  VAL A CG2 1 
ATOM   158  N  N   . ASP A 1 34 ? 14.558  3.039   -10.804 1.00 32.19 ? 13  ASP A N   1 
ATOM   159  C  CA  . ASP A 1 34 ? 15.611  1.993   -10.661 1.00 33.14 ? 13  ASP A CA  1 
ATOM   160  C  C   . ASP A 1 34 ? 14.964  0.639   -10.403 1.00 31.42 ? 13  ASP A C   1 
ATOM   161  O  O   . ASP A 1 34 ? 14.768  0.200   -9.281  1.00 30.34 ? 13  ASP A O   1 
ATOM   162  C  CB  . ASP A 1 34 ? 16.587  2.370   -9.543  1.00 35.08 ? 13  ASP A CB  1 
ATOM   163  C  CG  . ASP A 1 34 ? 17.819  1.436   -9.459  1.00 40.80 ? 13  ASP A CG  1 
ATOM   164  O  OD1 . ASP A 1 34 ? 17.887  0.349   -10.100 1.00 42.69 ? 13  ASP A OD1 1 
ATOM   165  O  OD2 . ASP A 1 34 ? 18.730  1.810   -8.684  1.00 48.77 ? 13  ASP A OD2 1 
ATOM   166  N  N   . ASN A 1 35 ? 14.618  -0.029  -11.475 1.00 30.04 ? 14  ASN A N   1 
ATOM   167  C  CA  . ASN A 1 35 ? 13.894  -1.267  -11.372 1.00 30.88 ? 14  ASN A CA  1 
ATOM   168  C  C   . ASN A 1 35 ? 14.745  -2.387  -10.773 1.00 32.47 ? 14  ASN A C   1 
ATOM   169  O  O   . ASN A 1 35 ? 14.184  -3.298  -10.149 1.00 34.33 ? 14  ASN A O   1 
ATOM   170  C  CB  . ASN A 1 35 ? 13.309  -1.633  -12.767 1.00 29.62 ? 14  ASN A CB  1 
ATOM   171  C  CG  . ASN A 1 35 ? 12.154  -0.721  -13.157 1.00 30.87 ? 14  ASN A CG  1 
ATOM   172  O  OD1 . ASN A 1 35 ? 11.212  -0.545  -12.380 1.00 31.20 ? 14  ASN A OD1 1 
ATOM   173  N  ND2 . ASN A 1 35 ? 12.230  -0.114  -14.358 1.00 29.25 ? 14  ASN A ND2 1 
ATOM   174  N  N   . GLU A 1 36 ? 16.072  -2.373  -10.964 1.00 32.87 ? 15  GLU A N   1 
ATOM   175  C  CA  . GLU A 1 36 ? 16.896  -3.429  -10.308 1.00 34.96 ? 15  GLU A CA  1 
ATOM   176  C  C   . GLU A 1 36 ? 16.884  -3.259  -8.791  1.00 35.89 ? 15  GLU A C   1 
ATOM   177  O  O   . GLU A 1 36 ? 16.862  -4.256  -8.072  1.00 36.89 ? 15  GLU A O   1 
ATOM   178  C  CB  . GLU A 1 36 ? 18.337  -3.467  -10.795 1.00 36.19 ? 15  GLU A CB  1 
ATOM   179  C  CG  . GLU A 1 36 ? 18.511  -4.091  -12.177 1.00 39.89 ? 15  GLU A CG  1 
ATOM   180  C  CD  . GLU A 1 36 ? 19.954  -4.535  -12.417 1.00 42.22 ? 15  GLU A CD  1 
ATOM   181  O  OE1 . GLU A 1 36 ? 20.727  -3.702  -12.891 1.00 43.45 ? 15  GLU A OE1 1 
ATOM   182  O  OE2 . GLU A 1 36 ? 20.315  -5.686  -12.088 1.00 45.01 ? 15  GLU A OE2 1 
ATOM   183  N  N   . ARG A 1 37 ? 16.863  -2.026  -8.306  1.00 35.28 ? 16  ARG A N   1 
ATOM   184  C  CA  . ARG A 1 37 ? 16.718  -1.823  -6.848  1.00 37.56 ? 16  ARG A CA  1 
ATOM   185  C  C   . ARG A 1 37 ? 15.268  -1.586  -6.362  1.00 36.13 ? 16  ARG A C   1 
ATOM   186  O  O   . ARG A 1 37 ? 15.059  -1.283  -5.203  1.00 35.94 ? 16  ARG A O   1 
ATOM   187  C  CB  . ARG A 1 37 ? 17.696  -0.767  -6.328  1.00 37.98 ? 16  ARG A CB  1 
ATOM   188  C  CG  . ARG A 1 37 ? 19.162  -1.191  -6.633  1.00 41.82 ? 16  ARG A CG  1 
ATOM   189  C  CD  . ARG A 1 37 ? 20.233  -0.346  -5.954  1.00 44.36 ? 16  ARG A CD  1 
ATOM   190  N  NE  . ARG A 1 37 ? 21.590  -0.791  -6.341  1.00 56.40 ? 16  ARG A NE  1 
ATOM   191  C  CZ  . ARG A 1 37 ? 22.241  -1.847  -5.830  1.00 60.65 ? 16  ARG A CZ  1 
ATOM   192  N  NH1 . ARG A 1 37 ? 21.692  -2.615  -4.884  1.00 63.79 ? 16  ARG A NH1 1 
ATOM   193  N  NH2 . ARG A 1 37 ? 23.462  -2.151  -6.270  1.00 62.87 ? 16  ARG A NH2 1 
ATOM   194  N  N   . GLN A 1 38 ? 14.296  -1.797  -7.244  1.00 33.58 ? 17  GLN A N   1 
ATOM   195  C  CA  . GLN A 1 38 ? 12.861  -1.559  -6.956  1.00 32.86 ? 17  GLN A CA  1 
ATOM   196  C  C   . GLN A 1 38 ? 12.680  -0.300  -6.178  1.00 32.27 ? 17  GLN A C   1 
ATOM   197  O  O   . GLN A 1 38 ? 12.142  -0.321  -5.060  1.00 31.04 ? 17  GLN A O   1 
ATOM   198  C  CB  . GLN A 1 38 ? 12.208  -2.742  -6.254  1.00 33.49 ? 17  GLN A CB  1 
ATOM   199  C  CG  . GLN A 1 38 ? 12.378  -4.028  -7.128  1.00 36.05 ? 17  GLN A CG  1 
ATOM   200  C  CD  . GLN A 1 38 ? 11.451  -5.159  -6.765  1.00 39.78 ? 17  GLN A CD  1 
ATOM   201  O  OE1 . GLN A 1 38 ? 10.240  -5.016  -6.790  1.00 40.98 ? 17  GLN A OE1 1 
ATOM   202  N  NE2 . GLN A 1 38 ? 12.028  -6.332  -6.492  1.00 43.57 ? 17  GLN A NE2 1 
ATOM   203  N  N   . SER A 1 39 ? 13.114  0.806   -6.770  1.00 31.43 ? 18  SER A N   1 
ATOM   204  C  CA  . SER A 1 39 ? 12.769  2.083   -6.224  1.00 32.28 ? 18  SER A CA  1 
ATOM   205  C  C   . SER A 1 39 ? 12.468  3.090   -7.323  1.00 32.16 ? 18  SER A C   1 
ATOM   206  O  O   . SER A 1 39 ? 12.847  2.896   -8.479  1.00 29.49 ? 18  SER A O   1 
ATOM   207  C  CB  . SER A 1 39 ? 13.837  2.600   -5.254  1.00 35.74 ? 18  SER A CB  1 
ATOM   208  O  OG  . SER A 1 39 ? 15.036  2.975   -5.910  1.00 40.52 ? 18  SER A OG  1 
ATOM   209  N  N   . VAL A 1 40 ? 11.750  4.149   -6.962  1.00 30.33 ? 19  VAL A N   1 
ATOM   210  C  CA  . VAL A 1 40 ? 11.507  5.256   -7.865  1.00 30.67 ? 19  VAL A CA  1 
ATOM   211  C  C   . VAL A 1 40 ? 11.730  6.565   -7.101  1.00 31.62 ? 19  VAL A C   1 
ATOM   212  O  O   . VAL A 1 40 ? 11.592  6.595   -5.859  1.00 33.43 ? 19  VAL A O   1 
ATOM   213  C  CB  . VAL A 1 40 ? 10.057  5.249   -8.416  1.00 32.29 ? 19  VAL A CB  1 
ATOM   214  C  CG1 . VAL A 1 40 ? 9.862   4.098   -9.396  1.00 35.46 ? 19  VAL A CG1 1 
ATOM   215  C  CG2 . VAL A 1 40 ? 9.073   5.117   -7.297  1.00 35.07 ? 19  VAL A CG2 1 
ATOM   216  N  N   . THR A 1 41 ? 12.109  7.620   -7.811  1.00 29.96 ? 20  THR A N   1 
ATOM   217  C  CA  . THR A 1 41 ? 12.217  8.914   -7.131  1.00 30.44 ? 20  THR A CA  1 
ATOM   218  C  C   . THR A 1 41 ? 11.078  9.768   -7.632  1.00 29.20 ? 20  THR A C   1 
ATOM   219  O  O   . THR A 1 41 ? 10.848  9.871   -8.840  1.00 28.71 ? 20  THR A O   1 
ATOM   220  C  CB  . THR A 1 41 ? 13.533  9.547   -7.410  1.00 30.87 ? 20  THR A CB  1 
ATOM   221  O  OG1 . THR A 1 41 ? 14.548  8.594   -7.071  1.00 34.14 ? 20  THR A OG1 1 
ATOM   222  C  CG2 . THR A 1 41 ? 13.698  10.901  -6.600  1.00 29.47 ? 20  THR A CG2 1 
ATOM   223  N  N   . VAL A 1 42 ? 10.348  10.367  -6.708  1.00 29.84 ? 21  VAL A N   1 
ATOM   224  C  CA  . VAL A 1 42 ? 9.269   11.253  -7.113  1.00 29.37 ? 21  VAL A CA  1 
ATOM   225  C  C   . VAL A 1 42 ? 9.524   12.645  -6.576  1.00 30.59 ? 21  VAL A C   1 
ATOM   226  O  O   . VAL A 1 42 ? 10.216  12.811  -5.542  1.00 31.33 ? 21  VAL A O   1 
ATOM   227  C  CB  . VAL A 1 42 ? 7.877   10.798  -6.630  1.00 29.72 ? 21  VAL A CB  1 
ATOM   228  C  CG1 . VAL A 1 42 ? 7.585   9.388   -7.149  1.00 30.09 ? 21  VAL A CG1 1 
ATOM   229  C  CG2 . VAL A 1 42 ? 7.762   10.827  -5.055  1.00 33.71 ? 21  VAL A CG2 1 
ATOM   230  N  N   . ASP A 1 43 ? 8.955   13.614  -7.283  1.00 28.81 ? 22  ASP A N   1 
ATOM   231  C  CA  . ASP A 1 43 ? 8.986   15.034  -6.870  1.00 31.77 ? 22  ASP A CA  1 
ATOM   232  C  C   . ASP A 1 43 ? 7.582   15.488  -6.533  1.00 31.55 ? 22  ASP A C   1 
ATOM   233  O  O   . ASP A 1 43 ? 6.677   15.429  -7.411  1.00 30.31 ? 22  ASP A O   1 
ATOM   234  C  CB  . ASP A 1 43 ? 9.497   15.899  -8.023  1.00 31.82 ? 22  ASP A CB  1 
ATOM   235  C  CG  . ASP A 1 43 ? 9.515   17.356  -7.651  1.00 41.57 ? 22  ASP A CG  1 
ATOM   236  O  OD1 . ASP A 1 43 ? 8.448   18.048  -7.724  1.00 47.39 ? 22  ASP A OD1 1 
ATOM   237  O  OD2 . ASP A 1 43 ? 10.589  17.797  -7.206  1.00 48.80 ? 22  ASP A OD2 1 
ATOM   238  N  N   . THR A 1 44 ? 7.397   15.970  -5.292  1.00 31.64 ? 23  THR A N   1 
ATOM   239  C  CA  . THR A 1 44 ? 6.106   16.405  -4.820  1.00 31.35 ? 23  THR A CA  1 
ATOM   240  C  C   . THR A 1 44 ? 6.272   17.860  -4.400  1.00 32.41 ? 23  THR A C   1 
ATOM   241  O  O   . THR A 1 44 ? 6.942   18.139  -3.410  1.00 31.84 ? 23  THR A O   1 
ATOM   242  C  CB  . THR A 1 44 ? 5.629   15.576  -3.618  1.00 32.24 ? 23  THR A CB  1 
ATOM   243  O  OG1 . THR A 1 44 ? 5.605   14.195  -3.986  1.00 32.00 ? 23  THR A OG1 1 
ATOM   244  C  CG2 . THR A 1 44 ? 4.195   16.000  -3.213  1.00 33.23 ? 23  THR A CG2 1 
ATOM   245  N  N   . LEU A 1 45 ? 5.645   18.739  -5.156  1.00 33.16 ? 24  LEU A N   1 
ATOM   246  C  CA  . LEU A 1 45 ? 5.815   20.178  -5.028  1.00 35.71 ? 24  LEU A CA  1 
ATOM   247  C  C   . LEU A 1 45 ? 7.279   20.509  -4.779  1.00 37.09 ? 24  LEU A C   1 
ATOM   248  O  O   . LEU A 1 45 ? 7.601   21.313  -3.908  1.00 37.64 ? 24  LEU A O   1 
ATOM   249  C  CB  . LEU A 1 45 ? 4.899   20.767  -3.940  1.00 35.96 ? 24  LEU A CB  1 
ATOM   250  C  CG  . LEU A 1 45 ? 3.393   20.485  -4.159  1.00 37.71 ? 24  LEU A CG  1 
ATOM   251  C  CD1 . LEU A 1 45 ? 2.591   20.882  -2.928  1.00 38.42 ? 24  LEU A CD1 1 
ATOM   252  C  CD2 . LEU A 1 45 ? 2.813   21.148  -5.378  1.00 40.55 ? 24  LEU A CD2 1 
ATOM   253  N  N   . GLY A 1 46 ? 8.156   19.846  -5.529  1.00 36.84 ? 25  GLY A N   1 
ATOM   254  C  CA  . GLY A 1 46 ? 9.577   20.210  -5.523  1.00 37.88 ? 25  GLY A CA  1 
ATOM   255  C  C   . GLY A 1 46 ? 10.428  19.456  -4.517  1.00 37.09 ? 25  GLY A C   1 
ATOM   256  O  O   . GLY A 1 46 ? 11.625  19.650  -4.481  1.00 40.23 ? 25  GLY A O   1 
ATOM   257  N  N   . VAL A 1 47 ? 9.828   18.616  -3.675  1.00 34.18 ? 26  VAL A N   1 
ATOM   258  C  CA  . VAL A 1 47 ? 10.606  17.849  -2.727  1.00 33.44 ? 26  VAL A CA  1 
ATOM   259  C  C   . VAL A 1 47 ? 10.746  16.454  -3.286  1.00 32.90 ? 26  VAL A C   1 
ATOM   260  O  O   . VAL A 1 47 ? 9.754   15.814  -3.622  1.00 32.43 ? 26  VAL A O   1 
ATOM   261  C  CB  . VAL A 1 47 ? 9.906   17.763  -1.367  1.00 32.71 ? 26  VAL A CB  1 
ATOM   262  C  CG1 . VAL A 1 47 ? 10.736  16.929  -0.352  1.00 32.87 ? 26  VAL A CG1 1 
ATOM   263  C  CG2 . VAL A 1 47 ? 9.654   19.183  -0.830  1.00 35.97 ? 26  VAL A CG2 1 
ATOM   264  N  N   . ARG A 1 48 ? 11.982  15.977  -3.347  1.00 33.42 ? 27  ARG A N   1 
ATOM   265  C  CA  . ARG A 1 48 ? 12.280  14.666  -3.920  1.00 32.62 ? 27  ARG A CA  1 
ATOM   266  C  C   . ARG A 1 48 ? 12.353  13.631  -2.854  1.00 33.46 ? 27  ARG A C   1 
ATOM   267  O  O   . ARG A 1 48 ? 12.939  13.897  -1.803  1.00 33.13 ? 27  ARG A O   1 
ATOM   268  C  CB  . ARG A 1 48 ? 13.643  14.727  -4.592  1.00 33.88 ? 27  ARG A CB  1 
ATOM   269  C  CG  . ARG A 1 48 ? 13.745  15.793  -5.581  1.00 37.90 ? 27  ARG A CG  1 
ATOM   270  C  CD  . ARG A 1 48 ? 13.529  15.218  -6.918  1.00 41.52 ? 27  ARG A CD  1 
ATOM   271  N  NE  . ARG A 1 48 ? 13.383  16.298  -7.896  1.00 43.02 ? 27  ARG A NE  1 
ATOM   272  C  CZ  . ARG A 1 48 ? 14.256  16.550  -8.856  1.00 39.62 ? 27  ARG A CZ  1 
ATOM   273  N  NH1 . ARG A 1 48 ? 15.360  15.812  -8.997  1.00 38.50 ? 27  ARG A NH1 1 
ATOM   274  N  NH2 . ARG A 1 48 ? 13.993  17.545  -9.685  1.00 39.90 ? 27  ARG A NH2 1 
ATOM   275  N  N   . ARG A 1 49 ? 11.778  12.449  -3.114  1.00 32.33 ? 28  ARG A N   1 
ATOM   276  C  CA  . ARG A 1 49 ? 11.787  11.296  -2.186  1.00 34.24 ? 28  ARG A CA  1 
ATOM   277  C  C   . ARG A 1 49 ? 12.052  10.038  -2.976  1.00 34.63 ? 28  ARG A C   1 
ATOM   278  O  O   . ARG A 1 49 ? 11.458  9.888   -4.026  1.00 32.51 ? 28  ARG A O   1 
ATOM   279  C  CB  . ARG A 1 49 ? 10.418  11.113  -1.528  1.00 33.51 ? 28  ARG A CB  1 
ATOM   280  C  CG  . ARG A 1 49 ? 10.272  12.044  -0.329  1.00 35.47 ? 28  ARG A CG  1 
ATOM   281  C  CD  . ARG A 1 49 ? 8.924   11.978  0.458   1.00 39.10 ? 28  ARG A CD  1 
ATOM   282  N  NE  . ARG A 1 49 ? 8.281   13.122  -0.108  1.00 47.70 ? 28  ARG A NE  1 
ATOM   283  C  CZ  . ARG A 1 49 ? 8.074   14.284  0.473   1.00 45.40 ? 28  ARG A CZ  1 
ATOM   284  N  NH1 . ARG A 1 49 ? 7.565   15.214  -0.277  1.00 42.19 ? 28  ARG A NH1 1 
ATOM   285  N  NH2 . ARG A 1 49 ? 8.306   14.503  1.755   1.00 47.48 ? 28  ARG A NH2 1 
ATOM   286  N  N   . ASP A 1 50 ? 12.921  9.153   -2.484  1.00 34.19 ? 29  ASP A N   1 
ATOM   287  C  CA  . ASP A 1 50 ? 13.159  7.882   -3.138  1.00 36.24 ? 29  ASP A CA  1 
ATOM   288  C  C   . ASP A 1 50 ? 12.254  6.963   -2.383  1.00 36.77 ? 29  ASP A C   1 
ATOM   289  O  O   . ASP A 1 50 ? 12.277  6.982   -1.130  1.00 37.79 ? 29  ASP A O   1 
ATOM   290  C  CB  . ASP A 1 50 ? 14.580  7.381   -2.851  1.00 37.84 ? 29  ASP A CB  1 
ATOM   291  C  CG  . ASP A 1 50 ? 15.612  8.018   -3.721  1.00 44.72 ? 29  ASP A CG  1 
ATOM   292  O  OD1 . ASP A 1 50 ? 15.244  8.792   -4.636  1.00 50.62 ? 29  ASP A OD1 1 
ATOM   293  O  OD2 . ASP A 1 50 ? 16.827  7.741   -3.482  1.00 54.14 ? 29  ASP A OD2 1 
ATOM   294  N  N   . VAL A 1 51 ? 11.465  6.144   -3.079  1.00 34.54 ? 30  VAL A N   1 
ATOM   295  C  CA  . VAL A 1 51 ? 10.545  5.243   -2.396  1.00 34.51 ? 30  VAL A CA  1 
ATOM   296  C  C   . VAL A 1 51 ? 10.597  3.845   -3.029  1.00 34.15 ? 30  VAL A C   1 
ATOM   297  O  O   . VAL A 1 51 ? 10.860  3.726   -4.210  1.00 32.28 ? 30  VAL A O   1 
ATOM   298  C  CB  . VAL A 1 51 ? 9.078   5.819   -2.352  1.00 36.33 ? 30  VAL A CB  1 
ATOM   299  C  CG1 . VAL A 1 51 ? 9.012   7.247   -1.626  1.00 37.99 ? 30  VAL A CG1 1 
ATOM   300  C  CG2 . VAL A 1 51 ? 8.578   6.026   -3.674  1.00 35.64 ? 30  VAL A CG2 1 
ATOM   301  N  N   . SER A 1 52 ? 10.405  2.797   -2.230  1.00 33.25 ? 31  SER A N   1 
ATOM   302  C  CA  . SER A 1 52 ? 10.325  1.444   -2.795  1.00 33.01 ? 31  SER A CA  1 
ATOM   303  C  C   . SER A 1 52 ? 9.171   1.409   -3.776  1.00 33.43 ? 31  SER A C   1 
ATOM   304  O  O   . SER A 1 52 ? 8.096   1.997   -3.526  1.00 32.44 ? 31  SER A O   1 
ATOM   305  C  CB  . SER A 1 52 ? 10.071  0.428   -1.678  1.00 35.50 ? 31  SER A CB  1 
ATOM   306  O  OG  . SER A 1 52 ? 9.476   -0.745  -2.218  1.00 38.10 ? 31  SER A OG  1 
ATOM   307  N  N   . SER A 1 53 ? 9.367   0.733   -4.894  1.00 31.06 ? 32  SER A N   1 
ATOM   308  C  CA  . SER A 1 53 ? 8.348   0.668   -5.936  1.00 30.70 ? 32  SER A CA  1 
ATOM   309  C  C   . SER A 1 53 ? 7.581   -0.668  -5.934  1.00 31.48 ? 32  SER A C   1 
ATOM   310  O  O   . SER A 1 53 ? 6.900   -1.010  -6.913  1.00 30.86 ? 32  SER A O   1 
ATOM   311  C  CB  . SER A 1 53 ? 9.086   0.791   -7.296  1.00 29.91 ? 32  SER A CB  1 
ATOM   312  O  OG  . SER A 1 53 ? 9.954   -0.389  -7.467  1.00 30.13 ? 32  SER A OG  1 
ATOM   313  N  N   . HIS A 1 54 ? 7.660   -1.436  -4.850  1.00 32.02 ? 33  HIS A N   1 
ATOM   314  C  CA  . HIS A 1 54 ? 6.979   -2.744  -4.823  1.00 35.03 ? 33  HIS A CA  1 
ATOM   315  C  C   . HIS A 1 54 ? 5.472   -2.715  -5.064  1.00 34.68 ? 33  HIS A C   1 
ATOM   316  O  O   . HIS A 1 54 ? 4.895   -3.688  -5.550  1.00 37.51 ? 33  HIS A O   1 
ATOM   317  C  CB  . HIS A 1 54 ? 7.195   -3.375  -3.460  1.00 36.76 ? 33  HIS A CB  1 
ATOM   318  C  CG  . HIS A 1 54 ? 8.460   -4.131  -3.365  1.00 41.44 ? 33  HIS A CG  1 
ATOM   319  N  ND1 . HIS A 1 54 ? 9.637   -3.560  -2.935  1.00 47.30 ? 33  HIS A ND1 1 
ATOM   320  C  CD2 . HIS A 1 54 ? 8.743   -5.423  -3.656  1.00 48.06 ? 33  HIS A CD2 1 
ATOM   321  C  CE1 . HIS A 1 54 ? 10.595  -4.475  -2.961  1.00 47.87 ? 33  HIS A CE1 1 
ATOM   322  N  NE2 . HIS A 1 54 ? 10.078  -5.610  -3.403  1.00 49.43 ? 33  HIS A NE2 1 
ATOM   323  N  N   . LEU A 1 55 ? 4.825   -1.636  -4.673  1.00 34.37 ? 34  LEU A N   1 
ATOM   324  C  CA  . LEU A 1 55 ? 3.361   -1.507  -4.856  1.00 34.85 ? 34  LEU A CA  1 
ATOM   325  C  C   . LEU A 1 55 ? 2.964   -0.513  -5.946  1.00 35.12 ? 34  LEU A C   1 
ATOM   326  O  O   . LEU A 1 55 ? 1.847   0.045   -5.946  1.00 36.36 ? 34  LEU A O   1 
ATOM   327  C  CB  . LEU A 1 55 ? 2.697   -1.133  -3.514  1.00 33.50 ? 34  LEU A CB  1 
ATOM   328  C  CG  . LEU A 1 55 ? 3.025   -2.020  -2.296  1.00 36.44 ? 34  LEU A CG  1 
ATOM   329  C  CD1 . LEU A 1 55 ? 2.127   -1.667  -1.074  1.00 34.34 ? 34  LEU A CD1 1 
ATOM   330  C  CD2 . LEU A 1 55 ? 2.867   -3.473  -2.627  1.00 38.88 ? 34  LEU A CD2 1 
HETATM 331  N  N   . MSE A 1 56 ? 3.844   -0.253  -6.910  1.00 35.32 ? 35  MSE A N   1 
HETATM 332  C  CA  . MSE A 1 56 ? 3.361   0.518   -8.066  1.00 35.52 ? 35  MSE A CA  1 
HETATM 333  C  C   . MSE A 1 56 ? 2.344   -0.355  -8.851  1.00 35.05 ? 35  MSE A C   1 
HETATM 334  O  O   . MSE A 1 56 ? 2.508   -1.553  -8.984  1.00 34.33 ? 35  MSE A O   1 
HETATM 335  C  CB  . MSE A 1 56 ? 4.534   1.060   -8.913  1.00 36.40 ? 35  MSE A CB  1 
HETATM 336  C  CG  . MSE A 1 56 ? 5.240   0.084   -9.803  1.00 39.96 ? 35  MSE A CG  1 
HETATM 337  SE SE  . MSE A 1 56 ? 6.834   0.948   -10.634 0.60 37.56 ? 35  MSE A SE  1 
HETATM 338  C  CE  . MSE A 1 56 ? 7.871   -0.716  -10.431 1.00 36.43 ? 35  MSE A CE  1 
ATOM   339  N  N   . THR A 1 57 ? 1.254   0.232   -9.335  1.00 35.45 ? 36  THR A N   1 
ATOM   340  C  CA  . THR A 1 57 ? 0.212   -0.618  -9.928  1.00 35.79 ? 36  THR A CA  1 
ATOM   341  C  C   . THR A 1 57 ? 0.468   -0.919  -11.414 1.00 36.73 ? 36  THR A C   1 
ATOM   342  O  O   . THR A 1 57 ? -0.179  -1.812  -12.005 1.00 37.06 ? 36  THR A O   1 
ATOM   343  C  CB  . THR A 1 57 ? -1.172  0.017   -9.739  1.00 36.88 ? 36  THR A CB  1 
ATOM   344  O  OG1 . THR A 1 57 ? -1.167  1.305   -10.370 1.00 38.27 ? 36  THR A OG1 1 
ATOM   345  C  CG2 . THR A 1 57 ? -1.486  0.179   -8.239  1.00 35.39 ? 36  THR A CG2 1 
ATOM   346  N  N   . GLU A 1 58 ? 1.382   -0.165  -12.029 1.00 35.58 ? 37  GLU A N   1 
ATOM   347  C  CA  . GLU A 1 58 ? 1.868   -0.500  -13.393 1.00 36.12 ? 37  GLU A CA  1 
ATOM   348  C  C   . GLU A 1 58 ? 3.284   0.076   -13.569 1.00 32.34 ? 37  GLU A C   1 
ATOM   349  O  O   . GLU A 1 58 ? 3.652   1.035   -12.814 1.00 31.87 ? 37  GLU A O   1 
ATOM   350  C  CB  . GLU A 1 58 ? 0.925   0.118   -14.428 1.00 36.03 ? 37  GLU A CB  1 
ATOM   351  C  CG  . GLU A 1 58 ? 0.890   1.628   -14.412 1.00 38.08 ? 37  GLU A CG  1 
ATOM   352  C  CD  . GLU A 1 58 ? -0.219  2.176   -15.326 1.00 40.41 ? 37  GLU A CD  1 
ATOM   353  O  OE1 . GLU A 1 58 ? -0.114  1.983   -16.560 1.00 40.12 ? 37  GLU A OE1 1 
ATOM   354  O  OE2 . GLU A 1 58 ? -1.198  2.762   -14.801 1.00 41.45 ? 37  GLU A OE2 1 
ATOM   355  N  N   . PRO A 1 59 ? 4.038   -0.384  -14.603 1.00 30.31 ? 38  PRO A N   1 
ATOM   356  C  CA  . PRO A 1 59 ? 5.422   0.132   -14.752 1.00 28.98 ? 38  PRO A CA  1 
ATOM   357  C  C   . PRO A 1 59 ? 5.452   1.640   -14.978 1.00 28.61 ? 38  PRO A C   1 
ATOM   358  O  O   . PRO A 1 59 ? 4.618   2.192   -15.713 1.00 28.14 ? 38  PRO A O   1 
ATOM   359  C  CB  . PRO A 1 59 ? 5.959   -0.602  -16.000 1.00 29.70 ? 38  PRO A CB  1 
ATOM   360  C  CG  . PRO A 1 59 ? 5.109   -1.905  -16.045 1.00 29.90 ? 38  PRO A CG  1 
ATOM   361  C  CD  . PRO A 1 59 ? 3.730   -1.395  -15.657 1.00 30.62 ? 38  PRO A CD  1 
ATOM   362  N  N   . LEU A 1 60 ? 6.428   2.293   -14.354 1.00 27.67 ? 39  LEU A N   1 
ATOM   363  C  CA  . LEU A 1 60 ? 6.548   3.744   -14.388 1.00 27.36 ? 39  LEU A CA  1 
ATOM   364  C  C   . LEU A 1 60 ? 7.775   4.220   -15.139 1.00 27.77 ? 39  LEU A C   1 
ATOM   365  O  O   . LEU A 1 60 ? 8.823   3.528   -15.207 1.00 28.99 ? 39  LEU A O   1 
ATOM   366  C  CB  . LEU A 1 60 ? 6.567   4.346   -12.934 1.00 27.19 ? 39  LEU A CB  1 
ATOM   367  C  CG  . LEU A 1 60 ? 5.305   4.085   -12.116 1.00 28.61 ? 39  LEU A CG  1 
ATOM   368  C  CD1 . LEU A 1 60 ? 5.492   4.560   -10.645 1.00 29.68 ? 39  LEU A CD1 1 
ATOM   369  C  CD2 . LEU A 1 60 ? 4.049   4.764   -12.771 1.00 27.28 ? 39  LEU A CD2 1 
ATOM   370  N  N   . ALA A 1 61 ? 7.659   5.425   -15.681 1.00 27.75 ? 40  ALA A N   1 
ATOM   371  C  CA  . ALA A 1 61 ? 8.783   6.074   -16.345 1.00 28.00 ? 40  ALA A CA  1 
ATOM   372  C  C   . ALA A 1 61 ? 8.931   7.534   -15.936 1.00 27.79 ? 40  ALA A C   1 
ATOM   373  O  O   . ALA A 1 61 ? 7.955   8.178   -15.508 1.00 25.96 ? 40  ALA A O   1 
ATOM   374  C  CB  . ALA A 1 61 ? 8.591   5.979   -17.908 1.00 29.65 ? 40  ALA A CB  1 
ATOM   375  N  N   . ILE A 1 62 ? 10.131  8.079   -16.154 1.00 28.67 ? 41  ILE A N   1 
ATOM   376  C  CA  . ILE A 1 62 ? 10.346  9.534   -15.998 1.00 30.09 ? 41  ILE A CA  1 
ATOM   377  C  C   . ILE A 1 62 ? 9.324   10.340  -16.740 1.00 30.64 ? 41  ILE A C   1 
ATOM   378  O  O   . ILE A 1 62 ? 9.021   10.080  -17.940 1.00 29.82 ? 41  ILE A O   1 
ATOM   379  C  CB  . ILE A 1 62 ? 11.774  9.932   -16.389 1.00 31.47 ? 41  ILE A CB  1 
ATOM   380  C  CG1 . ILE A 1 62 ? 12.736  9.196   -15.465 1.00 32.22 ? 41  ILE A CG1 1 
ATOM   381  C  CG2 . ILE A 1 62 ? 11.927  11.499  -16.324 1.00 28.48 ? 41  ILE A CG2 1 
ATOM   382  C  CD1 . ILE A 1 62 ? 14.217  9.389   -15.678 1.00 39.93 ? 41  ILE A CD1 1 
ATOM   383  N  N   . GLY A 1 63 ? 8.765   11.302  -16.024 1.00 29.17 ? 42  GLY A N   1 
ATOM   384  C  CA  . GLY A 1 63 ? 7.679   12.107  -16.561 1.00 29.68 ? 42  GLY A CA  1 
ATOM   385  C  C   . GLY A 1 63 ? 6.252   11.679  -16.352 1.00 28.05 ? 42  GLY A C   1 
ATOM   386  O  O   . GLY A 1 63 ? 5.356   12.469  -16.598 1.00 30.41 ? 42  GLY A O   1 
ATOM   387  N  N   . ASP A 1 64 ? 6.020   10.447  -15.867 1.00 28.44 ? 43  ASP A N   1 
ATOM   388  C  CA  . ASP A 1 64 ? 4.685   10.013  -15.441 1.00 26.86 ? 43  ASP A CA  1 
ATOM   389  C  C   . ASP A 1 64 ? 4.327   10.839  -14.176 1.00 25.89 ? 43  ASP A C   1 
ATOM   390  O  O   . ASP A 1 64 ? 5.218   11.255  -13.495 1.00 25.04 ? 43  ASP A O   1 
ATOM   391  C  CB  . ASP A 1 64 ? 4.733   8.545   -15.016 1.00 27.29 ? 43  ASP A CB  1 
ATOM   392  C  CG  . ASP A 1 64 ? 4.823   7.582   -16.235 1.00 33.08 ? 43  ASP A CG  1 
ATOM   393  O  OD1 . ASP A 1 64 ? 4.703   8.088   -17.369 1.00 33.19 ? 43  ASP A OD1 1 
ATOM   394  O  OD2 . ASP A 1 64 ? 4.973   6.333   -16.043 1.00 34.28 ? 43  ASP A OD2 1 
ATOM   395  N  N   . TYR A 1 65 ? 3.038   11.054  -13.940 1.00 26.45 ? 44  TYR A N   1 
ATOM   396  C  CA  . TYR A 1 65 ? 2.537   11.620  -12.686 1.00 25.95 ? 44  TYR A CA  1 
ATOM   397  C  C   . TYR A 1 65 ? 1.796   10.501  -11.981 1.00 26.38 ? 44  TYR A C   1 
ATOM   398  O  O   . TYR A 1 65 ? 0.991   9.736   -12.603 1.00 27.50 ? 44  TYR A O   1 
ATOM   399  C  CB  . TYR A 1 65 ? 1.596   12.811  -12.940 1.00 27.27 ? 44  TYR A CB  1 
ATOM   400  C  CG  . TYR A 1 65 ? 2.425   14.047  -13.167 1.00 28.64 ? 44  TYR A CG  1 
ATOM   401  C  CD1 . TYR A 1 65 ? 2.723   14.923  -12.102 1.00 30.84 ? 44  TYR A CD1 1 
ATOM   402  C  CD2 . TYR A 1 65 ? 2.986   14.292  -14.418 1.00 34.52 ? 44  TYR A CD2 1 
ATOM   403  C  CE1 . TYR A 1 65 ? 3.538   16.057  -12.302 1.00 34.01 ? 44  TYR A CE1 1 
ATOM   404  C  CE2 . TYR A 1 65 ? 3.815   15.422  -14.633 1.00 33.47 ? 44  TYR A CE2 1 
ATOM   405  C  CZ  . TYR A 1 65 ? 4.098   16.263  -13.570 1.00 34.42 ? 44  TYR A CZ  1 
ATOM   406  O  OH  . TYR A 1 65 ? 4.899   17.365  -13.775 1.00 35.90 ? 44  TYR A OH  1 
ATOM   407  N  N   . VAL A 1 66 ? 2.007   10.439  -10.668 1.00 26.84 ? 45  VAL A N   1 
ATOM   408  C  CA  . VAL A 1 66 ? 1.340   9.481   -9.831  1.00 25.01 ? 45  VAL A CA  1 
ATOM   409  C  C   . VAL A 1 66 ? 0.616   10.139  -8.655  1.00 26.73 ? 45  VAL A C   1 
ATOM   410  O  O   . VAL A 1 66 ? 1.033   11.206  -8.176  1.00 26.06 ? 45  VAL A O   1 
ATOM   411  C  CB  . VAL A 1 66 ? 2.356   8.444   -9.283  1.00 25.91 ? 45  VAL A CB  1 
ATOM   412  C  CG1 . VAL A 1 66 ? 2.930   7.579   -10.433 1.00 25.30 ? 45  VAL A CG1 1 
ATOM   413  C  CG2 . VAL A 1 66 ? 3.471   9.072   -8.483  1.00 27.23 ? 45  VAL A CG2 1 
ATOM   414  N  N   . LEU A 1 67 ? -0.439  9.480   -8.202  1.00 26.15 ? 46  LEU A N   1 
ATOM   415  C  CA  . LEU A 1 67 ? -0.996  9.712   -6.850  1.00 27.29 ? 46  LEU A CA  1 
ATOM   416  C  C   . LEU A 1 67 ? -0.546  8.554   -5.970  1.00 28.14 ? 46  LEU A C   1 
ATOM   417  O  O   . LEU A 1 67 ? -0.551  7.399   -6.396  1.00 28.60 ? 46  LEU A O   1 
ATOM   418  C  CB  . LEU A 1 67 ? -2.487  9.729   -6.873  1.00 27.62 ? 46  LEU A CB  1 
ATOM   419  C  CG  . LEU A 1 67 ? -3.160  10.892  -7.639  1.00 28.61 ? 46  LEU A CG  1 
ATOM   420  C  CD1 . LEU A 1 67 ? -4.623  10.597  -7.702  1.00 28.80 ? 46  LEU A CD1 1 
ATOM   421  C  CD2 . LEU A 1 67 ? -2.919  12.260  -6.939  1.00 29.77 ? 46  LEU A CD2 1 
ATOM   422  N  N   . ILE A 1 68 ? -0.197  8.884   -4.733  1.00 28.76 ? 47  ILE A N   1 
ATOM   423  C  CA  . ILE A 1 68 ? 0.437   7.911   -3.843  1.00 29.87 ? 47  ILE A CA  1 
ATOM   424  C  C   . ILE A 1 68 ? -0.447  7.819   -2.584  1.00 31.22 ? 47  ILE A C   1 
ATOM   425  O  O   . ILE A 1 68 ? -1.047  8.811   -2.180  1.00 31.37 ? 47  ILE A O   1 
ATOM   426  C  CB  . ILE A 1 68 ? 1.849   8.371   -3.473  1.00 30.04 ? 47  ILE A CB  1 
ATOM   427  C  CG1 . ILE A 1 68 ? 2.727   8.473   -4.732  1.00 33.77 ? 47  ILE A CG1 1 
ATOM   428  C  CG2 . ILE A 1 68 ? 2.499   7.437   -2.427  1.00 33.64 ? 47  ILE A CG2 1 
ATOM   429  C  CD1 . ILE A 1 68 ? 3.865   9.421   -4.534  1.00 36.26 ? 47  ILE A CD1 1 
ATOM   430  N  N   . HIS A 1 69 ? -0.590  6.615   -2.031  1.00 30.04 ? 48  HIS A N   1 
ATOM   431  C  CA  . HIS A 1 69 ? -1.287  6.453   -0.774  1.00 30.22 ? 48  HIS A CA  1 
ATOM   432  C  C   . HIS A 1 69 ? -0.629  5.325   -0.002  1.00 30.19 ? 48  HIS A C   1 
ATOM   433  O  O   . HIS A 1 69 ? 0.056   4.462   -0.589  1.00 30.77 ? 48  HIS A O   1 
ATOM   434  C  CB  . HIS A 1 69 ? -2.810  6.245   -0.972  1.00 29.85 ? 48  HIS A CB  1 
ATOM   435  C  CG  . HIS A 1 69 ? -3.215  4.959   -1.645  1.00 34.57 ? 48  HIS A CG  1 
ATOM   436  N  ND1 . HIS A 1 69 ? -3.368  4.864   -3.012  1.00 35.23 ? 48  HIS A ND1 1 
ATOM   437  C  CD2 . HIS A 1 69 ? -3.563  3.744   -1.145  1.00 36.01 ? 48  HIS A CD2 1 
ATOM   438  C  CE1 . HIS A 1 69 ? -3.799  3.649   -3.325  1.00 38.32 ? 48  HIS A CE1 1 
ATOM   439  N  NE2 . HIS A 1 69 ? -3.906  2.942   -2.212  1.00 36.55 ? 48  HIS A NE2 1 
ATOM   440  N  N   . ILE A 1 70 ? -0.764  5.347   1.316   1.00 30.47 ? 49  ILE A N   1 
ATOM   441  C  CA  . ILE A 1 70 ? -0.174  4.228   2.087   1.00 30.63 ? 49  ILE A CA  1 
ATOM   442  C  C   . ILE A 1 70 ? -1.130  3.085   1.888   1.00 30.85 ? 49  ILE A C   1 
ATOM   443  O  O   . ILE A 1 70 ? -2.349  3.238   2.064   1.00 30.27 ? 49  ILE A O   1 
ATOM   444  C  CB  . ILE A 1 70 ? -0.061  4.579   3.596   1.00 33.12 ? 49  ILE A CB  1 
ATOM   445  C  CG1 . ILE A 1 70 ? 1.004   5.668   3.799   1.00 36.89 ? 49  ILE A CG1 1 
ATOM   446  C  CG2 . ILE A 1 70 ? 0.494   3.401   4.348   1.00 33.35 ? 49  ILE A CG2 1 
ATOM   447  C  CD1 . ILE A 1 70 ? 0.863   6.356   5.151   1.00 40.76 ? 49  ILE A CD1 1 
ATOM   448  N  N   . GLY A 1 71 ? -0.633  1.919   1.495   1.00 30.27 ? 50  GLY A N   1 
ATOM   449  C  CA  . GLY A 1 71 ? -1.560  0.813   1.346   1.00 30.59 ? 50  GLY A CA  1 
ATOM   450  C  C   . GLY A 1 71 ? -0.851  -0.498  1.530   1.00 30.07 ? 50  GLY A C   1 
ATOM   451  O  O   . GLY A 1 71 ? 0.208   -0.557  2.127   1.00 29.39 ? 50  GLY A O   1 
ATOM   452  N  N   . PHE A 1 72 ? -1.433  -1.563  1.009   1.00 29.36 ? 51  PHE A N   1 
ATOM   453  C  CA  . PHE A 1 72 ? -0.747  -2.841  1.129   1.00 28.82 ? 51  PHE A CA  1 
ATOM   454  C  C   . PHE A 1 72 ? -1.284  -3.816  0.102   1.00 28.76 ? 51  PHE A C   1 
ATOM   455  O  O   . PHE A 1 72 ? -2.281  -3.519  -0.589  1.00 29.57 ? 51  PHE A O   1 
ATOM   456  C  CB  . PHE A 1 72 ? -0.977  -3.439  2.546   1.00 29.43 ? 51  PHE A CB  1 
ATOM   457  C  CG  . PHE A 1 72 ? -2.420  -3.684  2.890   1.00 31.74 ? 51  PHE A CG  1 
ATOM   458  C  CD1 . PHE A 1 72 ? -2.981  -4.977  2.743   1.00 35.69 ? 51  PHE A CD1 1 
ATOM   459  C  CD2 . PHE A 1 72 ? -3.217  -2.663  3.365   1.00 35.22 ? 51  PHE A CD2 1 
ATOM   460  C  CE1 . PHE A 1 72 ? -4.312  -5.238  3.071   1.00 37.50 ? 51  PHE A CE1 1 
ATOM   461  C  CE2 . PHE A 1 72 ? -4.585  -2.909  3.692   1.00 40.11 ? 51  PHE A CE2 1 
ATOM   462  C  CZ  . PHE A 1 72 ? -5.127  -4.206  3.545   1.00 38.74 ? 51  PHE A CZ  1 
ATOM   463  N  N   . VAL A 1 73 ? -0.629  -4.959  0.007   1.00 27.51 ? 52  VAL A N   1 
ATOM   464  C  CA  . VAL A 1 73 ? -1.172  -6.063  -0.796  1.00 29.16 ? 52  VAL A CA  1 
ATOM   465  C  C   . VAL A 1 73 ? -1.045  -7.310  0.086   1.00 30.85 ? 52  VAL A C   1 
ATOM   466  O  O   . VAL A 1 73 ? -0.370  -7.259  1.120   1.00 31.26 ? 52  VAL A O   1 
ATOM   467  C  CB  . VAL A 1 73 ? -0.404  -6.290  -2.078  1.00 29.50 ? 52  VAL A CB  1 
ATOM   468  C  CG1 . VAL A 1 73 ? -0.668  -5.154  -3.094  1.00 31.44 ? 52  VAL A CG1 1 
ATOM   469  C  CG2 . VAL A 1 73 ? 1.096   -6.543  -1.795  1.00 28.85 ? 52  VAL A CG2 1 
HETATM 470  N  N   . MSE A 1 74 ? -1.723  -8.396  -0.275  1.00 32.65 ? 53  MSE A N   1 
HETATM 471  C  CA  . MSE A 1 74 ? -1.719  -9.598  0.573   1.00 34.50 ? 53  MSE A CA  1 
HETATM 472  C  C   . MSE A 1 74 ? -0.966  -10.695 -0.127  1.00 34.25 ? 53  MSE A C   1 
HETATM 473  O  O   . MSE A 1 74 ? -1.332  -11.064 -1.264  1.00 32.60 ? 53  MSE A O   1 
HETATM 474  C  CB  . MSE A 1 74 ? -3.157  -10.111 0.819   1.00 34.42 ? 53  MSE A CB  1 
HETATM 475  C  CG  . MSE A 1 74 ? -4.051  -9.185  1.620   1.00 37.56 ? 53  MSE A CG  1 
HETATM 476  SE SE  . MSE A 1 74 ? -5.826  -10.047 1.868   0.62 44.56 ? 53  MSE A SE  1 
HETATM 477  C  CE  . MSE A 1 74 ? -6.571  -9.936  0.067   1.00 43.13 ? 53  MSE A CE  1 
ATOM   478  N  N   . ASN A 1 75 ? 0.060   -11.228 0.536   1.00 33.72 ? 54  ASN A N   1 
ATOM   479  C  CA  . ASN A 1 75 ? 0.862   -12.308 -0.032  1.00 34.61 ? 54  ASN A CA  1 
ATOM   480  C  C   . ASN A 1 75 ? 0.545   -13.591 0.693   1.00 34.24 ? 54  ASN A C   1 
ATOM   481  O  O   . ASN A 1 75 ? 0.452   -13.592 1.930   1.00 34.00 ? 54  ASN A O   1 
ATOM   482  C  CB  . ASN A 1 75 ? 2.354   -12.074 0.181   1.00 34.89 ? 54  ASN A CB  1 
ATOM   483  C  CG  . ASN A 1 75 ? 2.899   -10.857 -0.602  1.00 39.63 ? 54  ASN A CG  1 
ATOM   484  O  OD1 . ASN A 1 75 ? 3.778   -10.144 -0.119  1.00 41.49 ? 54  ASN A OD1 1 
ATOM   485  N  ND2 . ASN A 1 75 ? 2.391   -10.639 -1.784  1.00 38.82 ? 54  ASN A ND2 1 
ATOM   486  N  N   . LYS A 1 76 ? 0.476   -14.698 -0.032  1.00 32.86 ? 55  LYS A N   1 
ATOM   487  C  CA  . LYS A 1 76 ? 0.200   -15.980 0.664   1.00 34.19 ? 55  LYS A CA  1 
ATOM   488  C  C   . LYS A 1 76 ? 1.441   -16.449 1.403   1.00 34.62 ? 55  LYS A C   1 
ATOM   489  O  O   . LYS A 1 76 ? 2.586   -16.218 0.937   1.00 35.22 ? 55  LYS A O   1 
ATOM   490  C  CB  . LYS A 1 76 ? -0.237  -17.050 -0.355  1.00 33.66 ? 55  LYS A CB  1 
ATOM   491  C  CG  . LYS A 1 76 ? -0.894  -18.245 0.295   1.00 36.82 ? 55  LYS A CG  1 
ATOM   492  C  CD  . LYS A 1 76 ? -1.265  -19.313 -0.756  1.00 39.67 ? 55  LYS A CD  1 
ATOM   493  C  CE  . LYS A 1 76 ? -0.206  -20.396 -0.810  1.00 48.23 ? 55  LYS A CE  1 
ATOM   494  N  NZ  . LYS A 1 76 ? -0.355  -21.402 0.287   1.00 52.43 ? 55  LYS A NZ  1 
ATOM   495  N  N   . ILE A 1 77 ? 1.253   -17.119 2.544   1.00 32.79 ? 56  ILE A N   1 
ATOM   496  C  CA  . ILE A 1 77 ? 2.366   -17.757 3.251   1.00 33.47 ? 56  ILE A CA  1 
ATOM   497  C  C   . ILE A 1 77 ? 1.968   -19.200 3.500   1.00 33.06 ? 56  ILE A C   1 
ATOM   498  O  O   . ILE A 1 77 ? 0.834   -19.461 3.880   1.00 32.98 ? 56  ILE A O   1 
ATOM   499  C  CB  . ILE A 1 77 ? 2.731   -17.014 4.618   1.00 33.21 ? 56  ILE A CB  1 
ATOM   500  C  CG1 . ILE A 1 77 ? 3.838   -17.761 5.387   1.00 34.59 ? 56  ILE A CG1 1 
ATOM   501  C  CG2 . ILE A 1 77 ? 1.505   -16.826 5.571   1.00 32.50 ? 56  ILE A CG2 1 
ATOM   502  C  CD1 . ILE A 1 77 ? 4.163   -17.101 6.772   1.00 36.39 ? 56  ILE A CD1 1 
ATOM   503  N  N   . ASP A 1 78 ? 2.902   -20.112 3.338   1.00 32.10 ? 57  ASP A N   1 
ATOM   504  C  CA  . ASP A 1 78 ? 2.656   -21.515 3.604   1.00 33.63 ? 57  ASP A CA  1 
ATOM   505  C  C   . ASP A 1 78 ? 1.987   -21.704 4.948   1.00 32.33 ? 57  ASP A C   1 
ATOM   506  O  O   . ASP A 1 78 ? 2.449   -21.151 5.934   1.00 32.07 ? 57  ASP A O   1 
ATOM   507  C  CB  . ASP A 1 78 ? 3.977   -22.257 3.626   1.00 35.05 ? 57  ASP A CB  1 
ATOM   508  C  CG  . ASP A 1 78 ? 3.787   -23.708 3.944   1.00 41.48 ? 57  ASP A CG  1 
ATOM   509  O  OD1 . ASP A 1 78 ? 3.377   -24.465 3.028   1.00 47.03 ? 57  ASP A OD1 1 
ATOM   510  O  OD2 . ASP A 1 78 ? 4.016   -24.086 5.118   1.00 46.42 ? 57  ASP A OD2 1 
ATOM   511  N  N   A ARG A 1 79 ? 0.924   -22.512 4.997   0.60 32.32 ? 58  ARG A N   1 
ATOM   512  N  N   B ARG A 1 79 ? 0.914   -22.497 4.984   0.40 32.78 ? 58  ARG A N   1 
ATOM   513  C  CA  A ARG A 1 79 ? 0.124   -22.585 6.214   0.60 32.12 ? 58  ARG A CA  1 
ATOM   514  C  CA  B ARG A 1 79 ? 0.119   -22.614 6.202   0.40 33.03 ? 58  ARG A CA  1 
ATOM   515  C  C   A ARG A 1 79 ? 0.948   -23.164 7.370   0.60 32.96 ? 58  ARG A C   1 
ATOM   516  C  C   B ARG A 1 79 ? 0.968   -23.148 7.359   0.40 33.37 ? 58  ARG A C   1 
ATOM   517  O  O   A ARG A 1 79 ? 0.848   -22.691 8.502   0.60 32.58 ? 58  ARG A O   1 
ATOM   518  O  O   B ARG A 1 79 ? 0.898   -22.631 8.475   0.40 33.14 ? 58  ARG A O   1 
ATOM   519  C  CB  A ARG A 1 79 ? -1.182  -23.331 5.965   0.60 32.73 ? 58  ARG A CB  1 
ATOM   520  C  CB  B ARG A 1 79 ? -1.141  -23.451 5.975   0.40 33.41 ? 58  ARG A CB  1 
ATOM   521  C  CG  A ARG A 1 79 ? -1.749  -24.067 7.178   0.60 32.02 ? 58  ARG A CG  1 
ATOM   522  C  CG  B ARG A 1 79 ? -1.722  -24.041 7.264   0.40 33.22 ? 58  ARG A CG  1 
ATOM   523  C  CD  A ARG A 1 79 ? -2.473  -25.342 6.705   0.60 33.69 ? 58  ARG A CD  1 
ATOM   524  C  CD  B ARG A 1 79 ? -3.074  -24.728 7.078   0.40 34.26 ? 58  ARG A CD  1 
ATOM   525  N  NE  A ARG A 1 79 ? -3.852  -24.979 6.463   0.60 35.32 ? 58  ARG A NE  1 
ATOM   526  N  NE  B ARG A 1 79 ? -3.179  -25.834 6.099   0.40 33.19 ? 58  ARG A NE  1 
ATOM   527  C  CZ  A ARG A 1 79 ? -4.727  -25.663 5.751   0.60 32.37 ? 58  ARG A CZ  1 
ATOM   528  C  CZ  B ARG A 1 79 ? -2.286  -26.799 5.824   0.40 35.49 ? 58  ARG A CZ  1 
ATOM   529  N  NH1 A ARG A 1 79 ? -4.406  -26.798 5.158   0.60 32.17 ? 58  ARG A NH1 1 
ATOM   530  N  NH1 B ARG A 1 79 ? -2.604  -27.714 4.913   0.40 36.93 ? 58  ARG A NH1 1 
ATOM   531  N  NH2 A ARG A 1 79 ? -5.937  -25.178 5.650   0.60 34.70 ? 58  ARG A NH2 1 
ATOM   532  N  NH2 B ARG A 1 79 ? -1.097  -26.883 6.410   0.40 32.21 ? 58  ARG A NH2 1 
ATOM   533  N  N   . ASN A 1 80 ? 1.794   -24.162 7.097   1.00 33.35 ? 59  ASN A N   1 
ATOM   534  C  CA  . ASN A 1 80 ? 2.617   -24.741 8.186   1.00 34.46 ? 59  ASN A CA  1 
ATOM   535  C  C   . ASN A 1 80 ? 3.646   -23.792 8.794   1.00 35.16 ? 59  ASN A C   1 
ATOM   536  O  O   . ASN A 1 80 ? 3.815   -23.714 10.031  1.00 35.36 ? 59  ASN A O   1 
ATOM   537  C  CB  . ASN A 1 80 ? 3.210   -26.088 7.763   1.00 36.20 ? 59  ASN A CB  1 
ATOM   538  C  CG  . ASN A 1 80 ? 2.128   -27.139 7.579   1.00 37.60 ? 59  ASN A CG  1 
ATOM   539  O  OD1 . ASN A 1 80 ? 1.092   -27.069 8.214   1.00 38.84 ? 59  ASN A OD1 1 
ATOM   540  N  ND2 . ASN A 1 80 ? 2.350   -28.094 6.678   1.00 42.38 ? 59  ASN A ND2 1 
ATOM   541  N  N   . ASP A 1 81 ? 4.245   -22.986 7.929   1.00 34.11 ? 60  ASP A N   1 
ATOM   542  C  CA  . ASP A 1 81 ? 5.135   -21.924 8.380   1.00 34.86 ? 60  ASP A CA  1 
ATOM   543  C  C   . ASP A 1 81 ? 4.392   -20.840 9.169   1.00 32.66 ? 60  ASP A C   1 
ATOM   544  O  O   . ASP A 1 81 ? 4.906   -20.334 10.160  1.00 33.09 ? 60  ASP A O   1 
ATOM   545  C  CB  . ASP A 1 81 ? 5.802   -21.256 7.199   1.00 34.93 ? 60  ASP A CB  1 
ATOM   546  C  CG  . ASP A 1 81 ? 6.891   -22.125 6.539   1.00 41.54 ? 60  ASP A CG  1 
ATOM   547  O  OD1 . ASP A 1 81 ? 7.327   -23.163 7.102   1.00 46.79 ? 60  ASP A OD1 1 
ATOM   548  O  OD2 . ASP A 1 81 ? 7.297   -21.755 5.422   1.00 47.44 ? 60  ASP A OD2 1 
ATOM   549  N  N   . ALA A 1 82 ? 3.219   -20.429 8.696   1.00 31.16 ? 61  ALA A N   1 
ATOM   550  C  CA  . ALA A 1 82 ? 2.375   -19.515 9.483   1.00 30.07 ? 61  ALA A CA  1 
ATOM   551  C  C   . ALA A 1 82 ? 2.079   -20.080 10.903  1.00 30.19 ? 61  ALA A C   1 
ATOM   552  O  O   . ALA A 1 82 ? 2.309   -19.432 11.950  1.00 30.06 ? 61  ALA A O   1 
ATOM   553  C  CB  . ALA A 1 82 ? 1.046   -19.263 8.752   1.00 29.68 ? 61  ALA A CB  1 
ATOM   554  N  N   . LEU A 1 83 ? 1.532   -21.288 10.931  1.00 29.98 ? 62  LEU A N   1 
ATOM   555  C  CA  . LEU A 1 83 ? 1.162   -21.897 12.197  1.00 31.66 ? 62  LEU A CA  1 
ATOM   556  C  C   . LEU A 1 83 ? 2.333   -22.066 13.157  1.00 33.40 ? 62  LEU A C   1 
ATOM   557  O  O   . LEU A 1 83 ? 2.165   -21.866 14.351  1.00 33.52 ? 62  LEU A O   1 
ATOM   558  C  CB  . LEU A 1 83 ? 0.438   -23.234 11.979  1.00 31.82 ? 62  LEU A CB  1 
ATOM   559  C  CG  . LEU A 1 83 ? -0.963  -23.007 11.389  1.00 30.78 ? 62  LEU A CG  1 
ATOM   560  C  CD1 . LEU A 1 83 ? -1.539  -24.380 10.883  1.00 35.15 ? 62  LEU A CD1 1 
ATOM   561  C  CD2 . LEU A 1 83 ? -1.932  -22.270 12.317  1.00 33.81 ? 62  LEU A CD2 1 
ATOM   562  N  N   . GLN A 1 84 ? 3.502   -22.426 12.637  1.00 34.57 ? 63  GLN A N   1 
ATOM   563  C  CA  . GLN A 1 84 ? 4.666   -22.542 13.495  1.00 37.63 ? 63  GLN A CA  1 
ATOM   564  C  C   . GLN A 1 84 ? 5.101   -21.156 14.055  1.00 38.50 ? 63  GLN A C   1 
ATOM   565  O  O   . GLN A 1 84 ? 5.404   -21.041 15.232  1.00 42.07 ? 63  GLN A O   1 
ATOM   566  C  CB  . GLN A 1 84 ? 5.801   -23.252 12.774  1.00 37.70 ? 63  GLN A CB  1 
ATOM   567  C  CG  . GLN A 1 84 ? 5.534   -24.765 12.548  1.00 42.65 ? 63  GLN A CG  1 
ATOM   568  C  CD  . GLN A 1 84 ? 6.351   -25.348 11.410  1.00 48.05 ? 63  GLN A CD  1 
ATOM   569  O  OE1 . GLN A 1 84 ? 7.156   -24.657 10.787  1.00 54.34 ? 63  GLN A OE1 1 
ATOM   570  N  NE2 . GLN A 1 84 ? 6.156   -26.633 11.136  1.00 50.98 ? 63  GLN A NE2 1 
ATOM   571  N  N   . SER A 1 85 ? 5.076   -20.113 13.239  1.00 37.11 ? 64  SER A N   1 
ATOM   572  C  CA  . SER A 1 85 ? 5.545   -18.812 13.667  1.00 36.19 ? 64  SER A CA  1 
ATOM   573  C  C   . SER A 1 85 ? 4.586   -18.133 14.614  1.00 36.16 ? 64  SER A C   1 
ATOM   574  O  O   . SER A 1 85 ? 5.015   -17.306 15.437  1.00 34.91 ? 64  SER A O   1 
ATOM   575  C  CB  . SER A 1 85 ? 5.788   -17.894 12.471  1.00 36.64 ? 64  SER A CB  1 
ATOM   576  O  OG  . SER A 1 85 ? 4.553   -17.607 11.858  1.00 37.27 ? 64  SER A OG  1 
ATOM   577  N  N   . LEU A 1 86 ? 3.293   -18.454 14.512  1.00 34.48 ? 65  LEU A N   1 
ATOM   578  C  CA  . LEU A 1 86 ? 2.310   -17.687 15.291  1.00 34.78 ? 65  LEU A CA  1 
ATOM   579  C  C   . LEU A 1 86 ? 2.521   -17.751 16.803  1.00 35.16 ? 65  LEU A C   1 
ATOM   580  O  O   . LEU A 1 86 ? 2.172   -16.803 17.530  1.00 33.00 ? 65  LEU A O   1 
ATOM   581  C  CB  . LEU A 1 86 ? 0.855   -18.024 14.897  1.00 34.09 ? 65  LEU A CB  1 
ATOM   582  C  CG  . LEU A 1 86 ? 0.339   -17.249 13.672  1.00 33.79 ? 65  LEU A CG  1 
ATOM   583  C  CD1 . LEU A 1 86 ? -0.974  -17.794 13.266  1.00 34.61 ? 65  LEU A CD1 1 
ATOM   584  C  CD2 . LEU A 1 86 ? 0.179   -15.776 13.971  1.00 32.55 ? 65  LEU A CD2 1 
ATOM   585  N  N   . GLU A 1 87 ? 3.066   -18.864 17.288  1.00 35.47 ? 66  GLU A N   1 
ATOM   586  C  CA  . GLU A 1 87 ? 3.307   -18.959 18.720  1.00 38.89 ? 66  GLU A CA  1 
ATOM   587  C  C   . GLU A 1 87 ? 4.287   -17.886 19.206  1.00 36.50 ? 66  GLU A C   1 
ATOM   588  O  O   . GLU A 1 87 ? 4.133   -17.350 20.299  1.00 37.18 ? 66  GLU A O   1 
ATOM   589  C  CB  . GLU A 1 87 ? 3.809   -20.355 19.110  1.00 39.32 ? 66  GLU A CB  1 
ATOM   590  C  CG  . GLU A 1 87 ? 2.702   -21.278 19.618  1.00 44.57 ? 66  GLU A CG  1 
ATOM   591  C  CD  . GLU A 1 87 ? 3.267   -22.641 20.030  1.00 45.62 ? 66  GLU A CD  1 
ATOM   592  O  OE1 . GLU A 1 87 ? 4.209   -23.116 19.342  1.00 53.68 ? 66  GLU A OE1 1 
ATOM   593  O  OE2 . GLU A 1 87 ? 2.775   -23.228 21.044  1.00 55.81 ? 66  GLU A OE2 1 
ATOM   594  N  N   . LEU A 1 88 ? 5.300   -17.583 18.396  1.00 35.72 ? 67  LEU A N   1 
ATOM   595  C  CA  . LEU A 1 88 ? 6.274   -16.532 18.735  1.00 34.70 ? 67  LEU A CA  1 
ATOM   596  C  C   . LEU A 1 88 ? 5.630   -15.131 18.743  1.00 34.39 ? 67  LEU A C   1 
ATOM   597  O  O   . LEU A 1 88 ? 5.947   -14.279 19.600  1.00 34.05 ? 67  LEU A O   1 
ATOM   598  C  CB  . LEU A 1 88 ? 7.462   -16.568 17.765  1.00 34.22 ? 67  LEU A CB  1 
ATOM   599  C  CG  . LEU A 1 88 ? 8.451   -17.747 17.816  1.00 36.99 ? 67  LEU A CG  1 
ATOM   600  C  CD1 . LEU A 1 88 ? 9.411   -17.662 16.676  1.00 37.26 ? 67  LEU A CD1 1 
ATOM   601  C  CD2 . LEU A 1 88 ? 9.237   -17.652 19.108  1.00 41.38 ? 67  LEU A CD2 1 
ATOM   602  N  N   . TYR A 1 89 ? 4.728   -14.881 17.790  1.00 32.82 ? 68  TYR A N   1 
ATOM   603  C  CA  . TYR A 1 89 ? 4.014   -13.587 17.738  1.00 33.31 ? 68  TYR A CA  1 
ATOM   604  C  C   . TYR A 1 89 ? 3.146   -13.370 18.975  1.00 35.14 ? 68  TYR A C   1 
ATOM   605  O  O   . TYR A 1 89 ? 3.153   -12.282 19.586  1.00 34.46 ? 68  TYR A O   1 
ATOM   606  C  CB  . TYR A 1 89 ? 3.121   -13.524 16.490  1.00 33.07 ? 68  TYR A CB  1 
ATOM   607  C  CG  . TYR A 1 89 ? 3.831   -13.260 15.176  1.00 33.12 ? 68  TYR A CG  1 
ATOM   608  C  CD1 . TYR A 1 89 ? 3.934   -11.950 14.660  1.00 29.48 ? 68  TYR A CD1 1 
ATOM   609  C  CD2 . TYR A 1 89 ? 4.300   -14.327 14.374  1.00 29.65 ? 68  TYR A CD2 1 
ATOM   610  C  CE1 . TYR A 1 89 ? 4.531   -11.707 13.458  1.00 29.78 ? 68  TYR A CE1 1 
ATOM   611  C  CE2 . TYR A 1 89 ? 4.940   -14.083 13.178  1.00 31.37 ? 68  TYR A CE2 1 
ATOM   612  C  CZ  . TYR A 1 89 ? 5.035   -12.780 12.707  1.00 32.74 ? 68  TYR A CZ  1 
ATOM   613  O  OH  . TYR A 1 89 ? 5.615   -12.545 11.477  1.00 34.60 ? 68  TYR A OH  1 
ATOM   614  N  N   . GLN A 1 90 ? 2.400   -14.398 19.375  1.00 34.61 ? 69  GLN A N   1 
ATOM   615  C  CA  . GLN A 1 90 ? 1.634   -14.320 20.624  1.00 36.48 ? 69  GLN A CA  1 
ATOM   616  C  C   . GLN A 1 90 ? 2.498   -14.096 21.888  1.00 36.27 ? 69  GLN A C   1 
ATOM   617  O  O   . GLN A 1 90 ? 2.061   -13.428 22.842  1.00 37.20 ? 69  GLN A O   1 
ATOM   618  C  CB  . GLN A 1 90 ? 0.815   -15.604 20.787  1.00 36.65 ? 69  GLN A CB  1 
ATOM   619  C  CG  . GLN A 1 90 ? -0.293  -15.760 19.746  1.00 43.28 ? 69  GLN A CG  1 
ATOM   620  C  CD  . GLN A 1 90 ? -1.680  -15.458 20.327  1.00 50.94 ? 69  GLN A CD  1 
ATOM   621  O  OE1 . GLN A 1 90 ? -1.885  -14.453 21.041  1.00 55.97 ? 69  GLN A OE1 1 
ATOM   622  N  NE2 . GLN A 1 90 ? -2.629  -16.332 20.042  1.00 52.36 ? 69  GLN A NE2 1 
ATOM   623  N  N   . GLU A 1 91 ? 3.675   -14.715 21.948  1.00 35.65 ? 70  GLU A N   1 
ATOM   624  C  CA  . GLU A 1 91 ? 4.558   -14.505 23.089  1.00 35.95 ? 70  GLU A CA  1 
ATOM   625  C  C   . GLU A 1 91 ? 5.055   -13.048 23.140  1.00 35.38 ? 70  GLU A C   1 
ATOM   626  O  O   . GLU A 1 91 ? 5.243   -12.469 24.228  1.00 35.16 ? 70  GLU A O   1 
ATOM   627  C  CB  . GLU A 1 91 ? 5.793   -15.374 22.969  1.00 36.96 ? 70  GLU A CB  1 
ATOM   628  C  CG  . GLU A 1 91 ? 5.659   -16.849 23.343  1.00 42.20 ? 70  GLU A CG  1 
ATOM   629  C  CD  . GLU A 1 91 ? 7.037   -17.507 23.248  1.00 51.05 ? 70  GLU A CD  1 
ATOM   630  O  OE1 . GLU A 1 91 ? 7.874   -17.253 24.151  1.00 53.26 ? 70  GLU A OE1 1 
ATOM   631  O  OE2 . GLU A 1 91 ? 7.301   -18.223 22.260  1.00 52.58 ? 70  GLU A OE2 1 
ATOM   632  N  N   . ILE A 1 92 ? 5.318   -12.478 21.960  1.00 33.71 ? 71  ILE A N   1 
ATOM   633  C  CA  . ILE A 1 92 ? 5.761   -11.077 21.875  1.00 31.89 ? 71  ILE A CA  1 
ATOM   634  C  C   . ILE A 1 92 ? 4.643   -10.176 22.428  1.00 35.35 ? 71  ILE A C   1 
ATOM   635  O  O   . ILE A 1 92 ? 4.894   -9.292  23.306  1.00 33.83 ? 71  ILE A O   1 
ATOM   636  C  CB  . ILE A 1 92 ? 6.119   -10.674 20.408  1.00 30.90 ? 71  ILE A CB  1 
ATOM   637  C  CG1 . ILE A 1 92 ? 7.458   -11.325 19.985  1.00 28.89 ? 71  ILE A CG1 1 
ATOM   638  C  CG2 . ILE A 1 92 ? 6.257   -9.135  20.289  1.00 31.15 ? 71  ILE A CG2 1 
ATOM   639  C  CD1 . ILE A 1 92 ? 7.769   -11.093 18.439  1.00 28.26 ? 71  ILE A CD1 1 
ATOM   640  N  N   . VAL A 1 93 ? 3.429   -10.370 21.907  1.00 36.49 ? 72  VAL A N   1 
ATOM   641  C  CA  . VAL A 1 93 ? 2.275   -9.577  22.378  1.00 40.21 ? 72  VAL A CA  1 
ATOM   642  C  C   . VAL A 1 93 ? 2.115   -9.697  23.889  1.00 42.31 ? 72  VAL A C   1 
ATOM   643  O  O   . VAL A 1 93 ? 1.925   -8.680  24.570  1.00 43.22 ? 72  VAL A O   1 
ATOM   644  C  CB  . VAL A 1 93 ? 0.934   -9.951  21.642  1.00 40.25 ? 72  VAL A CB  1 
ATOM   645  C  CG1 . VAL A 1 93 ? -0.255  -9.101  22.189  1.00 42.90 ? 72  VAL A CG1 1 
ATOM   646  C  CG2 . VAL A 1 93 ? 1.087   -9.726  20.160  1.00 38.07 ? 72  VAL A CG2 1 
ATOM   647  N  N   . SER A 1 94 ? 2.248   -10.922 24.415  1.00 44.38 ? 73  SER A N   1 
ATOM   648  C  CA  . SER A 1 94 ? 2.174   -11.158 25.870  1.00 46.61 ? 73  SER A CA  1 
ATOM   649  C  C   . SER A 1 94 ? 3.237   -10.387 26.623  1.00 47.18 ? 73  SER A C   1 
ATOM   650  O  O   . SER A 1 94 ? 2.981   -9.891  27.725  1.00 47.49 ? 73  SER A O   1 
ATOM   651  C  CB  . SER A 1 94 ? 2.341   -12.635 26.221  1.00 46.34 ? 73  SER A CB  1 
ATOM   652  O  OG  . SER A 1 94 ? 1.300   -13.424 25.651  1.00 51.56 ? 73  SER A OG  1 
ATOM   653  N  N   . LYS A 1 95 ? 4.433   -10.319 26.051  1.00 46.50 ? 74  LYS A N   1 
ATOM   654  C  CA  . LYS A 1 95 ? 5.580   -9.680  26.706  1.00 47.98 ? 74  LYS A CA  1 
ATOM   655  C  C   . LYS A 1 95 ? 5.472   -8.156  26.686  1.00 47.97 ? 74  LYS A C   1 
ATOM   656  O  O   . LYS A 1 95 ? 5.880   -7.496  27.654  1.00 47.79 ? 74  LYS A O   1 
ATOM   657  C  CB  . LYS A 1 95 ? 6.865   -10.109 26.003  1.00 48.58 ? 74  LYS A CB  1 
ATOM   658  C  CG  . LYS A 1 95 ? 8.156   -9.623  26.588  1.00 51.26 ? 74  LYS A CG  1 
ATOM   659  C  CD  . LYS A 1 95 ? 9.236   -10.683 26.326  1.00 54.77 ? 74  LYS A CD  1 
ATOM   660  C  CE  . LYS A 1 95 ? 9.794   -11.198 27.647  1.00 56.31 ? 74  LYS A CE  1 
ATOM   661  N  NZ  . LYS A 1 95 ? 10.111  -10.093 28.617  1.00 54.14 ? 74  LYS A NZ  1 
ATOM   662  N  N   . LEU A 1 96 ? 4.919   -7.600  25.606  1.00 46.18 ? 75  LEU A N   1 
ATOM   663  C  CA  . LEU A 1 96 ? 4.931   -6.160  25.435  1.00 47.20 ? 75  LEU A CA  1 
ATOM   664  C  C   . LEU A 1 96 ? 3.607   -5.388  25.683  1.00 49.05 ? 75  LEU A C   1 
ATOM   665  O  O   . LEU A 1 96 ? 3.616   -4.161  25.601  1.00 47.85 ? 75  LEU A O   1 
ATOM   666  C  CB  . LEU A 1 96 ? 5.531   -5.796  24.074  1.00 46.25 ? 75  LEU A CB  1 
ATOM   667  C  CG  . LEU A 1 96 ? 6.998   -6.205  23.846  1.00 44.55 ? 75  LEU A CG  1 
ATOM   668  C  CD1 . LEU A 1 96 ? 7.427   -5.745  22.476  1.00 44.15 ? 75  LEU A CD1 1 
ATOM   669  C  CD2 . LEU A 1 96 ? 7.947   -5.635  24.920  1.00 42.92 ? 75  LEU A CD2 1 
ATOM   670  N  N   . GLU A 1 97 ? 2.498   -6.089  25.960  1.00 51.33 ? 76  GLU A N   1 
ATOM   671  C  CA  . GLU A 1 97 ? 1.231   -5.428  26.375  1.00 55.02 ? 76  GLU A CA  1 
ATOM   672  C  C   . GLU A 1 97 ? 1.252   -5.169  27.869  1.00 55.30 ? 76  GLU A C   1 
ATOM   673  O  O   . GLU A 1 97 ? 1.616   -4.077  28.307  1.00 57.49 ? 76  GLU A O   1 
ATOM   674  C  CB  . GLU A 1 97 ? -0.022  -6.252  25.989  1.00 55.80 ? 76  GLU A CB  1 
ATOM   675  C  CG  . GLU A 1 97 ? -1.224  -6.211  27.010  1.00 62.11 ? 76  GLU A CG  1 
ATOM   676  C  CD  . GLU A 1 97 ? -2.298  -5.094  26.762  1.00 68.87 ? 76  GLU A CD  1 
ATOM   677  O  OE1 . GLU A 1 97 ? -2.135  -3.939  27.248  1.00 71.86 ? 76  GLU A OE1 1 
ATOM   678  O  OE2 . GLU A 1 97 ? -3.341  -5.391  26.114  1.00 72.21 ? 76  GLU A OE2 1 
ATOM   679  N  N   . TYR B 1 18 ? 10.384  -0.606  2.264   1.00 54.09 ? -3  TYR B N   1 
ATOM   680  C  CA  . TYR B 1 18 ? 11.102  0.385   3.146   1.00 53.38 ? -3  TYR B CA  1 
ATOM   681  C  C   . TYR B 1 18 ? 10.478  0.570   4.530   1.00 51.43 ? -3  TYR B C   1 
ATOM   682  O  O   . TYR B 1 18 ? 11.036  0.047   5.477   1.00 51.25 ? -3  TYR B O   1 
ATOM   683  C  CB  . TYR B 1 18 ? 11.300  1.716   2.444   1.00 55.20 ? -3  TYR B CB  1 
ATOM   684  C  CG  . TYR B 1 18 ? 12.165  2.716   3.178   1.00 58.34 ? -3  TYR B CG  1 
ATOM   685  C  CD1 . TYR B 1 18 ? 13.362  2.331   3.798   1.00 60.24 ? -3  TYR B CD1 1 
ATOM   686  C  CD2 . TYR B 1 18 ? 11.806  4.074   3.210   1.00 61.58 ? -3  TYR B CD2 1 
ATOM   687  C  CE1 . TYR B 1 18 ? 14.175  3.270   4.444   1.00 59.44 ? -3  TYR B CE1 1 
ATOM   688  C  CE2 . TYR B 1 18 ? 12.602  5.022   3.864   1.00 61.13 ? -3  TYR B CE2 1 
ATOM   689  C  CZ  . TYR B 1 18 ? 13.793  4.605   4.479   1.00 60.58 ? -3  TYR B CZ  1 
ATOM   690  O  OH  . TYR B 1 18 ? 14.584  5.535   5.124   1.00 59.07 ? -3  TYR B OH  1 
ATOM   691  N  N   . PHE B 1 19 ? 9.334   1.257   4.674   1.00 48.55 ? -2  PHE B N   1 
ATOM   692  C  CA  . PHE B 1 19 ? 8.695   1.226   6.009   1.00 46.78 ? -2  PHE B CA  1 
ATOM   693  C  C   . PHE B 1 19 ? 8.100   -0.148  6.417   1.00 44.69 ? -2  PHE B C   1 
ATOM   694  O  O   . PHE B 1 19 ? 7.872   -0.423  7.602   1.00 42.83 ? -2  PHE B O   1 
ATOM   695  C  CB  . PHE B 1 19 ? 7.822   2.467   6.353   1.00 46.99 ? -2  PHE B CB  1 
ATOM   696  C  CG  . PHE B 1 19 ? 6.493   2.557   5.620   1.00 47.34 ? -2  PHE B CG  1 
ATOM   697  C  CD1 . PHE B 1 19 ? 6.338   3.419   4.537   1.00 48.59 ? -2  PHE B CD1 1 
ATOM   698  C  CD2 . PHE B 1 19 ? 5.399   1.853   6.059   1.00 45.42 ? -2  PHE B CD2 1 
ATOM   699  C  CE1 . PHE B 1 19 ? 5.126   3.539   3.858   1.00 47.06 ? -2  PHE B CE1 1 
ATOM   700  C  CE2 . PHE B 1 19 ? 4.179   1.972   5.407   1.00 47.87 ? -2  PHE B CE2 1 
ATOM   701  C  CZ  . PHE B 1 19 ? 4.043   2.821   4.289   1.00 46.44 ? -2  PHE B CZ  1 
ATOM   702  N  N   . GLN B 1 20 ? 7.927   -1.036  5.443   1.00 41.67 ? -1  GLN B N   1 
ATOM   703  C  CA  . GLN B 1 20 ? 7.610   -2.410  5.771   1.00 41.11 ? -1  GLN B CA  1 
ATOM   704  C  C   . GLN B 1 20 ? 8.721   -2.976  6.676   1.00 40.81 ? -1  GLN B C   1 
ATOM   705  O  O   . GLN B 1 20 ? 8.485   -3.904  7.485   1.00 40.54 ? -1  GLN B O   1 
ATOM   706  C  CB  . GLN B 1 20 ? 7.460   -3.247  4.501   1.00 40.11 ? -1  GLN B CB  1 
ATOM   707  C  CG  . GLN B 1 20 ? 7.445   -4.726  4.752   1.00 41.66 ? -1  GLN B CG  1 
ATOM   708  C  CD  . GLN B 1 20 ? 6.193   -5.191  5.507   1.00 44.56 ? -1  GLN B CD  1 
ATOM   709  O  OE1 . GLN B 1 20 ? 5.143   -5.282  4.927   1.00 40.33 ? -1  GLN B OE1 1 
ATOM   710  N  NE2 . GLN B 1 20 ? 6.333   -5.522  6.801   1.00 43.97 ? -1  GLN B NE2 1 
ATOM   711  N  N   . GLY B 1 21 ? 9.921   -2.401  6.546   1.00 39.36 ? 0   GLY B N   1 
ATOM   712  C  CA  . GLY B 1 21 ? 11.067  -2.813  7.343   1.00 40.10 ? 0   GLY B CA  1 
ATOM   713  C  C   . GLY B 1 21 ? 10.924  -2.500  8.837   1.00 39.39 ? 0   GLY B C   1 
ATOM   714  O  O   . GLY B 1 21 ? 11.649  -3.047  9.650   1.00 38.36 ? 0   GLY B O   1 
HETATM 715  N  N   . MSE B 1 22 ? 9.957   -1.660  9.185   1.00 37.25 ? 1   MSE B N   1 
HETATM 716  C  CA  . MSE B 1 22 ? 9.769   -1.228  10.562  1.00 38.74 ? 1   MSE B CA  1 
HETATM 717  C  C   . MSE B 1 22 ? 8.868   -2.108  11.376  1.00 35.52 ? 1   MSE B C   1 
HETATM 718  O  O   . MSE B 1 22 ? 8.732   -1.912  12.598  1.00 33.05 ? 1   MSE B O   1 
HETATM 719  C  CB  . MSE B 1 22 ? 9.217   0.196   10.560  1.00 38.39 ? 1   MSE B CB  1 
HETATM 720  C  CG  . MSE B 1 22 ? 9.867   1.068   9.474   1.00 44.28 ? 1   MSE B CG  1 
HETATM 721  SE SE  . MSE B 1 22 ? 9.538   2.960   9.804   0.62 48.69 ? 1   MSE B SE  1 
HETATM 722  C  CE  . MSE B 1 22 ? 10.743  3.006   11.284  1.00 40.09 ? 1   MSE B CE  1 
ATOM   723  N  N   . CYS B 1 23 ? 8.254   -3.114  10.730  1.00 33.89 ? 2   CYS B N   1 
ATOM   724  C  CA  . CYS B 1 23 ? 7.327   -3.960  11.469  1.00 31.83 ? 2   CYS B CA  1 
ATOM   725  C  C   . CYS B 1 23 ? 7.323   -5.342  10.895  1.00 30.70 ? 2   CYS B C   1 
ATOM   726  O  O   . CYS B 1 23 ? 7.820   -5.537  9.790   1.00 30.61 ? 2   CYS B O   1 
ATOM   727  C  CB  . CYS B 1 23 ? 5.941   -3.360  11.497  1.00 32.87 ? 2   CYS B CB  1 
ATOM   728  S  SG  . CYS B 1 23 ? 5.255   -3.194  9.803   1.00 37.28 ? 2   CYS B SG  1 
ATOM   729  N  N   . LEU B 1 24 ? 6.811   -6.307  11.659  1.00 29.74 ? 3   LEU B N   1 
ATOM   730  C  CA  . LEU B 1 24 ? 6.764   -7.686  11.180  1.00 29.43 ? 3   LEU B CA  1 
ATOM   731  C  C   . LEU B 1 24 ? 5.352   -8.045  10.874  1.00 28.99 ? 3   LEU B C   1 
ATOM   732  O  O   . LEU B 1 24 ? 4.521   -7.981  11.760  1.00 27.96 ? 3   LEU B O   1 
ATOM   733  C  CB  . LEU B 1 24 ? 7.217   -8.691  12.243  1.00 30.40 ? 3   LEU B CB  1 
ATOM   734  C  CG  . LEU B 1 24 ? 8.708   -8.918  12.443  1.00 36.28 ? 3   LEU B CG  1 
ATOM   735  C  CD1 . LEU B 1 24 ? 8.863   -10.132 13.378  1.00 35.98 ? 3   LEU B CD1 1 
ATOM   736  C  CD2 . LEU B 1 24 ? 9.542   -9.055  11.117  1.00 39.24 ? 3   LEU B CD2 1 
ATOM   737  N  N   . SER B 1 25 ? 5.063   -8.446  9.624   1.00 29.35 ? 4   SER B N   1 
ATOM   738  C  CA  . SER B 1 25 ? 3.678   -8.715  9.248   1.00 30.01 ? 4   SER B CA  1 
ATOM   739  C  C   . SER B 1 25 ? 3.237   -9.945  10.009  1.00 30.17 ? 4   SER B C   1 
ATOM   740  O  O   . SER B 1 25 ? 4.036   -10.878 10.213  1.00 31.40 ? 4   SER B O   1 
ATOM   741  C  CB  . SER B 1 25 ? 3.570   -8.939  7.731   1.00 30.71 ? 4   SER B CB  1 
ATOM   742  O  OG  . SER B 1 25 ? 3.965   -7.748  7.056   1.00 33.62 ? 4   SER B OG  1 
ATOM   743  N  N   . ILE B 1 26 ? 1.986   -9.954  10.447  1.00 28.18 ? 5   ILE B N   1 
ATOM   744  C  CA  . ILE B 1 26 ? 1.527   -11.016 11.326  1.00 27.08 ? 5   ILE B CA  1 
ATOM   745  C  C   . ILE B 1 26 ? 0.762   -12.023 10.428  1.00 25.97 ? 5   ILE B C   1 
ATOM   746  O  O   . ILE B 1 26 ? -0.148  -11.595 9.713   1.00 25.80 ? 5   ILE B O   1 
ATOM   747  C  CB  . ILE B 1 26 ? 0.541   -10.408 12.304  1.00 28.38 ? 5   ILE B CB  1 
ATOM   748  C  CG1 . ILE B 1 26 ? 1.294   -9.450  13.235  1.00 26.23 ? 5   ILE B CG1 1 
ATOM   749  C  CG2 . ILE B 1 26 ? -0.172  -11.516 13.132  1.00 30.14 ? 5   ILE B CG2 1 
ATOM   750  C  CD1 . ILE B 1 26 ? 0.299   -8.511  13.986  1.00 28.69 ? 5   ILE B CD1 1 
ATOM   751  N  N   . PRO B 1 27 ? 1.102   -13.331 10.475  1.00 26.58 ? 6   PRO B N   1 
ATOM   752  C  CA  . PRO B 1 27 ? 0.279   -14.257 9.670   1.00 26.60 ? 6   PRO B CA  1 
ATOM   753  C  C   . PRO B 1 27 ? -1.210  -14.183 10.064  1.00 27.75 ? 6   PRO B C   1 
ATOM   754  O  O   . PRO B 1 27 ? -1.580  -14.366 11.245  1.00 27.73 ? 6   PRO B O   1 
ATOM   755  C  CB  . PRO B 1 27 ? 0.840   -15.624 10.014  1.00 27.65 ? 6   PRO B CB  1 
ATOM   756  C  CG  . PRO B 1 27 ? 2.317   -15.334 10.347  1.00 26.19 ? 6   PRO B CG  1 
ATOM   757  C  CD  . PRO B 1 27 ? 2.184   -14.054 11.174  1.00 27.58 ? 6   PRO B CD  1 
ATOM   758  N  N   . SER B 1 28 ? -2.052  -14.036 9.052   1.00 26.02 ? 7   SER B N   1 
ATOM   759  C  CA  . SER B 1 28 ? -3.473  -13.746 9.226   1.00 25.37 ? 7   SER B CA  1 
ATOM   760  C  C   . SER B 1 28 ? -4.319  -14.745 8.411   1.00 26.98 ? 7   SER B C   1 
ATOM   761  O  O   . SER B 1 28 ? -4.016  -14.936 7.261   1.00 28.68 ? 7   SER B O   1 
ATOM   762  C  CB  . SER B 1 28 ? -3.710  -12.324 8.747   1.00 27.46 ? 7   SER B CB  1 
ATOM   763  O  OG  . SER B 1 28 ? -3.148  -11.434 9.729   1.00 28.95 ? 7   SER B OG  1 
ATOM   764  N  N   . GLN B 1 29 ? -5.346  -15.349 9.008   1.00 25.75 ? 8   GLN B N   1 
ATOM   765  C  CA  . GLN B 1 29 ? -6.116  -16.402 8.304   1.00 26.14 ? 8   GLN B CA  1 
ATOM   766  C  C   . GLN B 1 29 ? -7.274  -15.825 7.495   1.00 26.31 ? 8   GLN B C   1 
ATOM   767  O  O   . GLN B 1 29 ? -7.947  -14.900 7.964   1.00 24.78 ? 8   GLN B O   1 
ATOM   768  C  CB  . GLN B 1 29 ? -6.673  -17.357 9.346   1.00 27.39 ? 8   GLN B CB  1 
ATOM   769  C  CG  . GLN B 1 29 ? -7.234  -18.641 8.738   1.00 30.28 ? 8   GLN B CG  1 
ATOM   770  C  CD  . GLN B 1 29 ? -7.837  -19.532 9.844   1.00 31.10 ? 8   GLN B CD  1 
ATOM   771  O  OE1 . GLN B 1 29 ? -8.160  -19.060 10.931  1.00 38.82 ? 8   GLN B OE1 1 
ATOM   772  N  NE2 . GLN B 1 29 ? -7.988  -20.767 9.548   1.00 38.25 ? 8   GLN B NE2 1 
ATOM   773  N  N   . VAL B 1 30 ? -7.469  -16.324 6.275   1.00 24.75 ? 9   VAL B N   1 
ATOM   774  C  CA  . VAL B 1 30 ? -8.690  -15.969 5.502   1.00 25.16 ? 9   VAL B CA  1 
ATOM   775  C  C   . VAL B 1 30 ? -9.863  -16.764 6.077   1.00 27.05 ? 9   VAL B C   1 
ATOM   776  O  O   . VAL B 1 30 ? -9.835  -18.042 6.020   1.00 27.41 ? 9   VAL B O   1 
ATOM   777  C  CB  . VAL B 1 30 ? -8.487  -16.368 4.000   1.00 24.76 ? 9   VAL B CB  1 
ATOM   778  C  CG1 . VAL B 1 30 ? -9.757  -16.026 3.187   1.00 25.52 ? 9   VAL B CG1 1 
ATOM   779  C  CG2 . VAL B 1 30 ? -7.205  -15.651 3.399   1.00 28.36 ? 9   VAL B CG2 1 
ATOM   780  N  N   . VAL B 1 31 ? -10.848 -16.049 6.647   1.00 28.43 ? 10  VAL B N   1 
ATOM   781  C  CA  . VAL B 1 31 ? -11.973 -16.628 7.408   1.00 29.27 ? 10  VAL B CA  1 
ATOM   782  C  C   . VAL B 1 31 ? -13.339 -16.437 6.729   1.00 30.05 ? 10  VAL B C   1 
ATOM   783  O  O   . VAL B 1 31 ? -14.372 -17.025 7.161   1.00 31.44 ? 10  VAL B O   1 
ATOM   784  C  CB  . VAL B 1 31 ? -11.988 -16.118 8.879   1.00 28.65 ? 10  VAL B CB  1 
ATOM   785  C  CG1 . VAL B 1 31 ? -10.725 -16.545 9.551   1.00 28.09 ? 10  VAL B CG1 1 
ATOM   786  C  CG2 . VAL B 1 31 ? -12.103 -14.557 8.911   1.00 29.03 ? 10  VAL B CG2 1 
ATOM   787  N  N   . ALA B 1 32 ? -13.379 -15.636 5.660   1.00 29.73 ? 11  ALA B N   1 
ATOM   788  C  CA  . ALA B 1 32 ? -14.593 -15.558 4.857   1.00 29.57 ? 11  ALA B CA  1 
ATOM   789  C  C   . ALA B 1 32 ? -14.215 -15.093 3.467   1.00 30.60 ? 11  ALA B C   1 
ATOM   790  O  O   . ALA B 1 32 ? -13.220 -14.402 3.297   1.00 28.23 ? 11  ALA B O   1 
ATOM   791  C  CB  . ALA B 1 32 ? -15.679 -14.584 5.524   1.00 31.36 ? 11  ALA B CB  1 
ATOM   792  N  N   . VAL B 1 33 ? -15.001 -15.485 2.462   1.00 31.60 ? 12  VAL B N   1 
ATOM   793  C  CA  . VAL B 1 33 ? -14.763 -15.051 1.078   1.00 31.91 ? 12  VAL B CA  1 
ATOM   794  C  C   . VAL B 1 33 ? -16.124 -14.732 0.464   1.00 33.37 ? 12  VAL B C   1 
ATOM   795  O  O   . VAL B 1 33 ? -16.988 -15.600 0.441   1.00 34.56 ? 12  VAL B O   1 
ATOM   796  C  CB  . VAL B 1 33 ? -14.172 -16.218 0.234   1.00 32.91 ? 12  VAL B CB  1 
ATOM   797  C  CG1 . VAL B 1 33 ? -14.032 -15.787 -1.235  1.00 31.36 ? 12  VAL B CG1 1 
ATOM   798  C  CG2 . VAL B 1 33 ? -12.800 -16.721 0.858   1.00 31.46 ? 12  VAL B CG2 1 
ATOM   799  N  N   . ASP B 1 34 ? -16.305 -13.516 -0.049  1.00 34.69 ? 13  ASP B N   1 
ATOM   800  C  CA  . ASP B 1 34 ? -17.548 -13.072 -0.691  1.00 35.90 ? 13  ASP B CA  1 
ATOM   801  C  C   . ASP B 1 34 ? -17.199 -12.715 -2.130  1.00 34.84 ? 13  ASP B C   1 
ATOM   802  O  O   . ASP B 1 34 ? -16.689 -11.641 -2.365  1.00 34.99 ? 13  ASP B O   1 
ATOM   803  C  CB  . ASP B 1 34 ? -18.049 -11.821 0.051   1.00 37.46 ? 13  ASP B CB  1 
ATOM   804  C  CG  . ASP B 1 34 ? -19.357 -11.238 -0.532  1.00 43.42 ? 13  ASP B CG  1 
ATOM   805  O  OD1 . ASP B 1 34 ? -19.685 -11.469 -1.718  1.00 45.09 ? 13  ASP B OD1 1 
ATOM   806  O  OD2 . ASP B 1 34 ? -20.057 -10.510 0.221   1.00 52.00 ? 13  ASP B OD2 1 
ATOM   807  N  N   . ASN B 1 35 ? -17.416 -13.626 -3.086  1.00 33.69 ? 14  ASN B N   1 
ATOM   808  C  CA  . ASN B 1 35 ? -17.014 -13.376 -4.473  1.00 35.35 ? 14  ASN B CA  1 
ATOM   809  C  C   . ASN B 1 35 ? -17.976 -12.434 -5.232  1.00 36.24 ? 14  ASN B C   1 
ATOM   810  O  O   . ASN B 1 35 ? -17.651 -11.945 -6.315  1.00 37.02 ? 14  ASN B O   1 
ATOM   811  C  CB  . ASN B 1 35 ? -16.829 -14.683 -5.262  1.00 34.47 ? 14  ASN B CB  1 
ATOM   812  C  CG  . ASN B 1 35 ? -15.561 -15.459 -4.842  1.00 35.90 ? 14  ASN B CG  1 
ATOM   813  O  OD1 . ASN B 1 35 ? -14.660 -14.907 -4.180  1.00 33.50 ? 14  ASN B OD1 1 
ATOM   814  N  ND2 . ASN B 1 35 ? -15.483 -16.736 -5.247  1.00 31.74 ? 14  ASN B ND2 1 
ATOM   815  N  N   . GLU B 1 36 ? -19.145 -12.171 -4.670  1.00 36.61 ? 15  GLU B N   1 
ATOM   816  C  CA  . GLU B 1 36 ? -20.030 -11.222 -5.324  1.00 39.86 ? 15  GLU B CA  1 
ATOM   817  C  C   . GLU B 1 36 ? -19.573 -9.786  -4.998  1.00 40.23 ? 15  GLU B C   1 
ATOM   818  O  O   . GLU B 1 36 ? -19.569 -8.920  -5.849  1.00 42.13 ? 15  GLU B O   1 
ATOM   819  C  CB  . GLU B 1 36 ? -21.497 -11.535 -4.984  1.00 41.07 ? 15  GLU B CB  1 
ATOM   820  C  CG  . GLU B 1 36 ? -22.078 -12.718 -5.800  1.00 44.88 ? 15  GLU B CG  1 
ATOM   821  C  CD  . GLU B 1 36 ? -21.835 -12.603 -7.324  1.00 53.85 ? 15  GLU B CD  1 
ATOM   822  O  OE1 . GLU B 1 36 ? -21.240 -13.548 -7.928  1.00 56.14 ? 15  GLU B OE1 1 
ATOM   823  O  OE2 . GLU B 1 36 ? -22.237 -11.568 -7.925  1.00 53.98 ? 15  GLU B OE2 1 
ATOM   824  N  N   . ARG B 1 37 ? -19.103 -9.572  -3.785  1.00 40.25 ? 16  ARG B N   1 
ATOM   825  C  CA  . ARG B 1 37 ? -18.503 -8.298  -3.361  1.00 40.72 ? 16  ARG B CA  1 
ATOM   826  C  C   . ARG B 1 37 ? -17.003 -8.209  -3.731  1.00 39.56 ? 16  ARG B C   1 
ATOM   827  O  O   . ARG B 1 37 ? -16.372 -7.121  -3.702  1.00 39.32 ? 16  ARG B O   1 
ATOM   828  C  CB  . ARG B 1 37 ? -18.722 -8.199  -1.867  1.00 41.38 ? 16  ARG B CB  1 
ATOM   829  C  CG  . ARG B 1 37 ? -18.385 -6.902  -1.169  1.00 49.12 ? 16  ARG B CG  1 
ATOM   830  C  CD  . ARG B 1 37 ? -19.387 -6.731  -0.009  1.00 56.74 ? 16  ARG B CD  1 
ATOM   831  N  NE  . ARG B 1 37 ? -20.679 -6.279  -0.526  1.00 62.88 ? 16  ARG B NE  1 
ATOM   832  C  CZ  . ARG B 1 37 ? -21.294 -5.147  -0.168  1.00 65.98 ? 16  ARG B CZ  1 
ATOM   833  N  NH1 . ARG B 1 37 ? -22.461 -4.823  -0.730  1.00 67.47 ? 16  ARG B NH1 1 
ATOM   834  N  NH2 . ARG B 1 37 ? -20.762 -4.347  0.762   1.00 67.04 ? 16  ARG B NH2 1 
ATOM   835  N  N   . GLN B 1 38 ? -16.439 -9.356  -4.109  1.00 37.03 ? 17  GLN B N   1 
ATOM   836  C  CA  . GLN B 1 38 ? -14.993 -9.501  -4.302  1.00 36.04 ? 17  GLN B CA  1 
ATOM   837  C  C   . GLN B 1 38 ? -14.211 -8.966  -3.093  1.00 34.41 ? 17  GLN B C   1 
ATOM   838  O  O   . GLN B 1 38 ? -13.333 -8.123  -3.213  1.00 34.60 ? 17  GLN B O   1 
ATOM   839  C  CB  . GLN B 1 38 ? -14.520 -8.950  -5.653  1.00 36.92 ? 17  GLN B CB  1 
ATOM   840  C  CG  . GLN B 1 38 ? -14.881 -9.894  -6.848  1.00 37.58 ? 17  GLN B CG  1 
ATOM   841  C  CD  . GLN B 1 38 ? -14.012 -11.158 -6.887  1.00 39.04 ? 17  GLN B CD  1 
ATOM   842  O  OE1 . GLN B 1 38 ? -12.793 -11.082 -6.752  1.00 40.20 ? 17  GLN B OE1 1 
ATOM   843  N  NE2 . GLN B 1 38 ? -14.644 -12.328 -7.061  1.00 37.56 ? 17  GLN B NE2 1 
ATOM   844  N  N   . SER B 1 39 ? -14.569 -9.480  -1.933  1.00 34.20 ? 18  SER B N   1 
ATOM   845  C  CA  . SER B 1 39 ? -13.861 -9.181  -0.703  1.00 35.25 ? 18  SER B CA  1 
ATOM   846  C  C   . SER B 1 39 ? -13.570 -10.473 0.076   1.00 34.25 ? 18  SER B C   1 
ATOM   847  O  O   . SER B 1 39 ? -14.161 -11.537 -0.188  1.00 32.85 ? 18  SER B O   1 
ATOM   848  C  CB  . SER B 1 39 ? -14.650 -8.184  0.152   1.00 36.11 ? 18  SER B CB  1 
ATOM   849  O  OG  . SER B 1 39 ? -15.826 -8.778  0.687   1.00 41.71 ? 18  SER B OG  1 
ATOM   850  N  N   . VAL B 1 40 ? -12.596 -10.381 0.977   1.00 33.77 ? 19  VAL B N   1 
ATOM   851  C  CA  . VAL B 1 40 ? -12.311 -11.454 1.917   1.00 33.65 ? 19  VAL B CA  1 
ATOM   852  C  C   . VAL B 1 40 ? -12.283 -10.870 3.323   1.00 33.21 ? 19  VAL B C   1 
ATOM   853  O  O   . VAL B 1 40 ? -12.123 -9.653  3.487   1.00 34.24 ? 19  VAL B O   1 
ATOM   854  C  CB  . VAL B 1 40 ? -10.990 -12.209 1.616   1.00 34.47 ? 19  VAL B CB  1 
ATOM   855  C  CG1 . VAL B 1 40 ? -11.063 -12.881 0.223   1.00 35.55 ? 19  VAL B CG1 1 
ATOM   856  C  CG2 . VAL B 1 40 ? -9.784  -11.283 1.719   1.00 34.29 ? 19  VAL B CG2 1 
ATOM   857  N  N   . THR B 1 41 ? -12.463 -11.709 4.330   1.00 31.46 ? 20  THR B N   1 
ATOM   858  C  CA  . THR B 1 41 ? -12.240 -11.273 5.714   1.00 30.25 ? 20  THR B CA  1 
ATOM   859  C  C   . THR B 1 41 ? -11.010 -12.018 6.208   1.00 29.92 ? 20  THR B C   1 
ATOM   860  O  O   . THR B 1 41 ? -10.870 -13.193 5.950   1.00 28.18 ? 20  THR B O   1 
ATOM   861  C  CB  . THR B 1 41 ? -13.419 -11.627 6.587   1.00 31.92 ? 20  THR B CB  1 
ATOM   862  O  OG1 . THR B 1 41 ? -14.608 -11.128 5.937   1.00 33.13 ? 20  THR B OG1 1 
ATOM   863  C  CG2 . THR B 1 41 ? -13.292 -11.047 8.046   1.00 32.82 ? 20  THR B CG2 1 
ATOM   864  N  N   A VAL B 1 42 ? -10.085 -11.302 6.843   0.50 28.22 ? 21  VAL B N   1 
ATOM   865  N  N   B VAL B 1 42 ? -10.146 -11.318 6.956   0.50 28.81 ? 21  VAL B N   1 
ATOM   866  C  CA  A VAL B 1 42 ? -8.977  -11.985 7.493   0.50 28.43 ? 21  VAL B CA  1 
ATOM   867  C  CA  B VAL B 1 42 ? -8.841  -11.837 7.395   0.50 29.38 ? 21  VAL B CA  1 
ATOM   868  C  C   A VAL B 1 42 ? -9.077  -11.778 8.980   0.50 28.49 ? 21  VAL B C   1 
ATOM   869  C  C   B VAL B 1 42 ? -8.702  -11.594 8.905   0.50 29.57 ? 21  VAL B C   1 
ATOM   870  O  O   A VAL B 1 42 ? -9.709  -10.843 9.484   0.50 28.65 ? 21  VAL B O   1 
ATOM   871  O  O   B VAL B 1 42 ? -8.858  -10.441 9.343   0.50 29.33 ? 21  VAL B O   1 
ATOM   872  C  CB  A VAL B 1 42 ? -7.578  -11.539 6.991   0.50 28.74 ? 21  VAL B CB  1 
ATOM   873  C  CB  B VAL B 1 42 ? -7.695  -11.096 6.631   0.50 30.24 ? 21  VAL B CB  1 
ATOM   874  C  CG1 A VAL B 1 42 ? -7.285  -12.147 5.592   0.50 28.27 ? 21  VAL B CG1 1 
ATOM   875  C  CG1 B VAL B 1 42 ? -6.356  -11.588 7.075   0.50 29.31 ? 21  VAL B CG1 1 
ATOM   876  C  CG2 A VAL B 1 42 ? -7.453  -10.001 6.986   0.50 25.17 ? 21  VAL B CG2 1 
ATOM   877  C  CG2 B VAL B 1 42 ? -7.845  -11.289 5.110   0.50 27.33 ? 21  VAL B CG2 1 
ATOM   878  N  N   . ASP B 1 43 ? -8.391  -12.645 9.675   1.00 29.11 ? 22  ASP B N   1 
ATOM   879  C  CA  . ASP B 1 43 ? -8.300  -12.576 11.135  1.00 30.02 ? 22  ASP B CA  1 
ATOM   880  C  C   . ASP B 1 43 ? -6.832  -12.522 11.531  1.00 30.03 ? 22  ASP B C   1 
ATOM   881  O  O   . ASP B 1 43 ? -6.010  -13.373 11.115  1.00 28.43 ? 22  ASP B O   1 
ATOM   882  C  CB  . ASP B 1 43 ? -8.926  -13.865 11.701  1.00 32.02 ? 22  ASP B CB  1 
ATOM   883  C  CG  . ASP B 1 43 ? -8.831  -13.942 13.191  1.00 39.96 ? 22  ASP B CG  1 
ATOM   884  O  OD1 . ASP B 1 43 ? -9.848  -13.570 13.798  1.00 48.81 ? 22  ASP B OD1 1 
ATOM   885  O  OD2 . ASP B 1 43 ? -7.767  -14.350 13.757  1.00 45.21 ? 22  ASP B OD2 1 
ATOM   886  N  N   . THR B 1 44 ? -6.509  -11.529 12.370  1.00 29.04 ? 23  THR B N   1 
ATOM   887  C  CA  . THR B 1 44 ? -5.162  -11.301 12.793  1.00 28.74 ? 23  THR B CA  1 
ATOM   888  C  C   . THR B 1 44 ? -5.224  -11.340 14.303  1.00 29.81 ? 23  THR B C   1 
ATOM   889  O  O   . THR B 1 44 ? -5.727  -10.395 14.908  1.00 27.84 ? 23  THR B O   1 
ATOM   890  C  CB  . THR B 1 44 ? -4.646  -9.897  12.361  1.00 29.18 ? 23  THR B CB  1 
ATOM   891  O  OG1 . THR B 1 44 ? -4.807  -9.760  10.931  1.00 30.82 ? 23  THR B OG1 1 
ATOM   892  C  CG2 . THR B 1 44 ? -3.186  -9.762  12.737  1.00 30.28 ? 23  THR B CG2 1 
ATOM   893  N  N   . LEU B 1 45 ? -4.727  -12.441 14.860  1.00 30.14 ? 24  LEU B N   1 
ATOM   894  C  CA  . LEU B 1 45 ? -4.765  -12.732 16.320  1.00 33.25 ? 24  LEU B CA  1 
ATOM   895  C  C   . LEU B 1 45 ? -6.129  -12.402 16.939  1.00 33.73 ? 24  LEU B C   1 
ATOM   896  O  O   . LEU B 1 45 ? -6.218  -11.822 17.994  1.00 35.48 ? 24  LEU B O   1 
ATOM   897  C  CB  . LEU B 1 45 ? -3.635  -12.001 17.051  1.00 33.22 ? 24  LEU B CB  1 
ATOM   898  C  CG  . LEU B 1 45 ? -2.257  -12.260 16.431  1.00 31.70 ? 24  LEU B CG  1 
ATOM   899  C  CD1 . LEU B 1 45 ? -1.304  -11.283 17.061  1.00 35.72 ? 24  LEU B CD1 1 
ATOM   900  C  CD2 . LEU B 1 45 ? -1.797  -13.640 16.674  1.00 31.17 ? 24  LEU B CD2 1 
ATOM   901  N  N   . GLY B 1 46 ? -7.196  -12.788 16.271  1.00 35.02 ? 25  GLY B N   1 
ATOM   902  C  CA  . GLY B 1 46 ? -8.539  -12.535 16.823  1.00 34.87 ? 25  GLY B CA  1 
ATOM   903  C  C   . GLY B 1 46 ? -9.269  -11.313 16.321  1.00 36.48 ? 25  GLY B C   1 
ATOM   904  O  O   . GLY B 1 46 ? -10.458 -11.157 16.606  1.00 38.62 ? 25  GLY B O   1 
ATOM   905  N  N   . VAL B 1 47 ? -8.600  -10.430 15.600  1.00 33.52 ? 26  VAL B N   1 
ATOM   906  C  CA  . VAL B 1 47 ? -9.280  -9.244  15.074  1.00 33.99 ? 26  VAL B CA  1 
ATOM   907  C  C   . VAL B 1 47 ? -9.563  -9.367  13.579  1.00 33.73 ? 26  VAL B C   1 
ATOM   908  O  O   . VAL B 1 47 ? -8.620  -9.624  12.795  1.00 34.05 ? 26  VAL B O   1 
ATOM   909  C  CB  . VAL B 1 47 ? -8.442  -7.989  15.317  1.00 34.47 ? 26  VAL B CB  1 
ATOM   910  C  CG1 . VAL B 1 47 ? -9.095  -6.767  14.634  1.00 35.93 ? 26  VAL B CG1 1 
ATOM   911  C  CG2 . VAL B 1 47 ? -8.245  -7.795  16.837  1.00 37.86 ? 26  VAL B CG2 1 
ATOM   912  N  N   . ARG B 1 48 ? -10.826 -9.168  13.170  1.00 32.76 ? 27  ARG B N   1 
ATOM   913  C  CA  . ARG B 1 48 ? -11.208 -9.378  11.761  1.00 33.68 ? 27  ARG B CA  1 
ATOM   914  C  C   . ARG B 1 48 ? -11.372 -8.122  10.959  1.00 34.52 ? 27  ARG B C   1 
ATOM   915  O  O   . ARG B 1 48 ? -11.896 -7.118  11.488  1.00 34.77 ? 27  ARG B O   1 
ATOM   916  C  CB  . ARG B 1 48 ? -12.478 -10.236 11.655  1.00 34.91 ? 27  ARG B CB  1 
ATOM   917  C  CG  . ARG B 1 48 ? -12.289 -11.587 12.289  1.00 36.80 ? 27  ARG B CG  1 
ATOM   918  C  CD  . ARG B 1 48 ? -13.508 -12.450 12.156  1.00 37.17 ? 27  ARG B CD  1 
ATOM   919  N  NE  . ARG B 1 48 ? -13.180 -13.802 12.597  1.00 36.23 ? 27  ARG B NE  1 
ATOM   920  C  CZ  . ARG B 1 48 ? -13.883 -14.893 12.256  1.00 37.78 ? 27  ARG B CZ  1 
ATOM   921  N  NH1 . ARG B 1 48 ? -13.490 -16.078 12.658  1.00 38.22 ? 27  ARG B NH1 1 
ATOM   922  N  NH2 . ARG B 1 48 ? -14.944 -14.799 11.486  1.00 32.95 ? 27  ARG B NH2 1 
ATOM   923  N  N   . ARG B 1 49 ? -10.892 -8.140  9.709   1.00 32.77 ? 28  ARG B N   1 
ATOM   924  C  CA  . ARG B 1 49 ? -10.986 -6.991  8.792   1.00 33.30 ? 28  ARG B CA  1 
ATOM   925  C  C   . ARG B 1 49 ? -11.393 -7.509  7.440   1.00 34.26 ? 28  ARG B C   1 
ATOM   926  O  O   . ARG B 1 49 ? -10.920 -8.566  7.026   1.00 32.61 ? 28  ARG B O   1 
ATOM   927  C  CB  . ARG B 1 49 ? -9.622  -6.333  8.616   1.00 34.54 ? 28  ARG B CB  1 
ATOM   928  C  CG  . ARG B 1 49 ? -9.065  -5.747  9.896   1.00 36.81 ? 28  ARG B CG  1 
ATOM   929  C  CD  . ARG B 1 49 ? -7.777  -4.989  9.669   1.00 41.50 ? 28  ARG B CD  1 
ATOM   930  N  NE  . ARG B 1 49 ? -7.520  -4.237  10.890  1.00 41.21 ? 28  ARG B NE  1 
ATOM   931  C  CZ  . ARG B 1 49 ? -7.053  -4.767  12.021  1.00 40.93 ? 28  ARG B CZ  1 
ATOM   932  N  NH1 . ARG B 1 49 ? -6.715  -6.054  12.097  1.00 39.13 ? 28  ARG B NH1 1 
ATOM   933  N  NH2 . ARG B 1 49 ? -6.884  -3.988  13.076  1.00 42.18 ? 28  ARG B NH2 1 
ATOM   934  N  N   . ASP B 1 50 ? -12.244 -6.760  6.739   1.00 33.62 ? 29  ASP B N   1 
ATOM   935  C  CA  . ASP B 1 50 ? -12.555 -7.046  5.341   1.00 35.06 ? 29  ASP B CA  1 
ATOM   936  C  C   . ASP B 1 50 ? -11.565 -6.336  4.403   1.00 36.00 ? 29  ASP B C   1 
ATOM   937  O  O   . ASP B 1 50 ? -11.243 -5.164  4.598   1.00 36.01 ? 29  ASP B O   1 
ATOM   938  C  CB  . ASP B 1 50 ? -13.983 -6.581  5.005   1.00 36.29 ? 29  ASP B CB  1 
ATOM   939  C  CG  . ASP B 1 50 ? -15.041 -7.402  5.688   1.00 41.92 ? 29  ASP B CG  1 
ATOM   940  O  OD1 . ASP B 1 50 ? -14.757 -8.501  6.234   1.00 45.49 ? 29  ASP B OD1 1 
ATOM   941  O  OD2 . ASP B 1 50 ? -16.199 -6.942  5.686   1.00 50.35 ? 29  ASP B OD2 1 
ATOM   942  N  N   . VAL B 1 51 ? -11.079 -7.044  3.390   1.00 34.59 ? 30  VAL B N   1 
ATOM   943  C  CA  . VAL B 1 51 ? -10.115 -6.508  2.469   1.00 34.60 ? 30  VAL B CA  1 
ATOM   944  C  C   . VAL B 1 51 ? -10.590 -6.830  1.048   1.00 34.24 ? 30  VAL B C   1 
ATOM   945  O  O   . VAL B 1 51 ? -11.152 -7.896  0.801   1.00 31.83 ? 30  VAL B O   1 
ATOM   946  C  CB  . VAL B 1 51 ? -8.691  -7.143  2.720   1.00 35.22 ? 30  VAL B CB  1 
ATOM   947  C  CG1 . VAL B 1 51 ? -7.646  -6.658  1.645   1.00 37.97 ? 30  VAL B CG1 1 
ATOM   948  C  CG2 . VAL B 1 51 ? -8.191  -6.859  4.148   1.00 35.65 ? 30  VAL B CG2 1 
ATOM   949  N  N   . SER B 1 52 ? -10.354 -5.905  0.110   1.00 32.58 ? 31  SER B N   1 
ATOM   950  C  CA  . SER B 1 52 ? -10.613 -6.182  -1.298  1.00 32.75 ? 31  SER B CA  1 
ATOM   951  C  C   . SER B 1 52 ? -9.813  -7.391  -1.845  1.00 33.26 ? 31  SER B C   1 
ATOM   952  O  O   . SER B 1 52 ? -8.598  -7.488  -1.651  1.00 30.78 ? 31  SER B O   1 
ATOM   953  C  CB  . SER B 1 52 ? -10.314 -4.942  -2.146  1.00 33.93 ? 31  SER B CB  1 
ATOM   954  O  OG  . SER B 1 52 ? -10.494 -5.293  -3.508  1.00 37.05 ? 31  SER B OG  1 
ATOM   955  N  N   . SER B 1 53 ? -10.499 -8.308  -2.546  1.00 33.44 ? 32  SER B N   1 
ATOM   956  C  CA  . SER B 1 53 ? -9.800  -9.429  -3.194  1.00 34.15 ? 32  SER B CA  1 
ATOM   957  C  C   . SER B 1 53 ? -8.804  -8.969  -4.264  1.00 35.92 ? 32  SER B C   1 
ATOM   958  O  O   . SER B 1 53 ? -7.859  -9.700  -4.627  1.00 36.17 ? 32  SER B O   1 
ATOM   959  C  CB  . SER B 1 53 ? -10.820 -10.458 -3.780  1.00 34.69 ? 32  SER B CB  1 
ATOM   960  O  OG  . SER B 1 53 ? -11.675 -10.841 -2.702  1.00 35.86 ? 32  SER B OG  1 
ATOM   961  N  N   . HIS B 1 54 ? -8.963  -7.752  -4.769  1.00 37.20 ? 33  HIS B N   1 
ATOM   962  C  CA  . HIS B 1 54 ? -8.067  -7.309  -5.821  1.00 38.34 ? 33  HIS B CA  1 
ATOM   963  C  C   . HIS B 1 54 ? -6.648  -7.106  -5.248  1.00 37.57 ? 33  HIS B C   1 
ATOM   964  O  O   . HIS B 1 54 ? -5.669  -7.044  -5.977  1.00 38.20 ? 33  HIS B O   1 
ATOM   965  C  CB  . HIS B 1 54 ? -8.669  -6.068  -6.489  1.00 39.86 ? 33  HIS B CB  1 
ATOM   966  C  CG  . HIS B 1 54 ? -10.101 -6.274  -6.916  1.00 46.59 ? 33  HIS B CG  1 
ATOM   967  N  ND1 . HIS B 1 54 ? -11.173 -6.103  -6.058  1.00 53.64 ? 33  HIS B ND1 1 
ATOM   968  C  CD2 . HIS B 1 54 ? -10.633 -6.662  -8.101  1.00 51.51 ? 33  HIS B CD2 1 
ATOM   969  C  CE1 . HIS B 1 54 ? -12.302 -6.349  -6.707  1.00 54.00 ? 33  HIS B CE1 1 
ATOM   970  N  NE2 . HIS B 1 54 ? -12.001 -6.695  -7.948  1.00 52.10 ? 33  HIS B NE2 1 
ATOM   971  N  N   . LEU B 1 55 ? -6.539  -7.079  -3.925  1.00 36.85 ? 34  LEU B N   1 
ATOM   972  C  CA  . LEU B 1 55 ? -5.257  -6.887  -3.282  1.00 36.07 ? 34  LEU B CA  1 
ATOM   973  C  C   . LEU B 1 55 ? -4.480  -8.189  -3.074  1.00 37.01 ? 34  LEU B C   1 
ATOM   974  O  O   . LEU B 1 55 ? -3.379  -8.141  -2.553  1.00 37.40 ? 34  LEU B O   1 
ATOM   975  C  CB  . LEU B 1 55 ? -5.455  -6.135  -1.954  1.00 36.57 ? 34  LEU B CB  1 
ATOM   976  C  CG  . LEU B 1 55 ? -6.020  -4.719  -2.088  1.00 38.13 ? 34  LEU B CG  1 
ATOM   977  C  CD1 . LEU B 1 55 ? -6.284  -4.135  -0.706  1.00 41.69 ? 34  LEU B CD1 1 
ATOM   978  C  CD2 . LEU B 1 55 ? -5.077  -3.838  -2.877  1.00 39.50 ? 34  LEU B CD2 1 
HETATM 979  N  N   . MSE B 1 56 ? -5.039  -9.347  -3.473  1.00 36.33 ? 35  MSE B N   1 
HETATM 980  C  CA  . MSE B 1 56 ? -4.303  -10.633 -3.453  1.00 39.50 ? 35  MSE B CA  1 
HETATM 981  C  C   . MSE B 1 56 ? -3.155  -10.647 -4.473  1.00 37.60 ? 35  MSE B C   1 
HETATM 982  O  O   . MSE B 1 56 ? -3.392  -10.354 -5.663  1.00 37.86 ? 35  MSE B O   1 
HETATM 983  C  CB  . MSE B 1 56 ? -5.253  -11.798 -3.872  1.00 39.65 ? 35  MSE B CB  1 
HETATM 984  C  CG  . MSE B 1 56 ? -6.542  -11.949 -3.065  1.00 42.75 ? 35  MSE B CG  1 
HETATM 985  SE SE  . MSE B 1 56 ? -7.569  -13.491 -3.880  0.80 49.38 ? 35  MSE B SE  1 
HETATM 986  C  CE  . MSE B 1 56 ? -9.049  -13.553 -2.604  1.00 45.59 ? 35  MSE B CE  1 
ATOM   987  N  N   . THR B 1 57 ? -1.935  -11.011 -4.068  1.00 36.29 ? 36  THR B N   1 
ATOM   988  C  CA  . THR B 1 57 ? -0.847  -11.055 -5.064  1.00 36.64 ? 36  THR B CA  1 
ATOM   989  C  C   . THR B 1 57 ? -0.887  -12.357 -5.814  1.00 37.03 ? 36  THR B C   1 
ATOM   990  O  O   . THR B 1 57 ? -0.305  -12.462 -6.897  1.00 36.63 ? 36  THR B O   1 
ATOM   991  C  CB  . THR B 1 57 ? 0.555   -10.822 -4.494  1.00 37.22 ? 36  THR B CB  1 
ATOM   992  O  OG1 . THR B 1 57 ? 0.898   -11.885 -3.588  1.00 40.24 ? 36  THR B OG1 1 
ATOM   993  C  CG2 . THR B 1 57 ? 0.594   -9.526  -3.750  1.00 38.40 ? 36  THR B CG2 1 
ATOM   994  N  N   . GLU B 1 58 ? -1.533  -13.367 -5.217  1.00 36.81 ? 37  GLU B N   1 
ATOM   995  C  CA  . GLU B 1 58 ? -1.794  -14.634 -5.896  1.00 37.43 ? 37  GLU B CA  1 
ATOM   996  C  C   . GLU B 1 58 ? -3.119  -15.176 -5.343  1.00 35.56 ? 37  GLU B C   1 
ATOM   997  O  O   . GLU B 1 58 ? -3.582  -14.668 -4.322  1.00 34.32 ? 37  GLU B O   1 
ATOM   998  C  CB  . GLU B 1 58 ? -0.643  -15.606 -5.650  1.00 38.53 ? 37  GLU B CB  1 
ATOM   999  C  CG  . GLU B 1 58 ? -0.451  -16.055 -4.210  1.00 41.82 ? 37  GLU B CG  1 
ATOM   1000 C  CD  . GLU B 1 58 ? 0.641   -17.101 -4.099  1.00 44.10 ? 37  GLU B CD  1 
ATOM   1001 O  OE1 . GLU B 1 58 ? 1.780   -16.717 -3.747  1.00 50.57 ? 37  GLU B OE1 1 
ATOM   1002 O  OE2 . GLU B 1 58 ? 0.376   -18.291 -4.416  1.00 51.63 ? 37  GLU B OE2 1 
ATOM   1003 N  N   . PRO B 1 59 ? -3.726  -16.186 -6.009  1.00 35.51 ? 38  PRO B N   1 
ATOM   1004 C  CA  . PRO B 1 59 ? -5.026  -16.728 -5.557  1.00 35.05 ? 38  PRO B CA  1 
ATOM   1005 C  C   . PRO B 1 59 ? -5.006  -17.194 -4.115  1.00 34.83 ? 38  PRO B C   1 
ATOM   1006 O  O   . PRO B 1 59 ? -4.155  -17.992 -3.733  1.00 34.82 ? 38  PRO B O   1 
ATOM   1007 C  CB  . PRO B 1 59 ? -5.312  -17.910 -6.520  1.00 35.85 ? 38  PRO B CB  1 
ATOM   1008 C  CG  . PRO B 1 59 ? -4.099  -18.032 -7.462  1.00 37.99 ? 38  PRO B CG  1 
ATOM   1009 C  CD  . PRO B 1 59 ? -3.249  -16.793 -7.284  1.00 35.27 ? 38  PRO B CD  1 
ATOM   1010 N  N   . LEU B 1 60 ? -5.920  -16.664 -3.316  1.00 34.22 ? 39  LEU B N   1 
ATOM   1011 C  CA  . LEU B 1 60 ? -6.088  -17.119 -1.923  1.00 34.01 ? 39  LEU B CA  1 
ATOM   1012 C  C   . LEU B 1 60 ? -7.422  -17.830 -1.773  1.00 33.54 ? 39  LEU B C   1 
ATOM   1013 O  O   . LEU B 1 60 ? -8.372  -17.485 -2.467  1.00 33.33 ? 39  LEU B O   1 
ATOM   1014 C  CB  . LEU B 1 60 ? -6.100  -15.934 -0.967  1.00 33.63 ? 39  LEU B CB  1 
ATOM   1015 C  CG  . LEU B 1 60 ? -4.834  -15.078 -1.041  1.00 38.35 ? 39  LEU B CG  1 
ATOM   1016 C  CD1 . LEU B 1 60 ? -4.972  -13.724 -0.294  1.00 38.44 ? 39  LEU B CD1 1 
ATOM   1017 C  CD2 . LEU B 1 60 ? -3.669  -15.854 -0.590  1.00 39.64 ? 39  LEU B CD2 1 
ATOM   1018 N  N   . ALA B 1 61 ? -7.482  -18.791 -0.855  1.00 30.32 ? 40  ALA B N   1 
ATOM   1019 C  CA  . ALA B 1 61 ? -8.727  -19.479 -0.556  1.00 31.04 ? 40  ALA B CA  1 
ATOM   1020 C  C   . ALA B 1 61 ? -9.028  -19.463 0.940   1.00 30.04 ? 40  ALA B C   1 
ATOM   1021 O  O   . ALA B 1 61 ? -8.148  -19.181 1.740   1.00 29.37 ? 40  ALA B O   1 
ATOM   1022 C  CB  . ALA B 1 61 ? -8.656  -20.907 -1.062  1.00 30.62 ? 40  ALA B CB  1 
ATOM   1023 N  N   . ILE B 1 62 ? -10.265 -19.784 1.306   1.00 29.84 ? 41  ILE B N   1 
ATOM   1024 C  CA  . ILE B 1 62 ? -10.644 -19.901 2.737   1.00 28.65 ? 41  ILE B CA  1 
ATOM   1025 C  C   . ILE B 1 62 ? -9.654  -20.763 3.498   1.00 29.21 ? 41  ILE B C   1 
ATOM   1026 O  O   . ILE B 1 62 ? -9.223  -21.773 2.999   1.00 28.38 ? 41  ILE B O   1 
ATOM   1027 C  CB  . ILE B 1 62 ? -12.111 -20.470 2.880   1.00 29.18 ? 41  ILE B CB  1 
ATOM   1028 C  CG1 . ILE B 1 62 ? -12.607 -20.384 4.321   1.00 31.24 ? 41  ILE B CG1 1 
ATOM   1029 C  CG2 . ILE B 1 62 ? -12.284 -21.955 2.338   1.00 26.55 ? 41  ILE B CG2 1 
ATOM   1030 C  CD1 . ILE B 1 62 ? -13.083 -18.989 4.676   1.00 31.00 ? 41  ILE B CD1 1 
ATOM   1031 N  N   . GLY B 1 63 ? -9.270  -20.352 4.701   1.00 28.30 ? 42  GLY B N   1 
ATOM   1032 C  CA  . GLY B 1 63 ? -8.302  -21.144 5.454   1.00 29.78 ? 42  GLY B CA  1 
ATOM   1033 C  C   . GLY B 1 63 ? -6.816  -20.898 5.184   1.00 30.75 ? 42  GLY B C   1 
ATOM   1034 O  O   . GLY B 1 63 ? -5.990  -21.329 5.981   1.00 30.23 ? 42  GLY B O   1 
ATOM   1035 N  N   . ASP B 1 64 ? -6.477  -20.202 4.088   1.00 29.28 ? 43  ASP B N   1 
ATOM   1036 C  CA  . ASP B 1 64 ? -5.105  -19.834 3.776   1.00 29.13 ? 43  ASP B CA  1 
ATOM   1037 C  C   . ASP B 1 64 ? -4.625  -18.768 4.758   1.00 28.95 ? 43  ASP B C   1 
ATOM   1038 O  O   . ASP B 1 64 ? -5.455  -18.097 5.383   1.00 27.60 ? 43  ASP B O   1 
ATOM   1039 C  CB  . ASP B 1 64 ? -4.987  -19.234 2.357   1.00 29.04 ? 43  ASP B CB  1 
ATOM   1040 C  CG  . ASP B 1 64 ? -5.021  -20.322 1.244   1.00 37.14 ? 43  ASP B CG  1 
ATOM   1041 O  OD1 . ASP B 1 64 ? -4.912  -21.542 1.552   1.00 37.13 ? 43  ASP B OD1 1 
ATOM   1042 O  OD2 . ASP B 1 64 ? -5.193  -19.964 0.080   1.00 34.71 ? 43  ASP B OD2 1 
ATOM   1043 N  N   . TYR B 1 65 ? -3.311  -18.655 4.882   1.00 26.86 ? 44  TYR B N   1 
ATOM   1044 C  CA  . TYR B 1 65 ? -2.693  -17.583 5.707   1.00 25.93 ? 44  TYR B CA  1 
ATOM   1045 C  C   . TYR B 1 65 ? -1.972  -16.589 4.817   1.00 28.24 ? 44  TYR B C   1 
ATOM   1046 O  O   . TYR B 1 65 ? -1.390  -16.934 3.742   1.00 29.52 ? 44  TYR B O   1 
ATOM   1047 C  CB  . TYR B 1 65 ? -1.715  -18.203 6.711   1.00 27.15 ? 44  TYR B CB  1 
ATOM   1048 C  CG  . TYR B 1 65 ? -2.426  -18.800 7.881   1.00 28.21 ? 44  TYR B CG  1 
ATOM   1049 C  CD1 . TYR B 1 65 ? -2.548  -18.079 9.077   1.00 30.77 ? 44  TYR B CD1 1 
ATOM   1050 C  CD2 . TYR B 1 65 ? -3.071  -20.011 7.784   1.00 30.02 ? 44  TYR B CD2 1 
ATOM   1051 C  CE1 . TYR B 1 65 ? -3.251  -18.623 10.174  1.00 26.39 ? 44  TYR B CE1 1 
ATOM   1052 C  CE2 . TYR B 1 65 ? -3.789  -20.563 8.882   1.00 30.94 ? 44  TYR B CE2 1 
ATOM   1053 C  CZ  . TYR B 1 65 ? -3.874  -19.830 10.063  1.00 30.06 ? 44  TYR B CZ  1 
ATOM   1054 O  OH  . TYR B 1 65 ? -4.587  -20.265 11.180  1.00 31.44 ? 44  TYR B OH  1 
ATOM   1055 N  N   . VAL B 1 66 ? -2.033  -15.323 5.207   1.00 28.02 ? 45  VAL B N   1 
ATOM   1056 C  CA  . VAL B 1 66 ? -1.448  -14.295 4.374   1.00 28.05 ? 45  VAL B CA  1 
ATOM   1057 C  C   . VAL B 1 66 ? -0.547  -13.441 5.229   1.00 28.75 ? 45  VAL B C   1 
ATOM   1058 O  O   . VAL B 1 66 ? -0.741  -13.396 6.462   1.00 26.89 ? 45  VAL B O   1 
ATOM   1059 C  CB  . VAL B 1 66 ? -2.507  -13.345 3.735   1.00 28.90 ? 45  VAL B CB  1 
ATOM   1060 C  CG1 . VAL B 1 66 ? -3.307  -14.040 2.647   1.00 30.38 ? 45  VAL B CG1 1 
ATOM   1061 C  CG2 . VAL B 1 66 ? -3.427  -12.740 4.786   1.00 30.58 ? 45  VAL B CG2 1 
ATOM   1062 N  N   . LEU B 1 67 ? 0.414   -12.771 4.592   1.00 28.79 ? 46  LEU B N   1 
ATOM   1063 C  CA  . LEU B 1 67 ? 1.192   -11.770 5.301   1.00 31.06 ? 46  LEU B CA  1 
ATOM   1064 C  C   . LEU B 1 67 ? 0.997   -10.529 4.439   1.00 32.30 ? 46  LEU B C   1 
ATOM   1065 O  O   . LEU B 1 67 ? 1.173   -10.596 3.216   1.00 32.45 ? 46  LEU B O   1 
ATOM   1066 C  CB  . LEU B 1 67 ? 2.685   -12.100 5.243   1.00 32.55 ? 46  LEU B CB  1 
ATOM   1067 C  CG  . LEU B 1 67 ? 3.249   -13.219 6.098   1.00 35.31 ? 46  LEU B CG  1 
ATOM   1068 C  CD1 . LEU B 1 67 ? 4.752   -13.311 5.849   1.00 37.54 ? 46  LEU B CD1 1 
ATOM   1069 C  CD2 . LEU B 1 67 ? 3.005   -12.877 7.543   1.00 34.24 ? 46  LEU B CD2 1 
ATOM   1070 N  N   . ILE B 1 68 ? 0.661   -9.420  5.042   1.00 31.61 ? 47  ILE B N   1 
ATOM   1071 C  CA  . ILE B 1 68 ? 0.639   -8.225  4.207   1.00 33.61 ? 47  ILE B CA  1 
ATOM   1072 C  C   . ILE B 1 68 ? 2.003   -7.627  3.949   1.00 32.06 ? 47  ILE B C   1 
ATOM   1073 O  O   . ILE B 1 68 ? 2.985   -7.903  4.638   1.00 32.09 ? 47  ILE B O   1 
ATOM   1074 C  CB  . ILE B 1 68 ? -0.347  -7.166  4.670   1.00 34.72 ? 47  ILE B CB  1 
ATOM   1075 C  CG1 . ILE B 1 68 ? 0.008   -6.665  6.040   1.00 37.36 ? 47  ILE B CG1 1 
ATOM   1076 C  CG2 . ILE B 1 68 ? -1.772  -7.674  4.674   1.00 37.15 ? 47  ILE B CG2 1 
ATOM   1077 C  CD1 . ILE B 1 68 ? -0.646  -5.219  6.163   1.00 43.11 ? 47  ILE B CD1 1 
ATOM   1078 N  N   . HIS B 1 69 ? 2.063   -6.844  2.884   1.00 31.89 ? 48  HIS B N   1 
ATOM   1079 C  CA  . HIS B 1 69 ? 3.257   -6.089  2.528   1.00 30.60 ? 48  HIS B CA  1 
ATOM   1080 C  C   . HIS B 1 69 ? 2.731   -4.689  2.432   1.00 30.12 ? 48  HIS B C   1 
ATOM   1081 O  O   . HIS B 1 69 ? 1.902   -4.416  1.558   1.00 27.08 ? 48  HIS B O   1 
ATOM   1082 C  CB  . HIS B 1 69 ? 3.822   -6.531  1.162   1.00 33.43 ? 48  HIS B CB  1 
ATOM   1083 C  CG  . HIS B 1 69 ? 5.030   -5.738  0.762   1.00 37.43 ? 48  HIS B CG  1 
ATOM   1084 N  ND1 . HIS B 1 69 ? 4.945   -4.464  0.240   1.00 46.48 ? 48  HIS B ND1 1 
ATOM   1085 C  CD2 . HIS B 1 69 ? 6.353   -5.965  0.968   1.00 40.75 ? 48  HIS B CD2 1 
ATOM   1086 C  CE1 . HIS B 1 69 ? 6.162   -3.964  0.068   1.00 42.53 ? 48  HIS B CE1 1 
ATOM   1087 N  NE2 . HIS B 1 69 ? 7.033   -4.860  0.503   1.00 45.92 ? 48  HIS B NE2 1 
ATOM   1088 N  N   . ILE B 1 70 ? 3.190   -3.821  3.345   1.00 28.15 ? 49  ILE B N   1 
ATOM   1089 C  CA  . ILE B 1 70 ? 2.741   -2.430  3.444   1.00 30.94 ? 49  ILE B CA  1 
ATOM   1090 C  C   . ILE B 1 70 ? 3.682   -1.546  2.697   1.00 29.48 ? 49  ILE B C   1 
ATOM   1091 O  O   . ILE B 1 70 ? 4.866   -1.845  2.602   1.00 30.87 ? 49  ILE B O   1 
ATOM   1092 C  CB  . ILE B 1 70 ? 2.775   -1.932  4.924   1.00 31.46 ? 49  ILE B CB  1 
ATOM   1093 C  CG1 . ILE B 1 70 ? 1.581   -2.473  5.651   1.00 37.18 ? 49  ILE B CG1 1 
ATOM   1094 C  CG2 . ILE B 1 70 ? 2.480   -0.429  5.039   1.00 34.95 ? 49  ILE B CG2 1 
ATOM   1095 C  CD1 . ILE B 1 70 ? 1.623   -3.903  5.828   1.00 43.30 ? 49  ILE B CD1 1 
ATOM   1096 N  N   . GLY B 1 71 ? 3.177   -0.456  2.120   1.00 28.25 ? 50  GLY B N   1 
ATOM   1097 C  CA  . GLY B 1 71 ? 4.108   0.450   1.480   1.00 29.04 ? 50  GLY B CA  1 
ATOM   1098 C  C   . GLY B 1 71 ? 3.339   1.540   0.720   1.00 30.54 ? 50  GLY B C   1 
ATOM   1099 O  O   . GLY B 1 71 ? 2.154   1.742   0.968   1.00 31.07 ? 50  GLY B O   1 
ATOM   1100 N  N   . PHE B 1 72 ? 4.023   2.290   -0.156  1.00 30.19 ? 51  PHE B N   1 
ATOM   1101 C  CA  . PHE B 1 72 ? 3.335   3.354   -0.865  1.00 30.49 ? 51  PHE B CA  1 
ATOM   1102 C  C   . PHE B 1 72 ? 2.752   2.807   -2.151  1.00 31.02 ? 51  PHE B C   1 
ATOM   1103 O  O   . PHE B 1 72 ? 3.503   2.383   -3.057  1.00 32.75 ? 51  PHE B O   1 
ATOM   1104 C  CB  . PHE B 1 72 ? 4.330   4.476   -1.202  1.00 32.36 ? 51  PHE B CB  1 
ATOM   1105 C  CG  . PHE B 1 72 ? 4.807   5.216   0.015   1.00 31.82 ? 51  PHE B CG  1 
ATOM   1106 C  CD1 . PHE B 1 72 ? 3.886   5.903   0.804   1.00 35.49 ? 51  PHE B CD1 1 
ATOM   1107 C  CD2 . PHE B 1 72 ? 6.135   5.163   0.399   1.00 34.47 ? 51  PHE B CD2 1 
ATOM   1108 C  CE1 . PHE B 1 72 ? 4.303   6.587   1.943   1.00 38.62 ? 51  PHE B CE1 1 
ATOM   1109 C  CE2 . PHE B 1 72 ? 6.590   5.839   1.540   1.00 37.73 ? 51  PHE B CE2 1 
ATOM   1110 C  CZ  . PHE B 1 72 ? 5.680   6.555   2.322   1.00 38.82 ? 51  PHE B CZ  1 
ATOM   1111 N  N   . VAL B 1 73 ? 1.437   2.836   -2.286  1.00 30.35 ? 52  VAL B N   1 
ATOM   1112 C  CA  . VAL B 1 73 ? 0.809   2.334   -3.500  1.00 30.65 ? 52  VAL B CA  1 
ATOM   1113 C  C   . VAL B 1 73 ? 0.863   3.536   -4.450  1.00 31.16 ? 52  VAL B C   1 
ATOM   1114 O  O   . VAL B 1 73 ? 0.574   4.620   -4.004  1.00 30.91 ? 52  VAL B O   1 
ATOM   1115 C  CB  . VAL B 1 73 ? -0.648  1.956   -3.203  1.00 31.60 ? 52  VAL B CB  1 
ATOM   1116 C  CG1 . VAL B 1 73 ? -1.427  1.667   -4.539  1.00 32.36 ? 52  VAL B CG1 1 
ATOM   1117 C  CG2 . VAL B 1 73 ? -0.723  0.681   -2.273  1.00 32.70 ? 52  VAL B CG2 1 
HETATM 1118 N  N   . MSE B 1 74 ? 1.204   3.362   -5.734  1.00 30.35 ? 53  MSE B N   1 
HETATM 1119 C  CA  . MSE B 1 74 ? 1.292   4.497   -6.673  1.00 33.38 ? 53  MSE B CA  1 
HETATM 1120 C  C   . MSE B 1 74 ? 0.402   4.261   -7.878  1.00 31.82 ? 53  MSE B C   1 
HETATM 1121 O  O   . MSE B 1 74 ? 0.496   3.188   -8.499  1.00 32.45 ? 53  MSE B O   1 
HETATM 1122 C  CB  . MSE B 1 74 ? 2.735   4.700   -7.185  1.00 33.33 ? 53  MSE B CB  1 
HETATM 1123 C  CG  . MSE B 1 74 ? 3.640   5.243   -6.113  1.00 39.12 ? 53  MSE B CG  1 
HETATM 1124 SE SE  . MSE B 1 74 ? 5.476   5.516   -6.685  0.70 46.00 ? 53  MSE B SE  1 
HETATM 1125 C  CE  . MSE B 1 74 ? 6.084   3.739   -6.443  1.00 41.24 ? 53  MSE B CE  1 
ATOM   1126 N  N   . ASN B 1 75 ? -0.504  5.203   -8.145  1.00 30.69 ? 54  ASN B N   1 
ATOM   1127 C  CA  . ASN B 1 75 ? -1.410  5.112   -9.264  1.00 31.03 ? 54  ASN B CA  1 
ATOM   1128 C  C   . ASN B 1 75 ? -1.091  6.181   -10.284 1.00 30.80 ? 54  ASN B C   1 
ATOM   1129 O  O   . ASN B 1 75 ? -1.074  7.377   -9.965  1.00 28.92 ? 54  ASN B O   1 
ATOM   1130 C  CB  . ASN B 1 75 ? -2.852  5.255   -8.787  1.00 32.46 ? 54  ASN B CB  1 
ATOM   1131 C  CG  . ASN B 1 75 ? -3.255  4.110   -7.872  1.00 37.52 ? 54  ASN B CG  1 
ATOM   1132 O  OD1 . ASN B 1 75 ? -3.378  2.965   -8.313  1.00 41.35 ? 54  ASN B OD1 1 
ATOM   1133 N  ND2 . ASN B 1 75 ? -3.379  4.405   -6.587  1.00 39.64 ? 54  ASN B ND2 1 
ATOM   1134 N  N   . LYS B 1 76 ? -0.859  5.750   -11.523 1.00 29.80 ? 55  LYS B N   1 
ATOM   1135 C  CA  . LYS B 1 76 ? -0.453  6.693   -12.540 1.00 30.78 ? 55  LYS B CA  1 
ATOM   1136 C  C   . LYS B 1 76 ? -1.703  7.433   -12.935 1.00 32.43 ? 55  LYS B C   1 
ATOM   1137 O  O   . LYS B 1 76 ? -2.795  6.836   -12.980 1.00 32.81 ? 55  LYS B O   1 
ATOM   1138 C  CB  . LYS B 1 76 ? 0.155   5.949   -13.756 1.00 30.84 ? 55  LYS B CB  1 
ATOM   1139 C  CG  . LYS B 1 76 ? 0.518   6.930   -14.826 1.00 36.16 ? 55  LYS B CG  1 
ATOM   1140 C  CD  . LYS B 1 76 ? 1.495   6.338   -15.810 1.00 42.97 ? 55  LYS B CD  1 
ATOM   1141 C  CE  . LYS B 1 76 ? 0.873   5.272   -16.601 1.00 44.67 ? 55  LYS B CE  1 
ATOM   1142 N  NZ  . LYS B 1 76 ? 1.507   5.305   -17.957 1.00 47.26 ? 55  LYS B NZ  1 
ATOM   1143 N  N   . ILE B 1 77 ? -1.601  8.740   -13.138 1.00 30.29 ? 56  ILE B N   1 
ATOM   1144 C  CA  . ILE B 1 77 ? -2.742  9.490   -13.593 1.00 31.44 ? 56  ILE B CA  1 
ATOM   1145 C  C   . ILE B 1 77 ? -2.332  10.295  -14.817 1.00 31.95 ? 56  ILE B C   1 
ATOM   1146 O  O   . ILE B 1 77 ? -1.164  10.529  -15.038 1.00 31.05 ? 56  ILE B O   1 
ATOM   1147 C  CB  . ILE B 1 77 ? -3.284  10.461  -12.531 1.00 32.95 ? 56  ILE B CB  1 
ATOM   1148 C  CG1 . ILE B 1 77 ? -2.244  11.474  -12.079 1.00 32.23 ? 56  ILE B CG1 1 
ATOM   1149 C  CG2 . ILE B 1 77 ? -3.879  9.726   -11.291 1.00 32.57 ? 56  ILE B CG2 1 
ATOM   1150 C  CD1 . ILE B 1 77 ? -2.975  12.573  -11.235 1.00 35.15 ? 56  ILE B CD1 1 
ATOM   1151 N  N   . ASP B 1 78 ? -3.310  10.766  -15.575 1.00 32.75 ? 57  ASP B N   1 
ATOM   1152 C  CA  . ASP B 1 78 ? -3.053  11.475  -16.812 1.00 33.24 ? 57  ASP B CA  1 
ATOM   1153 C  C   . ASP B 1 78 ? -2.266  12.744  -16.518 1.00 32.86 ? 57  ASP B C   1 
ATOM   1154 O  O   . ASP B 1 78 ? -2.601  13.504  -15.612 1.00 31.17 ? 57  ASP B O   1 
ATOM   1155 C  CB  . ASP B 1 78 ? -4.395  11.812  -17.457 1.00 33.72 ? 57  ASP B CB  1 
ATOM   1156 C  CG  . ASP B 1 78 ? -4.260  12.673  -18.696 1.00 40.57 ? 57  ASP B CG  1 
ATOM   1157 O  OD1 . ASP B 1 78 ? -4.172  12.109  -19.785 1.00 44.78 ? 57  ASP B OD1 1 
ATOM   1158 O  OD2 . ASP B 1 78 ? -4.294  13.922  -18.585 1.00 44.42 ? 57  ASP B OD2 1 
ATOM   1159 N  N   A ARG B 1 79 ? -1.212  12.970  -17.293 0.50 33.27 ? 58  ARG B N   1 
ATOM   1160 N  N   B ARG B 1 79 ? -1.223  12.951  -17.313 0.50 32.87 ? 58  ARG B N   1 
ATOM   1161 C  CA  A ARG B 1 79 ? -0.302  14.091  -17.058 0.50 33.84 ? 58  ARG B CA  1 
ATOM   1162 C  CA  B ARG B 1 79 ? -0.295  14.070  -17.170 0.50 33.01 ? 58  ARG B CA  1 
ATOM   1163 C  C   A ARG B 1 79 ? -1.033  15.424  -17.088 0.50 33.03 ? 58  ARG B C   1 
ATOM   1164 C  C   B ARG B 1 79 ? -1.032  15.390  -17.101 0.50 32.58 ? 58  ARG B C   1 
ATOM   1165 O  O   A ARG B 1 79 ? -0.775  16.306  -16.254 0.50 33.11 ? 58  ARG B O   1 
ATOM   1166 O  O   B ARG B 1 79 ? -0.774  16.221  -16.218 0.50 32.74 ? 58  ARG B O   1 
ATOM   1167 C  CB  A ARG B 1 79 ? 0.828   14.072  -18.099 0.50 34.65 ? 58  ARG B CB  1 
ATOM   1168 C  CB  B ARG B 1 79 ? 0.650   14.074  -18.382 0.50 33.64 ? 58  ARG B CB  1 
ATOM   1169 C  CG  A ARG B 1 79 ? 1.358   15.449  -18.448 0.50 35.99 ? 58  ARG B CG  1 
ATOM   1170 C  CG  B ARG B 1 79 ? 1.405   15.366  -18.587 0.50 34.36 ? 58  ARG B CG  1 
ATOM   1171 C  CD  A ARG B 1 79 ? 2.327   15.476  -19.638 0.50 36.84 ? 58  ARG B CD  1 
ATOM   1172 C  CD  B ARG B 1 79 ? 2.308   15.338  -19.828 0.50 34.32 ? 58  ARG B CD  1 
ATOM   1173 N  NE  A ARG B 1 79 ? 1.899   14.643  -20.755 0.50 41.30 ? 58  ARG B NE  1 
ATOM   1174 N  NE  B ARG B 1 79 ? 3.312   14.286  -19.747 0.50 32.95 ? 58  ARG B NE  1 
ATOM   1175 C  CZ  A ARG B 1 79 ? 2.658   13.672  -21.265 0.50 44.69 ? 58  ARG B CZ  1 
ATOM   1176 C  CZ  B ARG B 1 79 ? 3.389   13.259  -20.600 0.50 38.17 ? 58  ARG B CZ  1 
ATOM   1177 N  NH1 A ARG B 1 79 ? 2.208   12.953  -22.268 0.50 44.87 ? 58  ARG B NH1 1 
ATOM   1178 N  NH1 B ARG B 1 79 ? 2.534   13.166  -21.629 0.50 32.01 ? 58  ARG B NH1 1 
ATOM   1179 N  NH2 A ARG B 1 79 ? 3.881   13.421  -20.767 0.50 49.06 ? 58  ARG B NH2 1 
ATOM   1180 N  NH2 B ARG B 1 79 ? 4.331   12.334  -20.441 0.50 36.14 ? 58  ARG B NH2 1 
ATOM   1181 N  N   . ASN B 1 80 ? -1.949  15.578  -18.043 1.00 31.90 ? 59  ASN B N   1 
ATOM   1182 C  CA  . ASN B 1 80 ? -2.660  16.849  -18.199 1.00 32.87 ? 59  ASN B CA  1 
ATOM   1183 C  C   . ASN B 1 80 ? -3.575  17.122  -17.023 1.00 32.08 ? 59  ASN B C   1 
ATOM   1184 O  O   . ASN B 1 80 ? -3.614  18.238  -16.483 1.00 33.13 ? 59  ASN B O   1 
ATOM   1185 C  CB  . ASN B 1 80 ? -3.404  16.828  -19.521 1.00 32.65 ? 59  ASN B CB  1 
ATOM   1186 C  CG  . ASN B 1 80 ? -2.470  17.027  -20.668 1.00 37.58 ? 59  ASN B CG  1 
ATOM   1187 O  OD1 . ASN B 1 80 ? -1.792  18.049  -20.700 1.00 41.73 ? 59  ASN B OD1 1 
ATOM   1188 N  ND2 . ASN B 1 80 ? -2.396  16.068  -21.610 1.00 36.60 ? 59  ASN B ND2 1 
ATOM   1189 N  N   . ASP B 1 81 ? -4.270  16.078  -16.565 1.00 32.99 ? 60  ASP B N   1 
ATOM   1190 C  CA  . ASP B 1 81 ? -5.079  16.234  -15.344 1.00 32.79 ? 60  ASP B CA  1 
ATOM   1191 C  C   . ASP B 1 81 ? -4.236  16.637  -14.134 1.00 31.60 ? 60  ASP B C   1 
ATOM   1192 O  O   . ASP B 1 81 ? -4.616  17.553  -13.357 1.00 31.52 ? 60  ASP B O   1 
ATOM   1193 C  CB  . ASP B 1 81 ? -5.856  14.937  -15.026 1.00 34.78 ? 60  ASP B CB  1 
ATOM   1194 C  CG  . ASP B 1 81 ? -7.058  14.706  -15.987 1.00 39.63 ? 60  ASP B CG  1 
ATOM   1195 O  OD1 . ASP B 1 81 ? -7.441  15.619  -16.771 1.00 46.24 ? 60  ASP B OD1 1 
ATOM   1196 O  OD2 . ASP B 1 81 ? -7.625  13.605  -15.959 1.00 48.00 ? 60  ASP B OD2 1 
ATOM   1197 N  N   . ALA B 1 82 ? -3.109  15.946  -13.971 1.00 29.64 ? 61  ALA B N   1 
ATOM   1198 C  CA  . ALA B 1 82 ? -2.175  16.182  -12.855 1.00 28.13 ? 61  ALA B CA  1 
ATOM   1199 C  C   . ALA B 1 82 ? -1.700  17.636  -12.951 1.00 28.80 ? 61  ALA B C   1 
ATOM   1200 O  O   . ALA B 1 82 ? -1.784  18.385  -11.960 1.00 28.17 ? 61  ALA B O   1 
ATOM   1201 C  CB  . ALA B 1 82 ? -1.028  15.287  -12.961 1.00 28.12 ? 61  ALA B CB  1 
ATOM   1202 N  N   . LEU B 1 83 ? -1.256  18.052  -14.129 1.00 26.68 ? 62  LEU B N   1 
ATOM   1203 C  CA  . LEU B 1 83 ? -0.667  19.400  -14.276 1.00 29.68 ? 62  LEU B CA  1 
ATOM   1204 C  C   . LEU B 1 83 ? -1.667  20.532  -14.045 1.00 30.32 ? 62  LEU B C   1 
ATOM   1205 O  O   . LEU B 1 83 ? -1.323  21.539  -13.407 1.00 32.93 ? 62  LEU B O   1 
ATOM   1206 C  CB  . LEU B 1 83 ? 0.036   19.574  -15.631 1.00 29.49 ? 62  LEU B CB  1 
ATOM   1207 C  CG  . LEU B 1 83 ? 1.348   18.816  -15.821 1.00 31.88 ? 62  LEU B CG  1 
ATOM   1208 C  CD1 . LEU B 1 83 ? 1.837   18.805  -17.316 1.00 36.23 ? 62  LEU B CD1 1 
ATOM   1209 C  CD2 . LEU B 1 83 ? 2.435   19.288  -14.825 1.00 34.80 ? 62  LEU B CD2 1 
ATOM   1210 N  N   . GLN B 1 84 ? -2.892  20.362  -14.537 1.00 31.14 ? 63  GLN B N   1 
ATOM   1211 C  CA  . GLN B 1 84 ? -3.973  21.352  -14.313 1.00 31.37 ? 63  GLN B CA  1 
ATOM   1212 C  C   . GLN B 1 84 ? -4.367  21.422  -12.834 1.00 31.72 ? 63  GLN B C   1 
ATOM   1213 O  O   . GLN B 1 84 ? -4.453  22.528  -12.278 1.00 32.20 ? 63  GLN B O   1 
ATOM   1214 C  CB  . GLN B 1 84 ? -5.179  21.038  -15.204 1.00 31.03 ? 63  GLN B CB  1 
ATOM   1215 C  CG  . GLN B 1 84 ? -4.846  21.263  -16.704 1.00 36.09 ? 63  GLN B CG  1 
ATOM   1216 C  CD  . GLN B 1 84 ? -5.891  20.709  -17.638 1.00 45.97 ? 63  GLN B CD  1 
ATOM   1217 O  OE1 . GLN B 1 84 ? -6.967  20.269  -17.208 1.00 48.23 ? 63  GLN B OE1 1 
ATOM   1218 N  NE2 . GLN B 1 84 ? -5.577  20.709  -18.946 1.00 47.54 ? 63  GLN B NE2 1 
ATOM   1219 N  N   . SER B 1 85 ? -4.551  20.264  -12.197 1.00 30.02 ? 64  SER B N   1 
ATOM   1220 C  CA  . SER B 1 85 ? -4.860  20.220  -10.750 1.00 30.08 ? 64  SER B CA  1 
ATOM   1221 C  C   . SER B 1 85 ? -3.778  20.841  -9.885  1.00 30.32 ? 64  SER B C   1 
ATOM   1222 O  O   . SER B 1 85 ? -4.090  21.429  -8.844  1.00 30.50 ? 64  SER B O   1 
ATOM   1223 C  CB  . SER B 1 85 ? -5.188  18.795  -10.253 1.00 30.19 ? 64  SER B CB  1 
ATOM   1224 O  OG  . SER B 1 85 ? -4.035  17.951  -10.167 1.00 30.90 ? 64  SER B OG  1 
ATOM   1225 N  N   . LEU B 1 86 ? -2.507  20.678  -10.262 1.00 29.40 ? 65  LEU B N   1 
ATOM   1226 C  CA  . LEU B 1 86 ? -1.398  21.185  -9.403  1.00 30.31 ? 65  LEU B CA  1 
ATOM   1227 C  C   . LEU B 1 86 ? -1.418  22.692  -9.144  1.00 32.47 ? 65  LEU B C   1 
ATOM   1228 O  O   . LEU B 1 86 ? -0.977  23.158  -8.085  1.00 31.74 ? 65  LEU B O   1 
ATOM   1229 C  CB  . LEU B 1 86 ? -0.035  20.710  -9.929  1.00 30.46 ? 65  LEU B CB  1 
ATOM   1230 C  CG  . LEU B 1 86 ? 0.308   19.291  -9.508  1.00 30.35 ? 65  LEU B CG  1 
ATOM   1231 C  CD1 . LEU B 1 86 ? 1.440   18.656  -10.377 1.00 29.39 ? 65  LEU B CD1 1 
ATOM   1232 C  CD2 . LEU B 1 86 ? 0.721   19.341  -8.049  1.00 29.39 ? 65  LEU B CD2 1 
ATOM   1233 N  N   . GLU B 1 87 ? -2.007  23.464  -10.044 1.00 32.62 ? 66  GLU B N   1 
ATOM   1234 C  CA  . GLU B 1 87 ? -2.238  24.909  -9.753  1.00 34.52 ? 66  GLU B CA  1 
ATOM   1235 C  C   . GLU B 1 87 ? -3.095  25.155  -8.493  1.00 33.33 ? 66  GLU B C   1 
ATOM   1236 O  O   . GLU B 1 87 ? -2.812  26.057  -7.710  1.00 34.16 ? 66  GLU B O   1 
ATOM   1237 C  CB  . GLU B 1 87 ? -2.927  25.540  -10.930 1.00 35.41 ? 66  GLU B CB  1 
ATOM   1238 C  CG  . GLU B 1 87 ? -2.852  27.057  -10.949 1.00 43.03 ? 66  GLU B CG  1 
ATOM   1239 C  CD  . GLU B 1 87 ? -3.276  27.607  -12.312 1.00 52.67 ? 66  GLU B CD  1 
ATOM   1240 O  OE1 . GLU B 1 87 ? -4.310  27.138  -12.859 1.00 55.55 ? 66  GLU B OE1 1 
ATOM   1241 O  OE2 . GLU B 1 87 ? -2.570  28.495  -12.838 1.00 56.60 ? 66  GLU B OE2 1 
ATOM   1242 N  N   . LEU B 1 88 ? -4.124  24.332  -8.316  1.00 32.75 ? 67  LEU B N   1 
ATOM   1243 C  CA  . LEU B 1 88 ? -5.028  24.374  -7.143  1.00 32.41 ? 67  LEU B CA  1 
ATOM   1244 C  C   . LEU B 1 88 ? -4.252  23.916  -5.911  1.00 31.47 ? 67  LEU B C   1 
ATOM   1245 O  O   . LEU B 1 88 ? -4.378  24.518  -4.833  1.00 31.11 ? 67  LEU B O   1 
ATOM   1246 C  CB  . LEU B 1 88 ? -6.255  23.497  -7.365  1.00 33.30 ? 67  LEU B CB  1 
ATOM   1247 C  CG  . LEU B 1 88 ? -7.223  23.808  -8.540  1.00 35.48 ? 67  LEU B CG  1 
ATOM   1248 C  CD1 . LEU B 1 88 ? -8.392  22.847  -8.599  1.00 37.18 ? 67  LEU B CD1 1 
ATOM   1249 C  CD2 . LEU B 1 88 ? -7.716  25.235  -8.469  1.00 41.97 ? 67  LEU B CD2 1 
ATOM   1250 N  N   . TYR B 1 89 ? -3.495  22.812  -6.003  1.00 30.44 ? 68  TYR B N   1 
ATOM   1251 C  CA  . TYR B 1 89 ? -2.663  22.471  -4.817  1.00 30.74 ? 68  TYR B CA  1 
ATOM   1252 C  C   . TYR B 1 89 ? -1.728  23.592  -4.385  1.00 33.17 ? 68  TYR B C   1 
ATOM   1253 O  O   . TYR B 1 89 ? -1.615  23.918  -3.189  1.00 31.42 ? 68  TYR B O   1 
ATOM   1254 C  CB  . TYR B 1 89 ? -1.832  21.244  -5.073  1.00 30.83 ? 68  TYR B CB  1 
ATOM   1255 C  CG  . TYR B 1 89 ? -2.606  19.960  -5.147  1.00 27.99 ? 68  TYR B CG  1 
ATOM   1256 C  CD1 . TYR B 1 89 ? -2.705  19.141  -4.049  1.00 29.49 ? 68  TYR B CD1 1 
ATOM   1257 C  CD2 . TYR B 1 89 ? -3.198  19.553  -6.334  1.00 28.39 ? 68  TYR B CD2 1 
ATOM   1258 C  CE1 . TYR B 1 89 ? -3.371  17.927  -4.111  1.00 27.82 ? 68  TYR B CE1 1 
ATOM   1259 C  CE2 . TYR B 1 89 ? -3.848  18.335  -6.428  1.00 26.92 ? 68  TYR B CE2 1 
ATOM   1260 C  CZ  . TYR B 1 89 ? -3.938  17.521  -5.295  1.00 23.86 ? 68  TYR B CZ  1 
ATOM   1261 O  OH  . TYR B 1 89 ? -4.598  16.292  -5.345  1.00 27.58 ? 68  TYR B OH  1 
ATOM   1262 N  N   A GLN B 1 90 ? -1.049  24.185  -5.352  0.50 33.95 ? 69  GLN B N   1 
ATOM   1263 N  N   B GLN B 1 90 ? -1.049  24.171  -5.388  0.50 34.25 ? 69  GLN B N   1 
ATOM   1264 C  CA  A GLN B 1 90 ? -0.150  25.284  -5.056  0.50 35.77 ? 69  GLN B CA  1 
ATOM   1265 C  CA  B GLN B 1 90 ? -0.135  25.323  -5.231  0.50 36.71 ? 69  GLN B CA  1 
ATOM   1266 C  C   A GLN B 1 90 ? -0.883  26.441  -4.394  0.50 36.58 ? 69  GLN B C   1 
ATOM   1267 C  C   B GLN B 1 90 ? -0.819  26.490  -4.520  0.50 37.00 ? 69  GLN B C   1 
ATOM   1268 O  O   A GLN B 1 90 ? -0.403  27.032  -3.403  0.50 36.03 ? 69  GLN B O   1 
ATOM   1269 O  O   B GLN B 1 90 ? -0.234  27.144  -3.632  0.50 36.77 ? 69  GLN B O   1 
ATOM   1270 C  CB  A GLN B 1 90 ? 0.521   25.710  -6.347  0.50 36.25 ? 69  GLN B CB  1 
ATOM   1271 C  CB  B GLN B 1 90 ? 0.375   25.789  -6.618  0.50 36.67 ? 69  GLN B CB  1 
ATOM   1272 C  CG  A GLN B 1 90 ? 1.779   24.931  -6.597  0.50 39.71 ? 69  GLN B CG  1 
ATOM   1273 C  CG  B GLN B 1 90 ? 1.520   24.953  -7.234  0.50 40.07 ? 69  GLN B CG  1 
ATOM   1274 C  CD  A GLN B 1 90 ? 2.961   25.597  -5.949  0.50 43.14 ? 69  GLN B CD  1 
ATOM   1275 C  CD  B GLN B 1 90 ? 1.819   25.254  -8.733  0.50 39.43 ? 69  GLN B CD  1 
ATOM   1276 O  OE1 A GLN B 1 90 ? 3.863   24.939  -5.426  0.50 44.68 ? 69  GLN B OE1 1 
ATOM   1277 O  OE1 B GLN B 1 90 ? 1.419   26.290  -9.294  0.50 44.47 ? 69  GLN B OE1 1 
ATOM   1278 N  NE2 A GLN B 1 90 ? 2.956   26.919  -5.971  0.50 43.59 ? 69  GLN B NE2 1 
ATOM   1279 N  NE2 B GLN B 1 90 ? 2.533   24.333  -9.376  0.50 43.16 ? 69  GLN B NE2 1 
ATOM   1280 N  N   . GLU B 1 91 ? -2.060  26.744  -4.921  1.00 37.05 ? 70  GLU B N   1 
ATOM   1281 C  CA  . GLU B 1 91 ? -2.892  27.802  -4.357  1.00 38.58 ? 70  GLU B CA  1 
ATOM   1282 C  C   . GLU B 1 91 ? -3.217  27.524  -2.888  1.00 38.62 ? 70  GLU B C   1 
ATOM   1283 O  O   . GLU B 1 91 ? -3.127  28.454  -2.075  1.00 39.74 ? 70  GLU B O   1 
ATOM   1284 C  CB  . GLU B 1 91 ? -4.159  27.932  -5.191  1.00 39.46 ? 70  GLU B CB  1 
ATOM   1285 C  CG  . GLU B 1 91 ? -4.986  29.184  -5.037  1.00 46.69 ? 70  GLU B CG  1 
ATOM   1286 C  CD  . GLU B 1 91 ? -5.907  29.390  -6.254  1.00 55.49 ? 70  GLU B CD  1 
ATOM   1287 O  OE1 . GLU B 1 91 ? -5.535  28.952  -7.379  1.00 57.37 ? 70  GLU B OE1 1 
ATOM   1288 O  OE2 . GLU B 1 91 ? -7.007  29.980  -6.085  1.00 59.83 ? 70  GLU B OE2 1 
ATOM   1289 N  N   . ILE B 1 92 ? -3.579  26.273  -2.531  1.00 35.24 ? 71  ILE B N   1 
ATOM   1290 C  CA  . ILE B 1 92 ? -3.859  25.922  -1.138  1.00 35.87 ? 71  ILE B CA  1 
ATOM   1291 C  C   . ILE B 1 92 ? -2.584  26.122  -0.282  1.00 37.99 ? 71  ILE B C   1 
ATOM   1292 O  O   . ILE B 1 92 ? -2.627  26.746  0.818   1.00 38.31 ? 71  ILE B O   1 
ATOM   1293 C  CB  . ILE B 1 92 ? -4.378  24.449  -1.018  1.00 34.93 ? 71  ILE B CB  1 
ATOM   1294 C  CG1 . ILE B 1 92 ? -5.754  24.307  -1.705  1.00 33.98 ? 71  ILE B CG1 1 
ATOM   1295 C  CG2 . ILE B 1 92 ? -4.377  23.935  0.472   1.00 34.69 ? 71  ILE B CG2 1 
ATOM   1296 C  CD1 . ILE B 1 92 ? -6.139  22.826  -1.948  1.00 33.67 ? 71  ILE B CD1 1 
ATOM   1297 N  N   . VAL B 1 93 ? -1.445  25.658  -0.798  1.00 38.81 ? 72  VAL B N   1 
ATOM   1298 C  CA  . VAL B 1 93 ? -0.199  25.745  -0.038  1.00 40.65 ? 72  VAL B CA  1 
ATOM   1299 C  C   . VAL B 1 93 ? 0.172   27.214  0.249   1.00 43.89 ? 72  VAL B C   1 
ATOM   1300 O  O   . VAL B 1 93 ? 0.540   27.554  1.385   1.00 43.72 ? 72  VAL B O   1 
ATOM   1301 C  CB  . VAL B 1 93 ? 0.943   25.006  -0.739  1.00 40.49 ? 72  VAL B CB  1 
ATOM   1302 C  CG1 . VAL B 1 93 ? 2.297   25.315  -0.078  1.00 41.96 ? 72  VAL B CG1 1 
ATOM   1303 C  CG2 . VAL B 1 93 ? 0.672   23.515  -0.704  1.00 38.24 ? 72  VAL B CG2 1 
ATOM   1304 N  N   . SER B 1 94 ? 0.036   28.071  -0.763  1.00 46.24 ? 73  SER B N   1 
ATOM   1305 C  CA  . SER B 1 94 ? 0.327   29.500  -0.610  1.00 50.45 ? 73  SER B CA  1 
ATOM   1306 C  C   . SER B 1 94 ? -0.557  30.133  0.450   1.00 52.43 ? 73  SER B C   1 
ATOM   1307 O  O   . SER B 1 94 ? -0.176  31.111  1.089   1.00 53.01 ? 73  SER B O   1 
ATOM   1308 C  CB  . SER B 1 94 ? 0.121   30.235  -1.924  1.00 49.92 ? 73  SER B CB  1 
ATOM   1309 O  OG  . SER B 1 94 ? 1.222   29.997  -2.792  1.00 52.89 ? 73  SER B OG  1 
ATOM   1310 N  N   . LYS B 1 95 ? -1.738  29.564  0.638   1.00 54.87 ? 74  LYS B N   1 
ATOM   1311 C  CA  . LYS B 1 95 ? -2.709  30.121  1.546   1.00 57.21 ? 74  LYS B CA  1 
ATOM   1312 C  C   . LYS B 1 95 ? -2.562  29.550  2.959   1.00 59.04 ? 74  LYS B C   1 
ATOM   1313 O  O   . LYS B 1 95 ? -2.584  30.292  3.934   1.00 59.35 ? 74  LYS B O   1 
ATOM   1314 C  CB  . LYS B 1 95 ? -4.095  29.871  0.983   1.00 56.90 ? 74  LYS B CB  1 
ATOM   1315 C  CG  . LYS B 1 95 ? -5.207  30.431  1.790   1.00 58.03 ? 74  LYS B CG  1 
ATOM   1316 C  CD  . LYS B 1 95 ? -6.444  29.606  1.514   1.00 59.31 ? 74  LYS B CD  1 
ATOM   1317 C  CE  . LYS B 1 95 ? -7.236  29.437  2.792   1.00 58.20 ? 74  LYS B CE  1 
ATOM   1318 N  NZ  . LYS B 1 95 ? -7.687  30.739  3.293   1.00 57.59 ? 74  LYS B NZ  1 
ATOM   1319 N  N   . LEU B 1 96 ? -2.408  28.239  3.082   1.00 61.04 ? 75  LEU B N   1 
ATOM   1320 C  CA  . LEU B 1 96 ? -2.237  27.662  4.408   1.00 63.15 ? 75  LEU B CA  1 
ATOM   1321 C  C   . LEU B 1 96 ? -0.798  27.845  4.917   1.00 64.78 ? 75  LEU B C   1 
ATOM   1322 O  O   . LEU B 1 96 ? -0.579  28.573  5.883   1.00 65.47 ? 75  LEU B O   1 
ATOM   1323 C  CB  . LEU B 1 96 ? -2.716  26.206  4.461   1.00 62.98 ? 75  LEU B CB  1 
ATOM   1324 C  CG  . LEU B 1 96 ? -4.199  25.948  4.168   1.00 63.25 ? 75  LEU B CG  1 
ATOM   1325 C  CD1 . LEU B 1 96 ? -4.569  24.637  4.815   1.00 64.46 ? 75  LEU B CD1 1 
ATOM   1326 C  CD2 . LEU B 1 96 ? -5.128  27.051  4.680   1.00 62.94 ? 75  LEU B CD2 1 
ATOM   1327 N  N   . GLU B 1 97 ? 0.176   27.225  4.248   1.00 66.54 ? 76  GLU B N   1 
ATOM   1328 C  CA  . GLU B 1 97 ? 1.601   27.347  4.615   1.00 67.82 ? 76  GLU B CA  1 
ATOM   1329 C  C   . GLU B 1 97 ? 2.210   28.649  4.104   1.00 67.97 ? 76  GLU B C   1 
ATOM   1330 O  O   . GLU B 1 97 ? 1.675   29.732  4.367   1.00 68.72 ? 76  GLU B O   1 
ATOM   1331 C  CB  . GLU B 1 97 ? 2.401   26.149  4.080   1.00 68.34 ? 76  GLU B CB  1 
ATOM   1332 C  CG  . GLU B 1 97 ? 2.214   24.863  4.890   1.00 71.01 ? 76  GLU B CG  1 
ATOM   1333 C  CD  . GLU B 1 97 ? 0.749   24.561  5.204   1.00 74.38 ? 76  GLU B CD  1 
ATOM   1334 O  OE1 . GLU B 1 97 ? -0.030  24.323  4.250   1.00 76.09 ? 76  GLU B OE1 1 
ATOM   1335 O  OE2 . GLU B 1 97 ? 0.378   24.568  6.402   1.00 75.92 ? 76  GLU B OE2 1 
HETATM 1336 O  O   . HOH C 2 .  ? 9.677   1.033   -15.657 1.00 24.72 ? 83  HOH A O   1 
HETATM 1337 O  O   . HOH C 2 .  ? 17.668  -0.465  -12.569 1.00 39.72 ? 84  HOH A O   1 
HETATM 1338 O  O   . HOH C 2 .  ? 1.051   11.910  -3.621  1.00 37.74 ? 85  HOH A O   1 
HETATM 1339 O  O   . HOH C 2 .  ? 9.695   3.435   0.548   1.00 39.11 ? 86  HOH A O   1 
HETATM 1340 O  O   . HOH C 2 .  ? -0.689  -23.228 2.305   1.00 43.55 ? 87  HOH A O   1 
HETATM 1341 O  O   . HOH C 2 .  ? -1.689  -20.428 3.243   1.00 36.53 ? 88  HOH A O   1 
HETATM 1342 O  O   . HOH C 2 .  ? 17.201  13.322  -10.128 1.00 70.52 ? 89  HOH A O   1 
HETATM 1343 O  O   . HOH C 2 .  ? 1.989   -25.898 4.646   1.00 53.95 ? 90  HOH A O   1 
HETATM 1344 O  O   . HOH C 2 .  ? 14.232  17.465  -2.306  1.00 42.35 ? 91  HOH A O   1 
HETATM 1345 O  O   . HOH C 2 .  ? 20.651  -0.363  -10.368 1.00 49.57 ? 92  HOH A O   1 
HETATM 1346 O  O   . HOH C 2 .  ? 4.131   17.861  -7.558  1.00 33.87 ? 93  HOH A O   1 
HETATM 1347 O  O   . HOH C 2 .  ? 16.214  6.983   -13.756 1.00 41.85 ? 94  HOH A O   1 
HETATM 1348 O  O   . HOH C 2 .  ? 11.268  0.468   -9.726  1.00 29.46 ? 95  HOH A O   1 
HETATM 1349 O  O   . HOH C 2 .  ? 9.207   -2.893  -8.212  1.00 35.44 ? 96  HOH A O   1 
HETATM 1350 O  O   . HOH C 2 .  ? 8.203   13.463  -2.717  1.00 32.49 ? 97  HOH A O   1 
HETATM 1351 O  O   . HOH C 2 .  ? 7.021   -1.366  -0.806  1.00 43.68 ? 98  HOH A O   1 
HETATM 1352 O  O   . HOH C 2 .  ? 8.691   -0.627  -13.718 1.00 29.71 ? 99  HOH A O   1 
HETATM 1353 O  O   . HOH C 2 .  ? -1.309  2.967   -12.159 1.00 41.16 ? 100 HOH A O   1 
HETATM 1354 O  O   . HOH C 2 .  ? 10.018  8.732   -20.088 1.00 41.15 ? 101 HOH A O   1 
HETATM 1355 O  O   . HOH C 2 .  ? 6.664   9.789   -19.034 1.00 52.49 ? 102 HOH A O   1 
HETATM 1356 O  O   . HOH C 2 .  ? -3.068  6.545   -4.872  1.00 37.17 ? 103 HOH A O   1 
HETATM 1357 O  O   . HOH C 2 .  ? -4.251  -1.025  0.149   1.00 46.68 ? 104 HOH A O   1 
HETATM 1358 O  O   . HOH C 2 .  ? -4.540  0.059   -2.394  1.00 44.09 ? 105 HOH A O   1 
HETATM 1359 O  O   . HOH C 2 .  ? 5.341   -8.467  -2.319  1.00 59.99 ? 106 HOH A O   1 
HETATM 1360 O  O   . HOH C 2 .  ? 12.081  6.865   -17.773 1.00 50.00 ? 107 HOH A O   1 
HETATM 1361 O  O   . HOH C 2 .  ? 6.546   17.481  -0.533  1.00 41.05 ? 108 HOH A O   1 
HETATM 1362 O  O   . HOH C 2 .  ? 12.832  14.635  1.373   1.00 68.36 ? 109 HOH A O   1 
HETATM 1363 O  O   . HOH C 2 .  ? -6.336  6.829   -9.703  1.00 52.93 ? 110 HOH A O   1 
HETATM 1364 O  O   . HOH C 2 .  ? 17.295  11.036  -13.264 1.00 75.83 ? 111 HOH A O   1 
HETATM 1365 O  O   . HOH C 2 .  ? 13.336  -0.445  -2.570  1.00 60.93 ? 112 HOH A O   1 
HETATM 1366 O  O   . HOH C 2 .  ? -4.469  5.131   2.882   1.00 51.43 ? 113 HOH A O   1 
HETATM 1367 O  O   . HOH C 2 .  ? 6.870   -4.126  -8.888  1.00 44.56 ? 114 HOH A O   1 
HETATM 1368 O  O   . HOH C 2 .  ? -12.217 10.894  4.117   1.00 47.76 ? 115 HOH A O   1 
HETATM 1369 O  O   . HOH C 2 .  ? 16.259  13.243  -7.648  1.00 57.46 ? 116 HOH A O   1 
HETATM 1370 O  O   . HOH C 2 .  ? 5.567   -19.355 2.340   1.00 54.63 ? 117 HOH A O   1 
HETATM 1371 O  O   . HOH C 2 .  ? 4.705   20.151  -8.858  1.00 54.23 ? 118 HOH A O   1 
HETATM 1372 O  O   . HOH C 2 .  ? 14.917  5.803   -7.879  1.00 47.78 ? 119 HOH A O   1 
HETATM 1373 O  O   . HOH C 2 .  ? 4.196   4.300   -17.366 1.00 40.36 ? 120 HOH A O   1 
HETATM 1374 O  O   . HOH D 2 .  ? 0.934   6.834   -20.383 1.00 34.72 ? 83  HOH B O   1 
HETATM 1375 O  O   . HOH D 2 .  ? 5.604   0.875   -3.862  1.00 38.11 ? 84  HOH B O   1 
HETATM 1376 O  O   . HOH D 2 .  ? -13.101 -4.354  8.058   1.00 49.01 ? 85  HOH B O   1 
HETATM 1377 O  O   . HOH D 2 .  ? -3.380  -14.454 13.218  1.00 30.81 ? 86  HOH B O   1 
HETATM 1378 O  O   . HOH D 2 .  ? -18.559 -16.346 -2.830  1.00 47.35 ? 87  HOH B O   1 
HETATM 1379 O  O   . HOH D 2 .  ? -16.032 -16.179 9.061   1.00 43.19 ? 88  HOH B O   1 
HETATM 1380 O  O   . HOH D 2 .  ? 1.202   10.313  -16.083 1.00 39.80 ? 89  HOH B O   1 
HETATM 1381 O  O   . HOH D 2 .  ? -13.246 -12.769 -3.427  1.00 48.94 ? 90  HOH B O   1 
HETATM 1382 O  O   . HOH D 2 .  ? 0.041   -9.487  7.874   1.00 33.88 ? 91  HOH B O   1 
HETATM 1383 O  O   . HOH D 2 .  ? -9.581  -3.206  0.912   1.00 39.53 ? 92  HOH B O   1 
HETATM 1384 O  O   . HOH D 2 .  ? -17.611 -16.742 3.637   1.00 36.97 ? 93  HOH B O   1 
HETATM 1385 O  O   . HOH D 2 .  ? -7.098  -8.370  10.469  1.00 32.12 ? 94  HOH B O   1 
HETATM 1386 O  O   . HOH D 2 .  ? 7.597   1.995   1.434   1.00 44.55 ? 95  HOH B O   1 
HETATM 1387 O  O   . HOH D 2 .  ? -1.946  8.131   -19.113 0.50 60.53 ? 96  HOH B O   1 
HETATM 1388 O  O   . HOH D 2 .  ? -1.796  -19.311 -4.568  1.00 53.41 ? 97  HOH B O   1 
HETATM 1389 O  O   . HOH D 2 .  ? -3.812  8.891   -20.085 1.00 54.35 ? 98  HOH B O   1 
HETATM 1390 O  O   . HOH D 2 .  ? 3.127   23.113  -11.210 1.00 56.82 ? 99  HOH B O   1 
HETATM 1391 O  O   . HOH D 2 .  ? -6.983  -22.864 8.225   1.00 48.55 ? 100 HOH B O   1 
HETATM 1392 O  O   . HOH D 2 .  ? 5.475   14.862  -18.214 1.00 38.30 ? 101 HOH B O   1 
HETATM 1393 O  O   . HOH D 2 .  ? -8.425  -17.581 -5.091  1.00 35.71 ? 102 HOH B O   1 
HETATM 1394 O  O   . HOH D 2 .  ? 6.713   1.599   -0.867  1.00 36.65 ? 103 HOH B O   1 
HETATM 1395 O  O   . HOH D 2 .  ? -16.889 -18.050 -1.598  1.00 37.90 ? 104 HOH B O   1 
HETATM 1396 O  O   . HOH D 2 .  ? -4.723  -18.904 13.342  1.00 45.09 ? 105 HOH B O   1 
HETATM 1397 O  O   . HOH D 2 .  ? 7.204   -8.690  7.745   1.00 36.49 ? 106 HOH B O   1 
HETATM 1398 O  O   . HOH D 2 .  ? 9.200   -7.007  7.644   1.00 48.15 ? 107 HOH B O   1 
HETATM 1399 O  O   . HOH D 2 .  ? -16.411 -18.683 6.069   1.00 35.47 ? 108 HOH B O   1 
HETATM 1400 O  O   . HOH D 2 .  ? -2.144  27.006  -15.471 1.00 49.94 ? 109 HOH B O   1 
HETATM 1401 O  O   . HOH D 2 .  ? -13.195 -5.567  -4.176  1.00 53.54 ? 110 HOH B O   1 
HETATM 1402 O  O   . HOH D 2 .  ? -4.972  -9.338  -7.590  1.00 45.83 ? 111 HOH B O   1 
HETATM 1403 O  O   . HOH D 2 .  ? 1.509   -14.262 -2.488  1.00 50.42 ? 112 HOH B O   1 
HETATM 1404 O  O   . HOH D 2 .  ? -5.164  -21.836 -1.925  1.00 47.28 ? 113 HOH B O   1 
HETATM 1405 O  O   . HOH D 2 .  ? 16.165  7.280   6.192   1.00 48.90 ? 114 HOH B O   1 
HETATM 1406 O  O   . HOH D 2 .  ? 9.240   3.918   3.559   1.00 60.06 ? 115 HOH B O   1 
HETATM 1407 O  O   . HOH D 2 .  ? 7.319   -0.423  2.750   1.00 44.77 ? 116 HOH B O   1 
HETATM 1408 O  O   . HOH D 2 .  ? -1.701  30.334  -14.818 1.00 57.67 ? 117 HOH B O   1 
HETATM 1409 O  O   . HOH D 2 .  ? 10.815  -6.467  5.781   1.00 56.55 ? 118 HOH B O   1 
HETATM 1410 O  O   . HOH D 2 .  ? -12.887 -8.599  15.047  1.00 45.14 ? 119 HOH B O   1 
HETATM 1411 O  O   . HOH D 2 .  ? -5.569  -15.756 12.100  1.00 50.17 ? 120 HOH B O   1 
HETATM 1412 O  O   . HOH D 2 .  ? -4.793  1.411   -5.984  1.00 51.11 ? 121 HOH B O   1 
HETATM 1413 O  O   . HOH D 2 .  ? -3.085  -5.506  -6.129  1.00 51.39 ? 122 HOH B O   1 
HETATM 1414 O  O   . HOH D 2 .  ? -17.651 -14.332 8.329   1.00 60.69 ? 123 HOH B O   1 
HETATM 1415 O  O   . HOH D 2 .  ? 1.145   30.040  8.058   1.00 73.73 ? 124 HOH B O   1 
HETATM 1416 O  O   . HOH D 2 .  ? 11.675  5.856   6.312   1.00 51.50 ? 125 HOH B O   1 
HETATM 1417 O  O   . HOH D 2 .  ? -1.463  -7.047  -6.271  1.00 56.46 ? 126 HOH B O   1 
HETATM 1418 O  O   . HOH D 2 .  ? -0.316  26.637  8.601   1.00 71.96 ? 127 HOH B O   1 
HETATM 1419 O  O   . HOH D 2 .  ? 10.294  -4.792  2.097   1.00 54.55 ? 128 HOH B O   1 
HETATM 1420 O  O   . HOH D 2 .  ? -7.177  -23.513 2.647   1.00 47.14 ? 129 HOH B O   1 
HETATM 1421 O  O   . HOH D 2 .  ? -0.176  29.716  -6.001  1.00 50.38 ? 130 HOH B O   1 
# 
